data_7VSW
#
_entry.id   7VSW
#
_cell.length_a   143.900
_cell.length_b   143.900
_cell.length_c   261.890
_cell.angle_alpha   90.000
_cell.angle_beta   90.000
_cell.angle_gamma   90.000
#
_symmetry.space_group_name_H-M   'P 43 21 2'
#
loop_
_entity.id
_entity.type
_entity.pdbx_description
1 polymer 'light chain'
2 polymer 'heavy chain'
#
loop_
_entity_poly.entity_id
_entity_poly.type
_entity_poly.pdbx_seq_one_letter_code
_entity_poly.pdbx_strand_id
1 'polypeptide(L)'
;DIQMTQSPSSLSASVGDRVTITCRASQSISSYLNWYQQKPGKAPKLLIYAASSLQSGVPSRFSGSGSGTDFTLTISSLQP
EDFATYYCQQSYSTPLTFGGGTKVEIKRQPREPQVYTLPPSRDELTKNQVSLWCLVKGFYPSDIAVEWESNGQPENNYKT
TPPVLDSDGSFFLYSKLTVDKSRWQQGNVFSCSVMHEALHNHYTQKSLSLSPGK
;
A,E,I,M
2 'polypeptide(L)'
;QVQLQESGPGLVKPSETLSLTCTVSGGSVSSGSYYWSWIRQPPGKGLEWIGYIYYSGSTNYNPSLKSRVTISVDTSKNQF
SLKLSSVTAADTAVYYCAREGKNGAFDIWGQGTMVTVSSAQPREPQVYTLPPSRDELTKNQVSLSCAVKGFYPSDIAVEW
ESNGQPENNYKTTPPVLDSDGSFFLVSKLTVDKSRWQQGNVFSCSVMHEALHNHYTQKSLSLSPGKHHHHHH
;
B,F,J,N
#
# COMPACT_ATOMS: atom_id res chain seq x y z
N ASP A 1 18.59 42.99 8.06
CA ASP A 1 19.08 42.33 6.85
C ASP A 1 17.97 42.26 5.81
N ILE A 2 18.31 42.59 4.57
CA ILE A 2 17.35 42.67 3.48
C ILE A 2 17.31 41.35 2.71
N GLN A 3 16.10 40.81 2.52
CA GLN A 3 15.92 39.56 1.80
C GLN A 3 15.69 39.85 0.33
N MET A 4 16.33 39.07 -0.54
CA MET A 4 16.21 39.23 -1.98
C MET A 4 15.56 37.98 -2.56
N THR A 5 14.38 38.17 -3.15
CA THR A 5 13.63 37.07 -3.74
C THR A 5 13.76 37.14 -5.26
N GLN A 6 14.13 36.02 -5.87
CA GLN A 6 14.35 35.94 -7.31
C GLN A 6 13.42 34.90 -7.90
N SER A 7 12.84 35.23 -9.06
CA SER A 7 11.91 34.30 -9.71
C SER A 7 11.94 34.54 -11.22
N PRO A 8 11.86 33.48 -12.04
CA PRO A 8 11.74 32.09 -11.55
C PRO A 8 13.08 31.51 -11.14
N SER A 9 13.05 30.52 -10.24
CA SER A 9 14.30 29.93 -9.75
C SER A 9 15.03 29.19 -10.88
N SER A 10 14.29 28.65 -11.84
CA SER A 10 14.88 27.95 -12.98
C SER A 10 13.96 28.16 -14.18
N LEU A 11 14.56 28.26 -15.36
CA LEU A 11 13.79 28.43 -16.59
C LEU A 11 14.60 27.95 -17.78
N SER A 12 13.91 27.37 -18.75
CA SER A 12 14.50 26.99 -20.04
C SER A 12 13.83 27.81 -21.14
N ALA A 13 14.64 28.37 -22.03
CA ALA A 13 14.13 29.21 -23.10
C ALA A 13 14.91 28.93 -24.38
N SER A 14 14.25 29.20 -25.51
CA SER A 14 14.83 28.95 -26.82
C SER A 14 15.67 30.15 -27.26
N VAL A 15 16.43 29.94 -28.33
CA VAL A 15 17.25 31.01 -28.88
C VAL A 15 16.35 32.07 -29.51
N GLY A 16 16.60 33.34 -29.17
CA GLY A 16 15.81 34.45 -29.65
C GLY A 16 14.65 34.85 -28.77
N ASP A 17 14.32 34.06 -27.76
CA ASP A 17 13.22 34.40 -26.87
C ASP A 17 13.60 35.58 -25.97
N ARG A 18 12.59 36.21 -25.40
CA ARG A 18 12.79 37.23 -24.38
C ARG A 18 12.81 36.54 -23.02
N VAL A 19 13.80 36.88 -22.20
CA VAL A 19 13.96 36.31 -20.87
C VAL A 19 13.59 37.38 -19.86
N THR A 20 12.86 36.99 -18.82
CA THR A 20 12.42 37.92 -17.79
C THR A 20 12.68 37.29 -16.43
N ILE A 21 13.45 37.98 -15.61
CA ILE A 21 13.75 37.56 -14.25
C ILE A 21 13.21 38.61 -13.30
N THR A 22 12.61 38.17 -12.21
CA THR A 22 12.04 39.06 -11.22
C THR A 22 12.94 39.05 -10.00
N CYS A 23 13.22 40.23 -9.46
CA CYS A 23 13.96 40.39 -8.22
C CYS A 23 13.15 41.29 -7.32
N ARG A 24 12.81 40.80 -6.13
CA ARG A 24 11.99 41.54 -5.18
C ARG A 24 12.76 41.75 -3.89
N ALA A 25 12.68 42.96 -3.35
CA ALA A 25 13.32 43.30 -2.10
C ALA A 25 12.27 43.44 -1.00
N SER A 26 12.70 43.13 0.23
CA SER A 26 11.79 43.24 1.38
C SER A 26 11.50 44.69 1.73
N GLN A 27 12.34 45.62 1.30
CA GLN A 27 12.12 47.05 1.55
C GLN A 27 12.66 47.83 0.36
N SER A 28 12.37 49.12 0.35
CA SER A 28 12.76 49.97 -0.77
C SER A 28 14.28 50.14 -0.81
N ILE A 29 14.86 49.90 -1.98
CA ILE A 29 16.30 50.05 -2.19
C ILE A 29 16.59 51.01 -3.34
N SER A 30 15.61 51.82 -3.72
CA SER A 30 15.75 52.87 -4.75
C SER A 30 16.22 52.22 -6.04
N SER A 31 17.36 52.61 -6.61
CA SER A 31 17.86 52.05 -7.85
C SER A 31 19.24 51.41 -7.66
N TYR A 32 19.49 50.87 -6.46
CA TYR A 32 20.78 50.26 -6.12
C TYR A 32 20.61 48.75 -6.15
N LEU A 33 20.68 48.17 -7.36
CA LEU A 33 20.52 46.73 -7.53
C LEU A 33 21.29 46.28 -8.75
N ASN A 34 22.39 45.57 -8.52
CA ASN A 34 23.25 45.14 -9.63
C ASN A 34 22.87 43.74 -10.10
N TRP A 35 23.18 43.46 -11.36
CA TRP A 35 22.94 42.16 -11.97
C TRP A 35 24.27 41.51 -12.34
N TYR A 36 24.39 40.21 -12.07
CA TYR A 36 25.60 39.46 -12.37
C TYR A 36 25.28 38.22 -13.18
N GLN A 37 26.27 37.77 -13.94
CA GLN A 37 26.20 36.54 -14.72
C GLN A 37 27.32 35.60 -14.27
N GLN A 38 26.96 34.40 -13.85
CA GLN A 38 27.93 33.39 -13.43
C GLN A 38 27.77 32.14 -14.29
N LYS A 39 28.76 31.85 -15.10
CA LYS A 39 28.76 30.62 -15.86
C LYS A 39 29.30 29.48 -15.00
N PRO A 40 28.97 28.23 -15.34
CA PRO A 40 29.38 27.11 -14.47
C PRO A 40 30.89 27.04 -14.28
N GLY A 41 31.30 26.93 -13.02
CA GLY A 41 32.71 26.85 -12.66
C GLY A 41 33.49 28.14 -12.78
N LYS A 42 32.84 29.24 -13.11
CA LYS A 42 33.50 30.53 -13.29
C LYS A 42 32.99 31.52 -12.26
N ALA A 43 33.75 32.58 -12.06
CA ALA A 43 33.34 33.64 -11.16
C ALA A 43 32.22 34.46 -11.79
N PRO A 44 31.42 35.15 -10.97
CA PRO A 44 30.37 36.02 -11.52
C PRO A 44 30.97 37.17 -12.32
N LYS A 45 30.18 37.70 -13.25
CA LYS A 45 30.58 38.80 -14.12
C LYS A 45 29.52 39.88 -14.05
N LEU A 46 29.93 41.11 -13.75
CA LEU A 46 28.99 42.21 -13.61
C LEU A 46 28.38 42.56 -14.96
N LEU A 47 27.05 42.61 -15.02
CA LEU A 47 26.31 42.95 -16.22
C LEU A 47 25.70 44.34 -16.16
N ILE A 48 24.91 44.62 -15.13
CA ILE A 48 24.19 45.88 -15.01
C ILE A 48 24.38 46.42 -13.60
N TYR A 49 24.77 47.69 -13.50
CA TYR A 49 24.79 48.42 -12.23
C TYR A 49 23.68 49.47 -12.25
N ALA A 50 23.50 50.12 -11.10
CA ALA A 50 22.32 50.95 -10.83
C ALA A 50 21.12 50.03 -11.03
N ALA A 51 20.19 50.33 -11.93
CA ALA A 51 19.19 49.34 -12.35
C ALA A 51 19.08 49.18 -13.85
N SER A 52 19.57 50.14 -14.63
CA SER A 52 19.47 50.12 -16.07
C SER A 52 20.79 50.48 -16.76
N SER A 53 21.85 50.71 -16.00
CA SER A 53 23.12 51.14 -16.57
C SER A 53 23.95 49.93 -16.95
N LEU A 54 24.39 49.89 -18.20
CA LEU A 54 25.07 48.74 -18.76
C LEU A 54 26.58 48.84 -18.54
N GLN A 55 27.17 47.76 -18.05
CA GLN A 55 28.62 47.73 -17.82
C GLN A 55 29.35 47.63 -19.15
N SER A 56 30.50 48.29 -19.23
CA SER A 56 31.29 48.28 -20.46
C SER A 56 31.64 46.84 -20.85
N GLY A 57 31.49 46.54 -22.14
CA GLY A 57 31.75 45.22 -22.65
C GLY A 57 30.56 44.29 -22.68
N VAL A 58 29.47 44.66 -22.03
CA VAL A 58 28.25 43.83 -22.04
C VAL A 58 27.48 44.12 -23.32
N PRO A 59 27.02 43.09 -24.04
CA PRO A 59 26.20 43.35 -25.23
C PRO A 59 24.92 44.07 -24.89
N SER A 60 24.35 44.74 -25.89
CA SER A 60 23.16 45.56 -25.70
C SER A 60 21.90 44.73 -25.50
N ARG A 61 21.96 43.41 -25.75
CA ARG A 61 20.77 42.58 -25.57
C ARG A 61 20.38 42.41 -24.12
N PHE A 62 21.18 42.90 -23.18
CA PHE A 62 20.86 42.88 -21.76
C PHE A 62 20.25 44.22 -21.36
N SER A 63 19.19 44.17 -20.55
CA SER A 63 18.52 45.40 -20.14
C SER A 63 17.88 45.19 -18.78
N GLY A 64 17.90 46.23 -17.96
CA GLY A 64 17.33 46.17 -16.63
C GLY A 64 16.36 47.30 -16.39
N SER A 65 15.30 47.00 -15.66
CA SER A 65 14.29 47.99 -15.30
C SER A 65 13.91 47.80 -13.83
N GLY A 66 13.25 48.81 -13.28
CA GLY A 66 12.77 48.72 -11.92
C GLY A 66 13.22 49.85 -11.03
N SER A 67 12.50 50.05 -9.92
CA SER A 67 12.84 51.07 -8.94
C SER A 67 12.07 50.78 -7.66
N GLY A 68 12.74 50.94 -6.52
CA GLY A 68 12.11 50.74 -5.23
C GLY A 68 12.22 49.33 -4.70
N THR A 69 11.20 48.50 -4.95
CA THR A 69 11.17 47.13 -4.47
C THR A 69 11.07 46.08 -5.56
N ASP A 70 10.61 46.44 -6.76
CA ASP A 70 10.36 45.48 -7.83
C ASP A 70 11.29 45.78 -9.00
N PHE A 71 12.09 44.79 -9.38
CA PHE A 71 13.08 44.94 -10.44
C PHE A 71 12.98 43.78 -11.43
N THR A 72 13.50 44.00 -12.65
CA THR A 72 13.40 43.01 -13.71
C THR A 72 14.58 43.11 -14.66
N LEU A 73 15.27 41.98 -14.87
CA LEU A 73 16.33 41.87 -15.88
C LEU A 73 15.79 41.16 -17.11
N THR A 74 16.15 41.67 -18.29
CA THR A 74 15.58 41.19 -19.54
C THR A 74 16.65 41.03 -20.62
N ILE A 75 16.70 39.84 -21.22
CA ILE A 75 17.47 39.59 -22.43
C ILE A 75 16.50 39.55 -23.60
N SER A 76 16.78 40.36 -24.64
CA SER A 76 15.83 40.49 -25.74
C SER A 76 15.81 39.23 -26.60
N SER A 77 16.98 38.80 -27.08
CA SER A 77 17.09 37.60 -27.92
C SER A 77 18.22 36.75 -27.37
N LEU A 78 17.86 35.61 -26.78
CA LEU A 78 18.83 34.75 -26.13
C LEU A 78 19.83 34.18 -27.12
N GLN A 79 21.10 34.19 -26.72
CA GLN A 79 22.19 33.62 -27.49
C GLN A 79 22.70 32.35 -26.83
N PRO A 80 23.36 31.46 -27.58
CA PRO A 80 23.83 30.20 -26.97
C PRO A 80 24.81 30.41 -25.84
N GLU A 81 25.67 31.42 -25.94
CA GLU A 81 26.67 31.70 -24.90
C GLU A 81 26.07 32.32 -23.66
N ASP A 82 24.79 32.69 -23.67
CA ASP A 82 24.14 33.28 -22.51
C ASP A 82 23.67 32.24 -21.50
N PHE A 83 24.01 30.97 -21.69
CA PHE A 83 23.66 29.94 -20.72
C PHE A 83 24.50 30.14 -19.45
N ALA A 84 23.85 30.51 -18.36
CA ALA A 84 24.52 30.76 -17.09
C ALA A 84 23.46 30.90 -16.01
N THR A 85 23.90 31.23 -14.80
CA THR A 85 23.02 31.54 -13.67
C THR A 85 23.15 33.02 -13.33
N TYR A 86 22.01 33.70 -13.20
CA TYR A 86 21.97 35.15 -13.04
C TYR A 86 21.53 35.52 -11.61
N TYR A 87 22.23 36.49 -11.03
CA TYR A 87 21.99 36.96 -9.67
C TYR A 87 21.72 38.45 -9.65
N CYS A 88 20.79 38.88 -8.81
CA CYS A 88 20.61 40.28 -8.48
C CYS A 88 21.19 40.54 -7.09
N GLN A 89 21.68 41.75 -6.87
CA GLN A 89 22.34 42.10 -5.63
C GLN A 89 21.94 43.51 -5.23
N GLN A 90 21.38 43.66 -4.02
CA GLN A 90 21.05 44.97 -3.50
C GLN A 90 22.30 45.67 -3.02
N SER A 91 22.35 46.99 -3.23
CA SER A 91 23.54 47.77 -2.95
C SER A 91 23.21 49.04 -2.17
N TYR A 92 22.20 48.98 -1.30
CA TYR A 92 21.79 50.15 -0.53
C TYR A 92 22.33 50.13 0.89
N SER A 93 22.03 49.08 1.66
CA SER A 93 22.43 49.01 3.05
C SER A 93 23.05 47.65 3.35
N THR A 94 24.01 47.65 4.28
CA THR A 94 24.68 46.44 4.73
C THR A 94 23.78 45.66 5.68
N PRO A 95 23.87 44.31 5.66
CA PRO A 95 24.78 43.53 4.82
C PRO A 95 24.32 43.40 3.39
N LEU A 96 25.26 43.44 2.44
CA LEU A 96 24.94 43.26 1.04
C LEU A 96 24.45 41.84 0.80
N THR A 97 23.36 41.70 0.07
CA THR A 97 22.74 40.40 -0.14
C THR A 97 22.49 40.16 -1.63
N PHE A 98 22.60 38.91 -2.02
CA PHE A 98 22.37 38.46 -3.39
C PHE A 98 21.03 37.73 -3.48
N GLY A 99 20.52 37.66 -4.70
CA GLY A 99 19.32 36.89 -4.95
C GLY A 99 19.57 35.40 -4.90
N GLY A 100 18.48 34.64 -4.95
CA GLY A 100 18.58 33.19 -4.90
C GLY A 100 19.18 32.57 -6.15
N GLY A 101 19.22 33.33 -7.25
CA GLY A 101 19.77 32.83 -8.49
C GLY A 101 18.71 32.31 -9.43
N THR A 102 18.92 32.54 -10.73
CA THR A 102 18.00 32.07 -11.77
C THR A 102 18.83 31.39 -12.85
N LYS A 103 18.73 30.07 -12.95
CA LYS A 103 19.46 29.33 -13.96
C LYS A 103 18.70 29.38 -15.28
N VAL A 104 19.37 29.86 -16.32
CA VAL A 104 18.78 29.98 -17.65
C VAL A 104 19.38 28.87 -18.51
N GLU A 105 18.60 27.83 -18.73
CA GLU A 105 18.95 26.74 -19.64
C GLU A 105 18.39 27.02 -21.03
N ILE A 106 18.98 26.41 -22.04
CA ILE A 106 18.61 26.66 -23.43
C ILE A 106 17.64 25.58 -23.88
N LYS A 107 16.50 26.01 -24.44
CA LYS A 107 15.51 25.09 -24.96
C LYS A 107 15.92 24.62 -26.35
N ARG A 108 15.90 23.31 -26.58
CA ARG A 108 16.21 22.77 -27.89
C ARG A 108 15.60 21.37 -28.01
N GLN A 109 15.98 20.62 -29.06
CA GLN A 109 15.33 19.44 -29.58
C GLN A 109 15.94 18.16 -29.00
N PRO A 110 15.12 17.13 -28.75
CA PRO A 110 15.64 15.91 -28.11
C PRO A 110 16.62 15.17 -29.02
N ARG A 111 17.56 14.47 -28.39
CA ARG A 111 18.62 13.78 -29.12
C ARG A 111 18.86 12.41 -28.51
N GLU A 112 19.10 11.41 -29.36
CA GLU A 112 19.26 10.04 -28.89
C GLU A 112 20.61 9.89 -28.20
N PRO A 113 20.65 9.30 -27.00
CA PRO A 113 21.93 9.08 -26.33
C PRO A 113 22.75 7.99 -26.99
N GLN A 114 24.05 8.23 -27.09
CA GLN A 114 25.00 7.20 -27.47
C GLN A 114 25.56 6.59 -26.19
N VAL A 115 25.55 5.26 -26.10
CA VAL A 115 26.01 4.57 -24.90
C VAL A 115 27.22 3.73 -25.26
N TYR A 116 28.29 3.88 -24.48
CA TYR A 116 29.55 3.19 -24.74
C TYR A 116 30.08 2.62 -23.45
N THR A 117 30.40 1.33 -23.45
CA THR A 117 30.97 0.66 -22.30
C THR A 117 32.49 0.60 -22.43
N LEU A 118 33.19 0.85 -21.32
CA LEU A 118 34.64 0.88 -21.31
C LEU A 118 35.16 -0.10 -20.27
N PRO A 119 36.03 -1.04 -20.66
CA PRO A 119 36.63 -1.95 -19.67
C PRO A 119 37.62 -1.21 -18.79
N PRO A 120 38.03 -1.81 -17.66
CA PRO A 120 38.98 -1.13 -16.77
C PRO A 120 40.33 -0.92 -17.44
N SER A 121 40.99 0.16 -17.03
CA SER A 121 42.36 0.39 -17.47
C SER A 121 43.26 -0.73 -16.94
N ARG A 122 44.29 -1.07 -17.72
CA ARG A 122 45.21 -2.13 -17.32
C ARG A 122 45.88 -1.82 -15.99
N ASP A 123 46.07 -0.53 -15.68
CA ASP A 123 46.73 -0.15 -14.43
C ASP A 123 45.92 -0.57 -13.22
N GLU A 124 44.59 -0.68 -13.36
CA GLU A 124 43.73 -0.97 -12.22
C GLU A 124 43.71 -2.45 -11.83
N LEU A 125 44.20 -3.33 -12.72
CA LEU A 125 44.19 -4.77 -12.45
C LEU A 125 45.14 -5.18 -11.32
N THR A 126 45.86 -4.24 -10.71
CA THR A 126 46.66 -4.52 -9.52
C THR A 126 45.82 -4.54 -8.26
N LYS A 127 44.66 -3.88 -8.27
CA LYS A 127 43.81 -3.77 -7.10
C LYS A 127 42.88 -4.96 -6.98
N ASN A 128 42.25 -5.10 -5.81
CA ASN A 128 41.26 -6.15 -5.60
C ASN A 128 39.93 -5.84 -6.25
N GLN A 129 39.65 -4.57 -6.53
CA GLN A 129 38.42 -4.14 -7.18
C GLN A 129 38.75 -3.36 -8.45
N VAL A 130 37.91 -3.51 -9.46
CA VAL A 130 38.09 -2.82 -10.73
C VAL A 130 36.86 -1.97 -11.01
N SER A 131 37.02 -1.01 -11.92
CA SER A 131 35.97 -0.07 -12.27
C SER A 131 35.51 -0.32 -13.70
N LEU A 132 34.20 -0.53 -13.87
CA LEU A 132 33.57 -0.66 -15.17
C LEU A 132 32.92 0.66 -15.53
N TRP A 133 33.12 1.11 -16.76
CA TRP A 133 32.74 2.45 -17.16
C TRP A 133 31.64 2.41 -18.23
N CYS A 134 30.71 3.34 -18.12
CA CYS A 134 29.62 3.50 -19.10
C CYS A 134 29.49 4.97 -19.42
N LEU A 135 29.88 5.35 -20.64
CA LEU A 135 29.79 6.72 -21.11
C LEU A 135 28.51 6.89 -21.90
N VAL A 136 27.69 7.85 -21.48
CA VAL A 136 26.45 8.20 -22.19
C VAL A 136 26.59 9.64 -22.64
N LYS A 137 26.62 9.87 -23.95
CA LYS A 137 26.88 11.19 -24.49
C LYS A 137 25.89 11.53 -25.59
N GLY A 138 25.82 12.83 -25.89
CA GLY A 138 25.04 13.30 -27.02
C GLY A 138 23.55 13.34 -26.83
N PHE A 139 23.05 13.30 -25.60
CA PHE A 139 21.63 13.22 -25.35
C PHE A 139 21.06 14.57 -24.89
N TYR A 140 19.77 14.74 -25.12
CA TYR A 140 19.00 15.91 -24.73
C TYR A 140 17.56 15.48 -24.59
N PRO A 141 16.84 15.93 -23.54
CA PRO A 141 17.29 16.82 -22.46
C PRO A 141 18.12 16.11 -21.40
N SER A 142 18.45 16.82 -20.34
CA SER A 142 19.35 16.29 -19.30
C SER A 142 18.68 15.26 -18.40
N ASP A 143 17.36 15.13 -18.46
CA ASP A 143 16.65 14.17 -17.62
C ASP A 143 16.99 12.76 -18.09
N ILE A 144 17.71 12.02 -17.25
CA ILE A 144 18.19 10.69 -17.62
C ILE A 144 18.41 9.88 -16.35
N ALA A 145 18.29 8.56 -16.48
CA ALA A 145 18.55 7.64 -15.39
C ALA A 145 19.39 6.49 -15.92
N VAL A 146 20.39 6.09 -15.14
CA VAL A 146 21.35 5.07 -15.57
C VAL A 146 21.46 4.03 -14.47
N GLU A 147 21.31 2.76 -14.84
CA GLU A 147 21.43 1.64 -13.91
C GLU A 147 22.35 0.57 -14.48
N TRP A 148 22.89 -0.23 -13.57
CA TRP A 148 23.71 -1.38 -13.91
C TRP A 148 23.00 -2.66 -13.49
N GLU A 149 23.17 -3.71 -14.28
CA GLU A 149 22.60 -5.01 -13.95
C GLU A 149 23.54 -6.11 -14.43
N SER A 150 23.44 -7.26 -13.79
CA SER A 150 24.25 -8.42 -14.14
C SER A 150 23.45 -9.67 -13.83
N ASN A 151 23.29 -10.53 -14.84
CA ASN A 151 22.52 -11.76 -14.69
C ASN A 151 21.08 -11.46 -14.29
N GLY A 152 20.54 -10.37 -14.81
CA GLY A 152 19.17 -9.98 -14.54
C GLY A 152 18.95 -9.26 -13.23
N GLN A 153 19.95 -9.19 -12.35
CA GLN A 153 19.83 -8.57 -11.04
C GLN A 153 20.57 -7.24 -10.99
N PRO A 154 20.00 -6.24 -10.32
CA PRO A 154 20.68 -4.94 -10.21
C PRO A 154 21.98 -5.03 -9.44
N GLU A 155 22.97 -4.27 -9.89
CA GLU A 155 24.25 -4.10 -9.21
C GLU A 155 24.20 -2.82 -8.37
N ASN A 156 24.66 -2.91 -7.13
CA ASN A 156 24.47 -1.80 -6.19
C ASN A 156 25.64 -0.83 -6.17
N ASN A 157 26.87 -1.33 -6.25
CA ASN A 157 28.07 -0.50 -6.03
C ASN A 157 28.44 0.25 -7.32
N TYR A 158 27.59 1.22 -7.67
CA TYR A 158 27.89 2.09 -8.81
C TYR A 158 27.57 3.54 -8.46
N LYS A 159 28.30 4.45 -9.10
CA LYS A 159 28.08 5.89 -8.97
C LYS A 159 28.00 6.50 -10.36
N THR A 160 27.17 7.53 -10.50
CA THR A 160 26.96 8.20 -11.78
C THR A 160 27.18 9.69 -11.60
N THR A 161 27.96 10.30 -12.52
CA THR A 161 28.16 11.74 -12.47
C THR A 161 26.93 12.48 -12.97
N PRO A 162 26.74 13.72 -12.52
CA PRO A 162 25.64 14.55 -13.07
C PRO A 162 25.83 14.78 -14.55
N PRO A 163 24.76 15.13 -15.28
CA PRO A 163 24.91 15.48 -16.69
C PRO A 163 25.80 16.71 -16.84
N VAL A 164 26.69 16.67 -17.83
CA VAL A 164 27.63 17.75 -18.11
C VAL A 164 27.35 18.27 -19.51
N LEU A 165 27.25 19.59 -19.64
CA LEU A 165 26.99 20.20 -20.94
C LEU A 165 28.22 20.11 -21.84
N ASP A 166 28.05 19.58 -23.04
CA ASP A 166 29.13 19.48 -24.01
C ASP A 166 29.13 20.71 -24.92
N SER A 167 30.18 20.80 -25.75
CA SER A 167 30.38 21.98 -26.60
C SER A 167 29.35 22.09 -27.72
N ASP A 168 28.63 21.01 -28.04
CA ASP A 168 27.65 21.03 -29.12
C ASP A 168 26.22 21.20 -28.60
N GLY A 169 26.05 21.50 -27.31
CA GLY A 169 24.74 21.69 -26.73
C GLY A 169 24.09 20.47 -26.13
N SER A 170 24.64 19.28 -26.38
CA SER A 170 24.11 18.06 -25.79
C SER A 170 24.74 17.85 -24.41
N PHE A 171 24.37 16.74 -23.77
CA PHE A 171 24.88 16.39 -22.46
C PHE A 171 25.62 15.06 -22.51
N PHE A 172 26.50 14.85 -21.54
CA PHE A 172 27.18 13.56 -21.38
C PHE A 172 27.38 13.28 -19.90
N LEU A 173 27.60 12.01 -19.58
CA LEU A 173 27.95 11.61 -18.23
C LEU A 173 28.70 10.29 -18.29
N TYR A 174 29.28 9.94 -17.14
CA TYR A 174 29.96 8.66 -16.95
C TYR A 174 29.35 7.97 -15.74
N SER A 175 29.24 6.64 -15.81
CA SER A 175 28.78 5.84 -14.69
C SER A 175 29.86 4.80 -14.38
N LYS A 176 30.24 4.72 -13.10
CA LYS A 176 31.32 3.85 -12.65
C LYS A 176 30.75 2.73 -11.79
N LEU A 177 30.79 1.51 -12.31
CA LEU A 177 30.42 0.32 -11.56
C LEU A 177 31.68 -0.35 -11.02
N THR A 178 31.76 -0.47 -9.70
CA THR A 178 32.92 -1.08 -9.03
C THR A 178 32.55 -2.51 -8.65
N VAL A 179 33.30 -3.48 -9.19
CA VAL A 179 33.07 -4.89 -8.93
C VAL A 179 34.38 -5.53 -8.49
N ASP A 180 34.24 -6.68 -7.83
CA ASP A 180 35.42 -7.45 -7.42
C ASP A 180 36.19 -7.92 -8.64
N LYS A 181 37.52 -7.91 -8.53
CA LYS A 181 38.37 -8.31 -9.65
C LYS A 181 38.09 -9.75 -10.06
N SER A 182 37.81 -10.62 -9.09
CA SER A 182 37.52 -12.02 -9.41
C SER A 182 36.30 -12.14 -10.31
N ARG A 183 35.26 -11.35 -10.05
CA ARG A 183 34.05 -11.42 -10.85
C ARG A 183 34.32 -11.02 -12.30
N TRP A 184 35.14 -9.99 -12.49
CA TRP A 184 35.47 -9.54 -13.85
C TRP A 184 36.27 -10.60 -14.59
N GLN A 185 37.30 -11.15 -13.95
CA GLN A 185 38.20 -12.07 -14.63
C GLN A 185 37.53 -13.37 -15.01
N GLN A 186 36.48 -13.78 -14.28
CA GLN A 186 35.79 -15.02 -14.62
C GLN A 186 34.87 -14.89 -15.83
N GLY A 187 34.71 -13.69 -16.38
CA GLY A 187 33.94 -13.51 -17.59
C GLY A 187 32.48 -13.18 -17.40
N ASN A 188 32.08 -12.73 -16.21
CA ASN A 188 30.70 -12.33 -16.00
C ASN A 188 30.35 -11.15 -16.90
N VAL A 189 29.13 -11.16 -17.42
CA VAL A 189 28.66 -10.14 -18.35
C VAL A 189 27.85 -9.11 -17.57
N PHE A 190 28.25 -7.84 -17.68
CA PHE A 190 27.59 -6.73 -17.02
C PHE A 190 26.91 -5.85 -18.07
N SER A 191 25.80 -5.23 -17.68
CA SER A 191 25.00 -4.44 -18.60
C SER A 191 24.72 -3.06 -18.01
N CYS A 192 24.93 -2.03 -18.81
CA CYS A 192 24.58 -0.65 -18.46
C CYS A 192 23.25 -0.32 -19.13
N SER A 193 22.25 0.02 -18.31
CA SER A 193 20.90 0.30 -18.81
C SER A 193 20.60 1.78 -18.67
N VAL A 194 20.07 2.38 -19.73
CA VAL A 194 19.82 3.81 -19.81
C VAL A 194 18.36 4.03 -20.21
N MET A 195 17.68 4.91 -19.49
CA MET A 195 16.29 5.26 -19.77
C MET A 195 16.24 6.74 -20.11
N HIS A 196 15.71 7.06 -21.30
CA HIS A 196 15.69 8.44 -21.75
C HIS A 196 14.57 8.61 -22.77
N GLU A 197 13.99 9.81 -22.79
CA GLU A 197 12.80 10.07 -23.60
C GLU A 197 13.08 10.02 -25.10
N ALA A 198 14.32 10.20 -25.52
CA ALA A 198 14.66 10.20 -26.93
C ALA A 198 15.05 8.82 -27.45
N LEU A 199 15.03 7.80 -26.60
CA LEU A 199 15.35 6.45 -27.03
C LEU A 199 14.10 5.75 -27.52
N HIS A 200 14.32 4.78 -28.41
CA HIS A 200 13.22 3.92 -28.85
C HIS A 200 12.74 3.08 -27.67
N ASN A 201 11.44 3.14 -27.41
CA ASN A 201 10.79 2.52 -26.25
C ASN A 201 11.35 3.05 -24.94
N HIS A 202 12.02 4.20 -24.97
CA HIS A 202 12.56 4.88 -23.79
C HIS A 202 13.53 3.99 -23.01
N TYR A 203 14.27 3.12 -23.69
CA TYR A 203 15.12 2.17 -23.01
C TYR A 203 16.18 1.64 -23.99
N THR A 204 17.38 1.43 -23.48
CA THR A 204 18.44 0.78 -24.25
C THR A 204 19.44 0.17 -23.27
N GLN A 205 20.20 -0.81 -23.77
CA GLN A 205 21.22 -1.48 -22.97
C GLN A 205 22.48 -1.69 -23.79
N LYS A 206 23.61 -1.69 -23.10
CA LYS A 206 24.89 -2.08 -23.68
C LYS A 206 25.60 -3.03 -22.73
N SER A 207 26.12 -4.12 -23.26
CA SER A 207 26.80 -5.14 -22.46
C SER A 207 28.31 -4.92 -22.46
N LEU A 208 28.97 -5.51 -21.47
CA LEU A 208 30.40 -5.35 -21.29
C LEU A 208 30.95 -6.61 -20.63
N SER A 209 31.85 -7.30 -21.31
CA SER A 209 32.42 -8.54 -20.81
C SER A 209 33.90 -8.61 -21.18
N LEU A 210 34.63 -9.44 -20.44
CA LEU A 210 36.06 -9.59 -20.67
C LEU A 210 36.31 -10.29 -22.01
N SER A 211 37.25 -9.75 -22.78
CA SER A 211 37.61 -10.32 -24.07
C SER A 211 38.65 -11.44 -23.90
N GLN B 1 44.20 46.53 -17.64
CA GLN B 1 43.09 45.98 -16.86
C GLN B 1 43.57 45.51 -15.50
N VAL B 2 42.70 45.64 -14.49
CA VAL B 2 43.01 45.23 -13.13
C VAL B 2 42.57 43.79 -12.92
N GLN B 3 43.41 43.00 -12.25
CA GLN B 3 43.15 41.59 -12.04
C GLN B 3 43.34 41.23 -10.57
N LEU B 4 42.55 40.26 -10.10
CA LEU B 4 42.59 39.82 -8.71
C LEU B 4 42.75 38.30 -8.68
N GLN B 5 43.77 37.82 -7.98
CA GLN B 5 43.92 36.40 -7.74
C GLN B 5 44.16 36.16 -6.26
N GLU B 6 43.69 35.00 -5.80
CA GLU B 6 43.60 34.66 -4.39
C GLU B 6 44.45 33.43 -4.10
N SER B 7 44.97 33.37 -2.88
CA SER B 7 45.88 32.30 -2.49
C SER B 7 45.61 31.92 -1.04
N GLY B 8 46.24 30.83 -0.62
CA GLY B 8 46.01 30.26 0.69
C GLY B 8 45.67 28.79 0.63
N PRO B 9 45.77 28.11 1.77
CA PRO B 9 45.55 26.65 1.78
C PRO B 9 44.10 26.28 1.58
N GLY B 10 43.88 25.19 0.86
CA GLY B 10 42.54 24.76 0.53
C GLY B 10 42.00 23.64 1.39
N LEU B 11 42.64 23.39 2.54
CA LEU B 11 42.14 22.41 3.50
C LEU B 11 42.58 22.86 4.88
N VAL B 12 41.61 23.24 5.71
CA VAL B 12 41.85 23.60 7.09
C VAL B 12 41.06 22.65 7.99
N LYS B 13 41.63 22.30 9.14
CA LYS B 13 40.94 21.43 10.08
C LYS B 13 39.95 22.22 10.92
N PRO B 14 38.89 21.57 11.39
CA PRO B 14 37.87 22.30 12.17
C PRO B 14 38.47 22.93 13.42
N SER B 15 37.86 24.05 13.83
CA SER B 15 38.30 24.84 14.98
C SER B 15 39.67 25.47 14.77
N GLU B 16 40.04 25.71 13.52
CA GLU B 16 41.28 26.41 13.18
C GLU B 16 40.92 27.68 12.41
N THR B 17 41.94 28.48 12.09
CA THR B 17 41.72 29.74 11.38
C THR B 17 41.92 29.54 9.87
N LEU B 18 41.08 30.21 9.09
CA LEU B 18 41.20 30.25 7.63
C LEU B 18 41.91 31.54 7.24
N SER B 19 42.98 31.41 6.47
CA SER B 19 43.74 32.55 5.98
C SER B 19 43.74 32.56 4.45
N LEU B 20 43.34 33.69 3.87
CA LEU B 20 43.36 33.89 2.43
C LEU B 20 43.86 35.30 2.14
N THR B 21 44.70 35.44 1.12
CA THR B 21 45.21 36.74 0.71
C THR B 21 44.88 36.96 -0.77
N CYS B 22 44.35 38.14 -1.07
CA CYS B 22 44.04 38.55 -2.44
C CYS B 22 45.11 39.55 -2.89
N THR B 23 45.80 39.23 -3.98
CA THR B 23 46.84 40.09 -4.52
C THR B 23 46.25 40.87 -5.68
N VAL B 24 46.29 42.19 -5.58
CA VAL B 24 45.80 43.09 -6.62
C VAL B 24 46.96 43.40 -7.55
N SER B 25 46.76 43.14 -8.84
CA SER B 25 47.75 43.48 -9.85
C SER B 25 47.09 44.34 -10.93
N GLY B 26 47.91 45.17 -11.58
CA GLY B 26 47.41 46.10 -12.57
C GLY B 26 46.63 47.28 -12.02
N GLY B 27 46.72 47.53 -10.72
CA GLY B 27 46.01 48.63 -10.10
C GLY B 27 46.45 48.80 -8.66
N SER B 28 46.02 49.89 -8.06
CA SER B 28 46.46 50.25 -6.72
C SER B 28 45.37 49.95 -5.70
N VAL B 29 45.78 49.32 -4.60
CA VAL B 29 44.85 48.98 -3.52
C VAL B 29 44.45 50.23 -2.74
N SER B 30 45.33 51.21 -2.64
CA SER B 30 45.13 52.37 -1.77
C SER B 30 44.62 53.57 -2.56
N SER B 31 43.42 53.39 -3.10
CA SER B 31 42.72 54.42 -3.86
C SER B 31 41.28 54.45 -3.38
N GLY B 32 40.84 55.60 -2.87
CA GLY B 32 39.43 55.77 -2.51
C GLY B 32 38.48 55.34 -3.62
N SER B 33 37.18 55.30 -3.30
CA SER B 33 36.10 54.86 -4.17
C SER B 33 36.13 53.36 -4.45
N TYR B 34 37.04 52.60 -3.85
CA TYR B 34 37.04 51.14 -3.97
C TYR B 34 36.91 50.51 -2.59
N TYR B 35 36.17 49.40 -2.55
CA TYR B 35 35.95 48.62 -1.32
C TYR B 35 36.41 47.20 -1.60
N TRP B 36 37.57 46.82 -1.08
CA TRP B 36 38.08 45.46 -1.26
C TRP B 36 37.35 44.52 -0.30
N SER B 37 36.68 43.52 -0.87
CA SER B 37 35.71 42.73 -0.14
C SER B 37 35.89 41.24 -0.40
N TRP B 38 35.20 40.43 0.40
CA TRP B 38 35.25 38.98 0.30
C TRP B 38 33.84 38.43 0.17
N ILE B 39 33.65 37.50 -0.75
CA ILE B 39 32.36 36.85 -0.99
C ILE B 39 32.62 35.37 -1.13
N ARG B 40 31.82 34.55 -0.47
CA ARG B 40 31.98 33.11 -0.54
C ARG B 40 30.73 32.47 -1.13
N GLN B 41 30.93 31.30 -1.73
CA GLN B 41 29.83 30.56 -2.35
C GLN B 41 30.02 29.07 -2.09
N PRO B 42 29.21 28.47 -1.22
CA PRO B 42 29.29 27.02 -1.04
C PRO B 42 28.90 26.29 -2.31
N PRO B 43 29.39 25.08 -2.52
CA PRO B 43 29.07 24.35 -3.76
C PRO B 43 27.57 24.14 -3.89
N GLY B 44 27.02 24.56 -5.04
CA GLY B 44 25.61 24.45 -5.30
C GLY B 44 24.74 25.43 -4.54
N LYS B 45 25.33 26.27 -3.69
CA LYS B 45 24.57 27.24 -2.91
C LYS B 45 24.72 28.62 -3.56
N GLY B 46 24.28 29.66 -2.85
CA GLY B 46 24.31 31.01 -3.35
C GLY B 46 25.53 31.79 -2.87
N LEU B 47 25.49 33.09 -3.14
CA LEU B 47 26.59 34.00 -2.83
C LEU B 47 26.33 34.67 -1.49
N GLU B 48 27.33 34.65 -0.62
CA GLU B 48 27.25 35.29 0.69
C GLU B 48 28.35 36.33 0.80
N TRP B 49 27.94 37.57 1.06
CA TRP B 49 28.90 38.66 1.23
C TRP B 49 29.46 38.61 2.64
N ILE B 50 30.79 38.63 2.74
CA ILE B 50 31.46 38.50 4.04
C ILE B 50 31.69 39.89 4.62
N GLY B 51 32.50 40.68 3.95
CA GLY B 51 32.75 42.05 4.38
C GLY B 51 33.75 42.70 3.46
N TYR B 52 33.95 43.99 3.67
CA TYR B 52 34.91 44.76 2.89
C TYR B 52 35.87 45.48 3.82
N ILE B 53 36.95 45.99 3.23
CA ILE B 53 37.88 46.84 3.95
C ILE B 53 38.25 48.01 3.05
N TYR B 54 38.37 49.18 3.66
CA TYR B 54 38.85 50.40 3.03
C TYR B 54 40.37 50.49 3.18
N TYR B 55 41.00 51.22 2.26
CA TYR B 55 42.47 51.27 2.29
C TYR B 55 43.00 51.94 3.53
N SER B 56 42.18 52.73 4.24
CA SER B 56 42.59 53.29 5.52
C SER B 56 42.67 52.22 6.60
N GLY B 57 41.92 51.14 6.46
CA GLY B 57 41.85 50.08 7.46
C GLY B 57 40.47 49.86 8.01
N SER B 58 39.50 50.70 7.69
CA SER B 58 38.14 50.56 8.21
C SER B 58 37.49 49.31 7.63
N THR B 59 36.71 48.62 8.46
CA THR B 59 36.14 47.34 8.09
C THR B 59 34.65 47.32 8.37
N ASN B 60 33.89 46.71 7.46
CA ASN B 60 32.49 46.37 7.65
C ASN B 60 32.34 44.87 7.48
N TYR B 61 31.75 44.21 8.47
CA TYR B 61 31.59 42.76 8.46
C TYR B 61 30.12 42.39 8.39
N ASN B 62 29.85 41.21 7.87
CA ASN B 62 28.51 40.66 7.96
C ASN B 62 28.26 40.27 9.42
N PRO B 63 27.13 40.67 10.01
CA PRO B 63 26.92 40.37 11.44
C PRO B 63 26.97 38.89 11.79
N SER B 64 26.48 38.01 10.91
CA SER B 64 26.51 36.58 11.21
C SER B 64 27.94 36.06 11.33
N LEU B 65 28.88 36.69 10.63
CA LEU B 65 30.27 36.25 10.61
C LEU B 65 31.15 37.04 11.56
N LYS B 66 30.63 38.07 12.20
CA LYS B 66 31.42 38.86 13.14
C LYS B 66 31.90 38.00 14.31
N SER B 67 32.97 38.48 14.95
CA SER B 67 33.69 37.78 16.02
C SER B 67 34.51 36.61 15.49
N ARG B 68 34.35 36.29 14.20
CA ARG B 68 35.15 35.26 13.55
C ARG B 68 35.89 35.78 12.33
N VAL B 69 35.58 36.98 11.86
CA VAL B 69 36.10 37.51 10.60
C VAL B 69 37.09 38.62 10.89
N THR B 70 38.20 38.60 10.19
CA THR B 70 39.21 39.67 10.26
C THR B 70 39.75 39.87 8.85
N ILE B 71 39.45 41.03 8.27
CA ILE B 71 39.97 41.42 6.97
C ILE B 71 40.93 42.59 7.19
N SER B 72 42.08 42.55 6.51
CA SER B 72 43.14 43.53 6.72
C SER B 72 43.66 44.02 5.37
N VAL B 73 44.48 45.08 5.42
CA VAL B 73 45.11 45.65 4.23
C VAL B 73 46.61 45.75 4.48
N ASP B 74 47.40 45.40 3.47
CA ASP B 74 48.84 45.60 3.46
C ASP B 74 49.14 46.45 2.22
N THR B 75 49.13 47.77 2.39
CA THR B 75 49.35 48.68 1.27
C THR B 75 50.74 48.52 0.66
N SER B 76 51.72 48.08 1.44
CA SER B 76 53.08 47.91 0.97
C SER B 76 53.26 46.68 0.09
N LYS B 77 52.25 45.81 0.02
CA LYS B 77 52.30 44.63 -0.82
C LYS B 77 51.14 44.56 -1.81
N ASN B 78 50.29 45.59 -1.88
CA ASN B 78 49.09 45.60 -2.72
C ASN B 78 48.23 44.37 -2.45
N GLN B 79 48.01 44.08 -1.17
CA GLN B 79 47.28 42.91 -0.75
C GLN B 79 46.25 43.27 0.31
N PHE B 80 45.15 42.51 0.33
CA PHE B 80 44.23 42.50 1.46
C PHE B 80 43.83 41.07 1.74
N SER B 81 43.98 40.65 2.99
CA SER B 81 43.83 39.26 3.38
C SER B 81 42.57 39.08 4.22
N LEU B 82 42.13 37.82 4.32
CA LEU B 82 40.96 37.45 5.10
C LEU B 82 41.33 36.38 6.12
N LYS B 83 40.85 36.56 7.34
CA LYS B 83 41.03 35.59 8.42
C LYS B 83 39.66 35.19 8.94
N LEU B 84 39.43 33.89 9.06
CA LEU B 84 38.17 33.36 9.58
C LEU B 84 38.50 32.30 10.61
N SER B 85 38.13 32.54 11.87
CA SER B 85 38.53 31.72 12.99
C SER B 85 37.41 30.77 13.42
N SER B 86 37.78 29.78 14.23
CA SER B 86 36.89 28.73 14.73
C SER B 86 35.99 28.21 13.62
N VAL B 87 36.59 27.52 12.65
CA VAL B 87 35.92 27.16 11.41
C VAL B 87 35.27 25.79 11.52
N THR B 88 34.09 25.65 10.94
CA THR B 88 33.36 24.39 10.83
C THR B 88 33.17 24.04 9.35
N ALA B 89 32.53 22.89 9.12
CA ALA B 89 32.23 22.47 7.76
C ALA B 89 31.27 23.41 7.05
N ALA B 90 30.54 24.24 7.80
CA ALA B 90 29.68 25.24 7.19
C ALA B 90 30.45 26.34 6.49
N ASP B 91 31.77 26.38 6.63
CA ASP B 91 32.59 27.37 5.97
C ASP B 91 33.27 26.83 4.71
N THR B 92 33.06 25.55 4.39
CA THR B 92 33.58 24.99 3.15
C THR B 92 32.84 25.63 1.98
N ALA B 93 33.57 26.34 1.14
CA ALA B 93 32.95 27.10 0.05
C ALA B 93 34.05 27.60 -0.87
N VAL B 94 33.64 28.18 -2.00
CA VAL B 94 34.54 28.89 -2.88
C VAL B 94 34.56 30.35 -2.43
N TYR B 95 35.73 30.84 -2.05
CA TYR B 95 35.90 32.20 -1.56
C TYR B 95 36.42 33.08 -2.69
N TYR B 96 35.71 34.17 -2.95
CA TYR B 96 36.10 35.15 -3.95
C TYR B 96 36.55 36.42 -3.26
N CYS B 97 37.57 37.07 -3.81
CA CYS B 97 37.87 38.45 -3.48
C CYS B 97 37.42 39.33 -4.64
N ALA B 98 36.76 40.44 -4.32
CA ALA B 98 36.30 41.37 -5.34
C ALA B 98 36.49 42.79 -4.83
N ARG B 99 36.41 43.75 -5.73
CA ARG B 99 36.44 45.16 -5.37
C ARG B 99 35.09 45.79 -5.71
N GLU B 100 34.60 46.63 -4.80
CA GLU B 100 33.35 47.34 -5.01
C GLU B 100 33.63 48.64 -5.75
N GLY B 101 33.12 48.74 -6.98
CA GLY B 101 33.45 49.88 -7.81
C GLY B 101 32.70 51.14 -7.43
N LYS B 102 33.13 52.24 -8.04
CA LYS B 102 32.45 53.52 -7.88
C LYS B 102 30.97 53.39 -8.21
N ASN B 103 30.67 52.85 -9.40
CA ASN B 103 29.30 52.63 -9.82
C ASN B 103 28.82 51.29 -9.27
N GLY B 104 27.73 51.30 -8.51
CA GLY B 104 27.15 50.07 -8.01
C GLY B 104 28.13 49.31 -7.13
N ALA B 105 28.51 48.11 -7.59
CA ALA B 105 29.38 47.24 -6.79
C ALA B 105 29.96 46.15 -7.68
N PHE B 106 31.09 45.61 -7.22
CA PHE B 106 31.67 44.35 -7.70
C PHE B 106 31.87 44.33 -9.22
N ASP B 107 32.71 45.25 -9.68
CA ASP B 107 33.07 45.32 -11.10
C ASP B 107 34.21 44.37 -11.47
N ILE B 108 34.98 43.90 -10.50
CA ILE B 108 36.12 43.03 -10.75
C ILE B 108 36.14 41.93 -9.69
N TRP B 109 36.11 40.67 -10.13
CA TRP B 109 36.13 39.52 -9.25
C TRP B 109 37.44 38.74 -9.40
N GLY B 110 37.73 37.94 -8.38
CA GLY B 110 38.85 37.03 -8.44
C GLY B 110 38.46 35.72 -9.10
N GLN B 111 39.46 34.86 -9.28
CA GLN B 111 39.21 33.57 -9.92
C GLN B 111 38.43 32.63 -9.02
N GLY B 112 38.47 32.84 -7.71
CA GLY B 112 37.86 31.92 -6.78
C GLY B 112 38.86 30.88 -6.32
N THR B 113 38.90 30.62 -5.02
CA THR B 113 39.70 29.55 -4.46
C THR B 113 38.83 28.77 -3.50
N MET B 114 38.75 27.44 -3.68
CA MET B 114 37.93 26.63 -2.82
C MET B 114 38.70 26.20 -1.59
N VAL B 115 38.05 26.29 -0.44
CA VAL B 115 38.59 25.84 0.84
C VAL B 115 37.64 24.80 1.41
N THR B 116 38.15 23.61 1.68
CA THR B 116 37.40 22.56 2.33
C THR B 116 37.79 22.50 3.80
N VAL B 117 36.79 22.44 4.67
CA VAL B 117 37.00 22.37 6.11
C VAL B 117 36.67 20.96 6.55
N SER B 118 37.68 20.22 6.99
CA SER B 118 37.44 18.83 7.36
C SER B 118 38.60 18.31 8.20
N SER B 119 38.29 17.29 8.99
CA SER B 119 39.29 16.58 9.79
C SER B 119 39.95 15.45 9.01
N ALA B 120 39.36 15.04 7.89
CA ALA B 120 39.90 13.95 7.09
C ALA B 120 41.25 14.34 6.49
N GLN B 121 42.09 13.33 6.26
CA GLN B 121 43.42 13.46 5.72
C GLN B 121 43.38 13.42 4.19
N PRO B 122 44.27 14.16 3.52
CA PRO B 122 44.26 14.20 2.05
C PRO B 122 44.56 12.83 1.43
N ARG B 123 43.83 12.52 0.37
CA ARG B 123 44.01 11.29 -0.39
C ARG B 123 44.63 11.63 -1.74
N GLU B 124 45.55 10.78 -2.19
CA GLU B 124 46.22 11.05 -3.46
C GLU B 124 45.38 10.51 -4.60
N PRO B 125 45.17 11.28 -5.67
CA PRO B 125 44.33 10.80 -6.77
C PRO B 125 44.99 9.71 -7.58
N GLN B 126 44.19 8.70 -7.94
CA GLN B 126 44.59 7.69 -8.92
C GLN B 126 44.06 8.10 -10.28
N VAL B 127 44.93 8.08 -11.29
CA VAL B 127 44.59 8.55 -12.63
C VAL B 127 44.67 7.38 -13.60
N TYR B 128 43.62 7.19 -14.39
CA TYR B 128 43.55 6.11 -15.35
C TYR B 128 43.01 6.64 -16.68
N THR B 129 43.70 6.34 -17.76
CA THR B 129 43.28 6.73 -19.10
C THR B 129 42.56 5.58 -19.78
N LEU B 130 41.47 5.89 -20.48
CA LEU B 130 40.65 4.88 -21.13
C LEU B 130 40.52 5.20 -22.61
N PRO B 131 40.86 4.27 -23.51
CA PRO B 131 40.72 4.54 -24.94
C PRO B 131 39.26 4.58 -25.35
N PRO B 132 38.95 5.12 -26.53
CA PRO B 132 37.55 5.20 -26.95
C PRO B 132 36.95 3.81 -27.14
N SER B 133 35.64 3.73 -26.94
CA SER B 133 34.92 2.49 -27.17
C SER B 133 35.01 2.08 -28.63
N ARG B 134 35.04 0.78 -28.88
CA ARG B 134 35.13 0.28 -30.24
C ARG B 134 33.93 0.73 -31.08
N ASP B 135 32.75 0.81 -30.45
CA ASP B 135 31.57 1.25 -31.17
C ASP B 135 31.69 2.70 -31.63
N GLU B 136 32.49 3.50 -30.94
CA GLU B 136 32.61 4.92 -31.27
C GLU B 136 33.48 5.16 -32.50
N LEU B 137 34.28 4.18 -32.92
CA LEU B 137 35.15 4.35 -34.08
C LEU B 137 34.38 4.46 -35.38
N THR B 138 33.06 4.32 -35.37
CA THR B 138 32.24 4.57 -36.55
C THR B 138 31.95 6.05 -36.74
N LYS B 139 32.14 6.87 -35.71
CA LYS B 139 31.87 8.30 -35.74
C LYS B 139 33.07 9.06 -36.29
N ASN B 140 32.83 10.34 -36.61
CA ASN B 140 33.89 11.20 -37.10
C ASN B 140 34.81 11.70 -35.98
N GLN B 141 34.32 11.76 -34.74
CA GLN B 141 35.13 12.16 -33.60
C GLN B 141 35.01 11.11 -32.51
N VAL B 142 36.11 10.90 -31.77
CA VAL B 142 36.14 9.91 -30.71
C VAL B 142 36.42 10.59 -29.38
N SER B 143 36.11 9.88 -28.30
CA SER B 143 36.23 10.40 -26.94
C SER B 143 37.34 9.68 -26.19
N LEU B 144 38.30 10.43 -25.69
CA LEU B 144 39.36 9.91 -24.82
C LEU B 144 39.01 10.26 -23.38
N SER B 145 39.01 9.25 -22.52
CA SER B 145 38.58 9.41 -21.13
C SER B 145 39.77 9.35 -20.18
N CYS B 146 39.78 10.26 -19.23
CA CYS B 146 40.76 10.28 -18.14
C CYS B 146 39.99 10.19 -16.84
N ALA B 147 40.11 9.05 -16.15
CA ALA B 147 39.41 8.82 -14.90
C ALA B 147 40.33 9.17 -13.74
N VAL B 148 39.87 10.03 -12.85
CA VAL B 148 40.58 10.42 -11.64
C VAL B 148 39.69 10.08 -10.47
N LYS B 149 40.13 9.15 -9.62
CA LYS B 149 39.31 8.67 -8.51
C LYS B 149 40.15 8.55 -7.24
N GLY B 150 39.45 8.49 -6.12
CA GLY B 150 40.09 8.24 -4.84
C GLY B 150 40.80 9.42 -4.20
N PHE B 151 40.48 10.64 -4.61
CA PHE B 151 41.16 11.82 -4.10
C PHE B 151 40.29 12.58 -3.11
N TYR B 152 40.97 13.33 -2.23
CA TYR B 152 40.35 14.18 -1.23
C TYR B 152 41.35 15.28 -0.88
N PRO B 153 40.93 16.55 -0.76
CA PRO B 153 39.56 17.05 -0.98
C PRO B 153 39.19 17.22 -2.45
N SER B 154 38.01 17.79 -2.73
CA SER B 154 37.48 17.84 -4.08
C SER B 154 38.15 18.88 -4.98
N ASP B 155 38.96 19.77 -4.44
CA ASP B 155 39.62 20.77 -5.29
C ASP B 155 40.70 20.09 -6.13
N ILE B 156 40.50 20.06 -7.45
CA ILE B 156 41.39 19.35 -8.35
C ILE B 156 41.31 20.02 -9.72
N ALA B 157 42.37 19.85 -10.52
CA ALA B 157 42.44 20.41 -11.86
C ALA B 157 42.93 19.36 -12.85
N VAL B 158 42.29 19.30 -14.01
CA VAL B 158 42.60 18.31 -15.04
C VAL B 158 42.77 19.03 -16.37
N GLU B 159 43.92 18.81 -17.03
CA GLU B 159 44.20 19.38 -18.34
C GLU B 159 44.68 18.29 -19.30
N TRP B 160 44.46 18.52 -20.59
CA TRP B 160 44.89 17.62 -21.65
C TRP B 160 46.00 18.26 -22.48
N GLU B 161 46.95 17.45 -22.93
CA GLU B 161 48.09 17.93 -23.69
C GLU B 161 48.49 16.90 -24.73
N SER B 162 49.10 17.37 -25.81
CA SER B 162 49.64 16.48 -26.84
C SER B 162 50.83 17.16 -27.49
N ASN B 163 51.98 16.46 -27.49
CA ASN B 163 53.23 16.98 -28.04
C ASN B 163 53.69 18.24 -27.31
N GLY B 164 53.41 18.32 -26.00
CA GLY B 164 53.79 19.48 -25.23
C GLY B 164 52.83 20.64 -25.34
N GLN B 165 51.84 20.55 -26.21
CA GLN B 165 50.92 21.63 -26.50
C GLN B 165 49.53 21.31 -25.95
N PRO B 166 48.81 22.30 -25.44
CA PRO B 166 47.49 22.02 -24.86
C PRO B 166 46.48 21.59 -25.92
N GLU B 167 45.67 20.60 -25.54
CA GLU B 167 44.47 20.25 -26.29
C GLU B 167 43.26 20.81 -25.56
N ASN B 168 42.43 21.57 -26.27
CA ASN B 168 41.39 22.38 -25.63
C ASN B 168 40.04 21.69 -25.58
N ASN B 169 39.69 20.90 -26.60
CA ASN B 169 38.33 20.39 -26.77
C ASN B 169 38.07 19.24 -25.79
N TYR B 170 38.02 19.61 -24.51
CA TYR B 170 37.72 18.65 -23.46
C TYR B 170 36.76 19.27 -22.45
N LYS B 171 35.98 18.40 -21.81
CA LYS B 171 35.09 18.78 -20.72
C LYS B 171 35.34 17.81 -19.57
N THR B 172 35.16 18.30 -18.35
CA THR B 172 35.37 17.50 -17.15
C THR B 172 34.11 17.54 -16.29
N THR B 173 33.73 16.36 -15.77
CA THR B 173 32.58 16.27 -14.90
C THR B 173 32.91 16.86 -13.52
N PRO B 174 31.91 17.35 -12.80
CA PRO B 174 32.14 17.80 -11.43
C PRO B 174 32.60 16.65 -10.56
N PRO B 175 33.32 16.93 -9.47
CA PRO B 175 33.68 15.83 -8.55
C PRO B 175 32.43 15.17 -8.00
N VAL B 176 32.47 13.85 -7.92
CA VAL B 176 31.36 13.05 -7.42
C VAL B 176 31.84 12.31 -6.19
N LEU B 177 31.07 12.40 -5.10
CA LEU B 177 31.43 11.74 -3.87
C LEU B 177 31.26 10.23 -4.04
N ASP B 178 32.33 9.48 -3.77
CA ASP B 178 32.27 8.04 -3.88
C ASP B 178 31.79 7.44 -2.56
N SER B 179 31.57 6.12 -2.59
CA SER B 179 30.99 5.44 -1.43
C SER B 179 31.93 5.43 -0.22
N ASP B 180 33.22 5.65 -0.41
CA ASP B 180 34.18 5.61 0.69
C ASP B 180 34.51 7.00 1.22
N GLY B 181 33.80 8.03 0.78
CA GLY B 181 34.05 9.38 1.22
C GLY B 181 35.01 10.18 0.37
N SER B 182 35.70 9.55 -0.59
CA SER B 182 36.57 10.25 -1.51
C SER B 182 35.76 10.71 -2.72
N PHE B 183 36.44 11.38 -3.65
CA PHE B 183 35.80 11.92 -4.83
C PHE B 183 36.40 11.31 -6.09
N PHE B 184 35.62 11.32 -7.16
CA PHE B 184 36.12 10.94 -8.47
C PHE B 184 35.48 11.84 -9.53
N LEU B 185 36.16 11.92 -10.68
CA LEU B 185 35.62 12.62 -11.84
C LEU B 185 36.29 12.04 -13.08
N VAL B 186 35.72 12.39 -14.24
CA VAL B 186 36.23 11.94 -15.53
C VAL B 186 36.30 13.13 -16.48
N SER B 187 37.40 13.21 -17.24
CA SER B 187 37.58 14.22 -18.26
C SER B 187 37.49 13.57 -19.63
N LYS B 188 36.66 14.13 -20.51
CA LYS B 188 36.42 13.59 -21.84
C LYS B 188 37.05 14.53 -22.86
N LEU B 189 38.09 14.05 -23.53
CA LEU B 189 38.73 14.79 -24.62
C LEU B 189 38.21 14.25 -25.94
N THR B 190 37.65 15.15 -26.76
CA THR B 190 37.12 14.79 -28.07
C THR B 190 38.12 15.18 -29.16
N VAL B 191 38.56 14.20 -29.94
CA VAL B 191 39.49 14.41 -31.03
C VAL B 191 38.93 13.79 -32.30
N ASP B 192 39.44 14.25 -33.43
CA ASP B 192 39.07 13.66 -34.72
C ASP B 192 39.52 12.20 -34.75
N LYS B 193 38.71 11.36 -35.40
CA LYS B 193 39.02 9.94 -35.46
C LYS B 193 40.39 9.69 -36.08
N SER B 194 40.73 10.46 -37.12
CA SER B 194 41.98 10.24 -37.83
C SER B 194 43.19 10.38 -36.90
N ARG B 195 43.13 11.34 -35.97
CA ARG B 195 44.25 11.53 -35.05
C ARG B 195 44.43 10.31 -34.14
N TRP B 196 43.33 9.71 -33.70
CA TRP B 196 43.43 8.53 -32.86
C TRP B 196 44.05 7.36 -33.62
N GLN B 197 43.55 7.09 -34.83
CA GLN B 197 44.03 5.92 -35.58
C GLN B 197 45.47 6.09 -36.04
N GLN B 198 45.93 7.32 -36.28
CA GLN B 198 47.32 7.48 -36.69
C GLN B 198 48.31 7.27 -35.56
N GLY B 199 47.84 7.12 -34.32
CA GLY B 199 48.73 6.87 -33.21
C GLY B 199 49.18 8.10 -32.48
N ASN B 200 48.44 9.21 -32.58
CA ASN B 200 48.79 10.40 -31.83
C ASN B 200 48.74 10.12 -30.34
N VAL B 201 49.72 10.65 -29.60
CA VAL B 201 49.84 10.40 -28.17
C VAL B 201 49.27 11.61 -27.43
N PHE B 202 48.27 11.35 -26.58
CA PHE B 202 47.64 12.38 -25.78
C PHE B 202 47.98 12.16 -24.31
N SER B 203 48.04 13.27 -23.56
CA SER B 203 48.45 13.24 -22.17
C SER B 203 47.40 13.91 -21.29
N CYS B 204 47.01 13.23 -20.23
CA CYS B 204 46.10 13.77 -19.24
C CYS B 204 46.92 14.25 -18.04
N SER B 205 46.75 15.51 -17.68
CA SER B 205 47.47 16.14 -16.58
C SER B 205 46.51 16.37 -15.41
N VAL B 206 46.94 16.01 -14.20
CA VAL B 206 46.14 16.16 -13.01
C VAL B 206 46.93 16.91 -11.95
N MET B 207 46.33 17.94 -11.37
CA MET B 207 46.96 18.76 -10.34
C MET B 207 46.11 18.71 -9.08
N HIS B 208 46.74 18.34 -7.96
CA HIS B 208 46.03 18.18 -6.69
C HIS B 208 47.04 18.34 -5.57
N GLU B 209 46.57 18.84 -4.43
CA GLU B 209 47.46 19.17 -3.33
C GLU B 209 48.08 17.94 -2.68
N ALA B 210 47.47 16.76 -2.85
CA ALA B 210 47.97 15.53 -2.24
C ALA B 210 48.97 14.78 -3.12
N LEU B 211 49.25 15.29 -4.32
CA LEU B 211 50.21 14.65 -5.20
C LEU B 211 51.62 15.19 -4.92
N HIS B 212 52.62 14.36 -5.22
CA HIS B 212 54.00 14.83 -5.16
C HIS B 212 54.21 15.90 -6.22
N ASN B 213 54.68 17.07 -5.77
CA ASN B 213 54.81 18.26 -6.61
C ASN B 213 53.47 18.73 -7.17
N HIS B 214 52.37 18.28 -6.57
CA HIS B 214 51.02 18.68 -6.94
C HIS B 214 50.71 18.40 -8.41
N TYR B 215 51.28 17.34 -8.99
CA TYR B 215 51.17 17.14 -10.42
C TYR B 215 51.45 15.70 -10.80
N THR B 216 50.72 15.21 -11.81
CA THR B 216 50.97 13.89 -12.39
C THR B 216 50.47 13.90 -13.84
N GLN B 217 51.00 12.96 -14.63
CA GLN B 217 50.65 12.81 -16.04
C GLN B 217 50.36 11.36 -16.34
N LYS B 218 49.40 11.12 -17.23
CA LYS B 218 49.17 9.78 -17.76
C LYS B 218 48.95 9.88 -19.26
N SER B 219 49.61 9.02 -20.01
CA SER B 219 49.49 9.04 -21.47
C SER B 219 48.39 8.09 -21.92
N LEU B 220 47.92 8.32 -23.15
CA LEU B 220 46.89 7.49 -23.76
C LEU B 220 47.06 7.56 -25.27
N SER B 221 47.36 6.41 -25.88
CA SER B 221 47.57 6.38 -27.31
C SER B 221 47.12 5.05 -27.88
N LEU B 222 46.71 5.08 -29.15
CA LEU B 222 46.51 3.85 -29.91
C LEU B 222 47.90 3.41 -30.36
N SER B 223 48.43 2.38 -29.72
CA SER B 223 49.76 1.94 -30.11
C SER B 223 49.64 0.82 -31.14
N PRO B 224 49.83 1.11 -32.43
CA PRO B 224 49.54 0.12 -33.47
C PRO B 224 50.63 -0.95 -33.54
N GLY B 225 51.84 -0.61 -33.12
CA GLY B 225 52.92 -1.58 -33.10
C GLY B 225 52.85 -2.53 -31.92
N LYS B 226 51.64 -2.96 -31.57
CA LYS B 226 51.45 -3.87 -30.45
C LYS B 226 50.35 -4.90 -30.73
N ASP C 1 -11.25 13.34 0.04
CA ASP C 1 -10.69 12.09 -0.48
C ASP C 1 -9.84 12.34 -1.72
N ILE C 2 -8.66 11.73 -1.77
CA ILE C 2 -7.76 11.87 -2.91
C ILE C 2 -8.04 10.69 -3.83
N GLN C 3 -8.37 10.99 -5.10
CA GLN C 3 -8.73 9.95 -6.06
C GLN C 3 -7.53 9.51 -6.88
N MET C 4 -7.43 8.21 -7.09
CA MET C 4 -6.34 7.61 -7.87
C MET C 4 -6.93 7.01 -9.13
N THR C 5 -6.51 7.53 -10.28
CA THR C 5 -6.96 7.05 -11.58
C THR C 5 -5.86 6.19 -12.19
N GLN C 6 -6.25 5.00 -12.66
CA GLN C 6 -5.31 4.03 -13.19
C GLN C 6 -5.65 3.74 -14.65
N SER C 7 -4.61 3.64 -15.48
CA SER C 7 -4.76 3.39 -16.91
C SER C 7 -3.53 2.65 -17.41
N PRO C 8 -3.69 1.70 -18.35
CA PRO C 8 -4.97 1.31 -18.96
C PRO C 8 -5.76 0.35 -18.09
N SER C 9 -7.08 0.33 -18.26
CA SER C 9 -7.91 -0.54 -17.43
C SER C 9 -7.62 -2.00 -17.68
N SER C 10 -7.25 -2.36 -18.92
CA SER C 10 -6.94 -3.73 -19.27
C SER C 10 -5.88 -3.73 -20.38
N LEU C 11 -5.01 -4.73 -20.35
CA LEU C 11 -4.00 -4.85 -21.39
C LEU C 11 -3.53 -6.30 -21.47
N SER C 12 -3.26 -6.75 -22.70
CA SER C 12 -2.67 -8.05 -22.97
C SER C 12 -1.31 -7.86 -23.62
N ALA C 13 -0.31 -8.58 -23.12
CA ALA C 13 1.06 -8.46 -23.59
C ALA C 13 1.72 -9.83 -23.66
N SER C 14 2.78 -9.92 -24.47
CA SER C 14 3.50 -11.17 -24.68
C SER C 14 4.53 -11.40 -23.58
N VAL C 15 5.07 -12.61 -23.55
CA VAL C 15 6.15 -12.92 -22.62
C VAL C 15 7.40 -12.17 -23.06
N GLY C 16 8.03 -11.46 -22.14
CA GLY C 16 9.20 -10.67 -22.44
C GLY C 16 8.91 -9.23 -22.82
N ASP C 17 7.65 -8.87 -23.00
CA ASP C 17 7.30 -7.50 -23.36
C ASP C 17 7.55 -6.55 -22.19
N ARG C 18 7.64 -5.27 -22.51
CA ARG C 18 7.69 -4.22 -21.49
C ARG C 18 6.27 -3.75 -21.21
N VAL C 19 5.88 -3.75 -19.94
CA VAL C 19 4.54 -3.36 -19.51
C VAL C 19 4.63 -2.06 -18.74
N THR C 20 3.67 -1.16 -18.98
CA THR C 20 3.65 0.15 -18.34
C THR C 20 2.22 0.46 -17.89
N ILE C 21 2.05 0.75 -16.60
CA ILE C 21 0.77 1.14 -16.03
C ILE C 21 0.89 2.56 -15.49
N THR C 22 -0.16 3.34 -15.68
CA THR C 22 -0.19 4.73 -15.25
C THR C 22 -1.10 4.88 -14.03
N CYS C 23 -0.63 5.63 -13.04
CA CYS C 23 -1.42 5.97 -11.86
C CYS C 23 -1.37 7.48 -11.68
N ARG C 24 -2.54 8.12 -11.62
CA ARG C 24 -2.66 9.56 -11.49
C ARG C 24 -3.40 9.92 -10.20
N ALA C 25 -2.89 10.95 -9.51
CA ALA C 25 -3.50 11.45 -8.30
C ALA C 25 -4.16 12.80 -8.56
N SER C 26 -5.23 13.08 -7.82
CA SER C 26 -5.94 14.35 -7.97
C SER C 26 -5.14 15.52 -7.43
N GLN C 27 -4.19 15.28 -6.53
CA GLN C 27 -3.34 16.32 -5.99
C GLN C 27 -1.97 15.73 -5.71
N SER C 28 -1.02 16.61 -5.41
CA SER C 28 0.36 16.16 -5.19
C SER C 28 0.45 15.33 -3.93
N ILE C 29 1.06 14.15 -4.04
CA ILE C 29 1.25 13.25 -2.91
C ILE C 29 2.73 12.89 -2.73
N SER C 30 3.62 13.68 -3.33
CA SER C 30 5.07 13.52 -3.20
C SER C 30 5.45 12.12 -3.69
N SER C 31 6.05 11.27 -2.86
CA SER C 31 6.47 9.93 -3.26
C SER C 31 5.80 8.86 -2.41
N TYR C 32 4.56 9.11 -1.98
CA TYR C 32 3.82 8.21 -1.12
C TYR C 32 2.75 7.50 -1.95
N LEU C 33 3.16 6.44 -2.66
CA LEU C 33 2.23 5.70 -3.50
C LEU C 33 2.70 4.26 -3.65
N ASN C 34 1.98 3.33 -3.03
CA ASN C 34 2.37 1.92 -3.03
C ASN C 34 1.71 1.17 -4.19
N TRP C 35 2.38 0.08 -4.60
CA TRP C 35 1.88 -0.81 -5.65
C TRP C 35 1.65 -2.20 -5.08
N TYR C 36 0.53 -2.81 -5.47
CA TYR C 36 0.16 -4.14 -5.01
C TYR C 36 -0.15 -5.04 -6.20
N GLN C 37 0.02 -6.35 -5.99
CA GLN C 37 -0.33 -7.37 -6.96
C GLN C 37 -1.37 -8.30 -6.34
N GLN C 38 -2.52 -8.46 -7.01
CA GLN C 38 -3.56 -9.36 -6.54
C GLN C 38 -3.86 -10.38 -7.63
N LYS C 39 -3.53 -11.63 -7.37
CA LYS C 39 -3.84 -12.73 -8.26
C LYS C 39 -5.26 -13.24 -7.99
N PRO C 40 -5.87 -13.93 -8.95
CA PRO C 40 -7.27 -14.34 -8.79
C PRO C 40 -7.48 -15.18 -7.54
N GLY C 41 -8.46 -14.78 -6.74
CA GLY C 41 -8.79 -15.48 -5.51
C GLY C 41 -7.80 -15.32 -4.38
N LYS C 42 -6.79 -14.47 -4.54
CA LYS C 42 -5.75 -14.28 -3.54
C LYS C 42 -5.79 -12.86 -2.98
N ALA C 43 -5.17 -12.69 -1.82
CA ALA C 43 -5.04 -11.37 -1.22
C ALA C 43 -3.98 -10.56 -1.95
N PRO C 44 -4.05 -9.23 -1.86
CA PRO C 44 -3.02 -8.41 -2.50
C PRO C 44 -1.65 -8.65 -1.87
N LYS C 45 -0.61 -8.43 -2.68
CA LYS C 45 0.77 -8.60 -2.27
C LYS C 45 1.52 -7.33 -2.58
N LEU C 46 2.22 -6.79 -1.57
CA LEU C 46 2.93 -5.53 -1.77
C LEU C 46 4.11 -5.73 -2.70
N LEU C 47 4.21 -4.88 -3.72
CA LEU C 47 5.28 -4.92 -4.70
C LEU C 47 6.29 -3.79 -4.51
N ILE C 48 5.82 -2.55 -4.49
CA ILE C 48 6.67 -1.36 -4.44
C ILE C 48 6.15 -0.47 -3.32
N TYR C 49 7.03 -0.06 -2.41
CA TYR C 49 6.68 0.97 -1.43
C TYR C 49 7.43 2.26 -1.76
N ALA C 50 7.05 3.32 -1.05
CA ALA C 50 7.45 4.70 -1.40
C ALA C 50 6.95 4.90 -2.81
N ALA C 51 7.81 5.21 -3.78
CA ALA C 51 7.44 5.16 -5.19
C ALA C 51 8.41 4.35 -6.05
N SER C 52 9.61 4.07 -5.56
CA SER C 52 10.62 3.35 -6.34
C SER C 52 11.30 2.24 -5.56
N SER C 53 10.95 2.02 -4.30
CA SER C 53 11.60 1.02 -3.46
C SER C 53 10.85 -0.31 -3.54
N LEU C 54 11.58 -1.39 -3.78
CA LEU C 54 11.01 -2.72 -3.97
C LEU C 54 10.86 -3.42 -2.63
N GLN C 55 9.70 -4.04 -2.42
CA GLN C 55 9.49 -4.81 -1.20
C GLN C 55 10.31 -6.09 -1.27
N SER C 56 10.81 -6.52 -0.11
CA SER C 56 11.66 -7.71 -0.06
C SER C 56 10.95 -8.93 -0.63
N GLY C 57 11.68 -9.69 -1.45
CA GLY C 57 11.15 -10.88 -2.07
C GLY C 57 10.54 -10.67 -3.45
N VAL C 58 10.33 -9.41 -3.85
CA VAL C 58 9.75 -9.12 -5.16
C VAL C 58 10.85 -9.20 -6.21
N PRO C 59 10.61 -9.85 -7.36
CA PRO C 59 11.63 -9.90 -8.40
C PRO C 59 12.01 -8.50 -8.90
N SER C 60 13.20 -8.42 -9.48
CA SER C 60 13.74 -7.13 -9.92
C SER C 60 13.05 -6.59 -11.17
N ARG C 61 12.26 -7.40 -11.87
CA ARG C 61 11.60 -6.93 -13.09
C ARG C 61 10.50 -5.91 -12.81
N PHE C 62 10.19 -5.64 -11.55
CA PHE C 62 9.22 -4.62 -11.18
C PHE C 62 9.92 -3.32 -10.84
N SER C 63 9.36 -2.21 -11.31
CA SER C 63 9.95 -0.90 -11.08
C SER C 63 8.83 0.14 -11.10
N GLY C 64 8.97 1.14 -10.25
CA GLY C 64 7.97 2.21 -10.17
C GLY C 64 8.62 3.56 -10.30
N SER C 65 7.94 4.46 -10.99
CA SER C 65 8.42 5.82 -11.21
C SER C 65 7.27 6.80 -10.99
N GLY C 66 7.62 8.07 -10.85
CA GLY C 66 6.64 9.11 -10.68
C GLY C 66 6.88 9.95 -9.45
N SER C 67 6.29 11.14 -9.42
CA SER C 67 6.39 12.02 -8.27
C SER C 67 5.32 13.10 -8.38
N GLY C 68 4.68 13.41 -7.26
CA GLY C 68 3.67 14.44 -7.24
C GLY C 68 2.29 13.91 -7.53
N THR C 69 1.88 13.97 -8.80
CA THR C 69 0.56 13.52 -9.22
C THR C 69 0.59 12.41 -10.26
N ASP C 70 1.69 12.24 -10.98
CA ASP C 70 1.77 11.29 -12.09
C ASP C 70 2.79 10.22 -11.74
N PHE C 71 2.35 8.96 -11.74
CA PHE C 71 3.19 7.83 -11.38
C PHE C 71 3.07 6.75 -12.44
N THR C 72 4.06 5.85 -12.47
CA THR C 72 4.13 4.81 -13.49
C THR C 72 4.78 3.56 -12.94
N LEU C 73 4.08 2.43 -13.07
CA LEU C 73 4.63 1.12 -12.76
C LEU C 73 5.01 0.41 -14.06
N THR C 74 6.19 -0.22 -14.06
CA THR C 74 6.73 -0.81 -15.27
C THR C 74 7.34 -2.17 -14.95
N ILE C 75 6.91 -3.18 -15.70
CA ILE C 75 7.52 -4.50 -15.67
C ILE C 75 8.40 -4.63 -16.90
N SER C 76 9.68 -5.00 -16.67
CA SER C 76 10.65 -4.99 -17.76
C SER C 76 10.38 -6.11 -18.75
N SER C 77 10.31 -7.34 -18.26
CA SER C 77 10.05 -8.52 -19.11
C SER C 77 8.95 -9.34 -18.45
N LEU C 78 7.78 -9.34 -19.06
CA LEU C 78 6.62 -10.00 -18.48
C LEU C 78 6.84 -11.50 -18.41
N GLN C 79 6.51 -12.09 -17.27
CA GLN C 79 6.60 -13.52 -17.03
C GLN C 79 5.22 -14.14 -16.95
N PRO C 80 5.09 -15.45 -17.21
CA PRO C 80 3.76 -16.07 -17.16
C PRO C 80 3.08 -15.97 -15.80
N GLU C 81 3.86 -16.04 -14.71
CA GLU C 81 3.29 -15.94 -13.38
C GLU C 81 2.85 -14.52 -13.01
N ASP C 82 3.15 -13.53 -13.85
CA ASP C 82 2.77 -12.16 -13.60
C ASP C 82 1.34 -11.83 -14.00
N PHE C 83 0.55 -12.83 -14.39
CA PHE C 83 -0.86 -12.60 -14.69
C PHE C 83 -1.59 -12.30 -13.40
N ALA C 84 -2.06 -11.06 -13.25
CA ALA C 84 -2.78 -10.63 -12.05
C ALA C 84 -3.38 -9.25 -12.33
N THR C 85 -3.99 -8.69 -11.29
CA THR C 85 -4.49 -7.33 -11.31
C THR C 85 -3.65 -6.48 -10.36
N TYR C 86 -3.20 -5.32 -10.84
CA TYR C 86 -2.28 -4.47 -10.11
C TYR C 86 -2.98 -3.20 -9.65
N TYR C 87 -2.74 -2.82 -8.40
CA TYR C 87 -3.36 -1.64 -7.80
C TYR C 87 -2.29 -0.69 -7.29
N CYS C 88 -2.53 0.61 -7.45
CA CYS C 88 -1.75 1.63 -6.78
C CYS C 88 -2.57 2.22 -5.64
N GLN C 89 -1.87 2.67 -4.60
CA GLN C 89 -2.53 3.18 -3.41
C GLN C 89 -1.78 4.39 -2.90
N GLN C 90 -2.49 5.50 -2.71
CA GLN C 90 -1.90 6.69 -2.14
C GLN C 90 -1.73 6.53 -0.63
N SER C 91 -0.65 7.09 -0.11
CA SER C 91 -0.27 6.91 1.28
C SER C 91 0.05 8.23 1.95
N TYR C 92 -0.64 9.31 1.57
CA TYR C 92 -0.36 10.64 2.11
C TYR C 92 -1.36 11.06 3.19
N SER C 93 -2.64 11.14 2.85
CA SER C 93 -3.64 11.64 3.79
C SER C 93 -4.86 10.74 3.80
N THR C 94 -5.52 10.67 4.95
CA THR C 94 -6.73 9.89 5.10
C THR C 94 -7.90 10.61 4.44
N PRO C 95 -8.85 9.85 3.86
CA PRO C 95 -8.85 8.38 3.81
C PRO C 95 -7.93 7.81 2.73
N LEU C 96 -7.29 6.69 3.05
CA LEU C 96 -6.45 6.01 2.08
C LEU C 96 -7.31 5.45 0.95
N THR C 97 -6.84 5.64 -0.29
CA THR C 97 -7.60 5.25 -1.47
C THR C 97 -6.72 4.43 -2.41
N PHE C 98 -7.37 3.49 -3.10
CA PHE C 98 -6.73 2.63 -4.08
C PHE C 98 -7.11 3.05 -5.48
N GLY C 99 -6.30 2.62 -6.45
CA GLY C 99 -6.64 2.82 -7.84
C GLY C 99 -7.75 1.88 -8.28
N GLY C 100 -8.25 2.12 -9.49
CA GLY C 100 -9.30 1.29 -10.04
C GLY C 100 -8.86 -0.10 -10.42
N GLY C 101 -7.55 -0.31 -10.55
CA GLY C 101 -7.01 -1.61 -10.92
C GLY C 101 -6.71 -1.73 -12.40
N THR C 102 -5.63 -2.46 -12.71
CA THR C 102 -5.21 -2.72 -14.08
C THR C 102 -4.96 -4.21 -14.22
N LYS C 103 -5.84 -4.90 -14.95
CA LYS C 103 -5.71 -6.34 -15.15
C LYS C 103 -4.74 -6.60 -16.30
N VAL C 104 -3.69 -7.39 -16.02
CA VAL C 104 -2.68 -7.74 -17.00
C VAL C 104 -2.90 -9.19 -17.40
N GLU C 105 -3.48 -9.41 -18.58
CA GLU C 105 -3.64 -10.73 -19.17
C GLU C 105 -2.51 -11.00 -20.15
N ILE C 106 -2.24 -12.30 -20.40
CA ILE C 106 -1.09 -12.73 -21.19
C ILE C 106 -1.51 -13.07 -22.62
N LYS C 107 -0.61 -12.80 -23.57
CA LYS C 107 -0.86 -12.99 -25.00
C LYS C 107 -0.30 -14.34 -25.48
N ARG C 108 -1.04 -14.99 -26.37
CA ARG C 108 -0.55 -16.23 -27.00
C ARG C 108 -1.44 -16.55 -28.20
N GLN C 109 -1.11 -17.66 -28.88
CA GLN C 109 -1.84 -18.11 -30.07
C GLN C 109 -3.14 -18.81 -29.69
N PRO C 110 -4.17 -18.72 -30.53
CA PRO C 110 -5.46 -19.35 -30.22
C PRO C 110 -5.32 -20.86 -30.15
N ARG C 111 -6.22 -21.47 -29.37
CA ARG C 111 -6.20 -22.90 -29.12
C ARG C 111 -7.61 -23.45 -29.30
N GLU C 112 -7.71 -24.61 -29.93
CA GLU C 112 -9.02 -25.18 -30.23
C GLU C 112 -9.68 -25.71 -28.97
N PRO C 113 -10.93 -25.34 -28.69
CA PRO C 113 -11.61 -25.89 -27.51
C PRO C 113 -11.97 -27.35 -27.70
N GLN C 114 -11.74 -28.13 -26.65
CA GLN C 114 -12.24 -29.50 -26.57
C GLN C 114 -13.55 -29.48 -25.79
N VAL C 115 -14.57 -30.14 -26.34
CA VAL C 115 -15.90 -30.14 -25.74
C VAL C 115 -16.23 -31.57 -25.31
N TYR C 116 -16.65 -31.73 -24.05
CA TYR C 116 -16.96 -33.03 -23.48
C TYR C 116 -18.27 -32.94 -22.72
N THR C 117 -19.18 -33.85 -23.00
CA THR C 117 -20.47 -33.90 -22.34
C THR C 117 -20.45 -34.93 -21.21
N LEU C 118 -21.07 -34.57 -20.09
CA LEU C 118 -21.10 -35.44 -18.92
C LEU C 118 -22.54 -35.71 -18.53
N PRO C 119 -22.96 -36.98 -18.46
CA PRO C 119 -24.32 -37.29 -18.01
C PRO C 119 -24.47 -37.00 -16.53
N PRO C 120 -25.70 -36.94 -16.03
CA PRO C 120 -25.89 -36.67 -14.60
C PRO C 120 -25.33 -37.78 -13.73
N SER C 121 -24.86 -37.40 -12.55
CA SER C 121 -24.44 -38.38 -11.56
C SER C 121 -25.64 -39.22 -11.12
N ARG C 122 -25.36 -40.49 -10.78
CA ARG C 122 -26.42 -41.38 -10.32
C ARG C 122 -27.12 -40.83 -9.08
N ASP C 123 -26.40 -40.08 -8.25
CA ASP C 123 -26.99 -39.52 -7.04
C ASP C 123 -28.10 -38.53 -7.35
N GLU C 124 -28.03 -37.88 -8.51
CA GLU C 124 -29.01 -36.85 -8.85
C GLU C 124 -30.33 -37.42 -9.35
N LEU C 125 -30.36 -38.70 -9.70
CA LEU C 125 -31.57 -39.33 -10.24
C LEU C 125 -32.67 -39.49 -9.20
N THR C 126 -32.44 -39.10 -7.94
CA THR C 126 -33.51 -39.09 -6.94
C THR C 126 -34.37 -37.84 -7.02
N LYS C 127 -33.85 -36.75 -7.60
CA LYS C 127 -34.57 -35.49 -7.67
C LYS C 127 -35.45 -35.44 -8.91
N ASN C 128 -36.35 -34.45 -8.94
CA ASN C 128 -37.23 -34.26 -10.08
C ASN C 128 -36.51 -33.62 -11.27
N GLN C 129 -35.38 -32.96 -11.05
CA GLN C 129 -34.60 -32.32 -12.10
C GLN C 129 -33.19 -32.88 -12.08
N VAL C 130 -32.59 -33.02 -13.26
CA VAL C 130 -31.23 -33.52 -13.40
C VAL C 130 -30.40 -32.47 -14.12
N SER C 131 -29.08 -32.59 -13.97
CA SER C 131 -28.13 -31.65 -14.54
C SER C 131 -27.33 -32.31 -15.65
N LEU C 132 -27.34 -31.70 -16.83
CA LEU C 132 -26.51 -32.10 -17.95
C LEU C 132 -25.29 -31.20 -18.01
N TRP C 133 -24.11 -31.80 -18.17
CA TRP C 133 -22.86 -31.07 -18.04
C TRP C 133 -22.12 -31.04 -19.38
N CYS C 134 -21.49 -29.90 -19.65
CA CYS C 134 -20.68 -29.71 -20.84
C CYS C 134 -19.39 -29.01 -20.42
N LEU C 135 -18.28 -29.73 -20.48
CA LEU C 135 -16.97 -29.18 -20.14
C LEU C 135 -16.29 -28.71 -21.42
N VAL C 136 -15.89 -27.44 -21.44
CA VAL C 136 -15.16 -26.85 -22.56
C VAL C 136 -13.82 -26.40 -22.00
N LYS C 137 -12.74 -27.03 -22.44
CA LYS C 137 -11.43 -26.76 -21.87
C LYS C 137 -10.39 -26.57 -22.96
N GLY C 138 -9.27 -25.98 -22.57
CA GLY C 138 -8.13 -25.86 -23.45
C GLY C 138 -8.23 -24.79 -24.51
N PHE C 139 -9.13 -23.83 -24.37
CA PHE C 139 -9.33 -22.84 -25.42
C PHE C 139 -8.69 -21.51 -25.07
N TYR C 140 -8.37 -20.75 -26.12
CA TYR C 140 -7.77 -19.43 -26.04
C TYR C 140 -8.14 -18.66 -27.30
N PRO C 141 -8.52 -17.39 -27.19
CA PRO C 141 -8.65 -16.62 -25.95
C PRO C 141 -9.94 -16.93 -25.17
N SER C 142 -10.17 -16.20 -24.09
CA SER C 142 -11.28 -16.49 -23.19
C SER C 142 -12.63 -16.06 -23.76
N ASP C 143 -12.65 -15.27 -24.83
CA ASP C 143 -13.91 -14.82 -25.43
C ASP C 143 -14.59 -16.02 -26.07
N ILE C 144 -15.72 -16.45 -25.49
CA ILE C 144 -16.40 -17.65 -25.96
C ILE C 144 -17.86 -17.57 -25.56
N ALA C 145 -18.71 -18.26 -26.31
CA ALA C 145 -20.14 -18.35 -26.02
C ALA C 145 -20.58 -19.81 -26.15
N VAL C 146 -21.42 -20.24 -25.22
CA VAL C 146 -21.88 -21.63 -25.15
C VAL C 146 -23.40 -21.63 -25.08
N GLU C 147 -24.03 -22.42 -25.93
CA GLU C 147 -25.47 -22.55 -25.97
C GLU C 147 -25.87 -24.03 -25.96
N TRP C 148 -27.09 -24.29 -25.53
CA TRP C 148 -27.67 -25.63 -25.52
C TRP C 148 -28.86 -25.67 -26.47
N GLU C 149 -29.05 -26.83 -27.10
CA GLU C 149 -30.21 -27.03 -27.95
C GLU C 149 -30.66 -28.49 -27.87
N SER C 150 -31.95 -28.69 -28.14
CA SER C 150 -32.56 -30.02 -28.15
C SER C 150 -33.71 -29.98 -29.14
N ASN C 151 -33.74 -30.95 -30.05
CA ASN C 151 -34.76 -31.02 -31.09
C ASN C 151 -34.72 -29.79 -32.00
N GLY C 152 -33.50 -29.29 -32.25
CA GLY C 152 -33.28 -28.16 -33.12
C GLY C 152 -33.55 -26.80 -32.52
N GLN C 153 -34.18 -26.74 -31.33
CA GLN C 153 -34.54 -25.50 -30.67
C GLN C 153 -33.67 -25.26 -29.45
N PRO C 154 -33.29 -24.01 -29.19
CA PRO C 154 -32.45 -23.73 -28.01
C PRO C 154 -33.14 -24.07 -26.70
N GLU C 155 -32.36 -24.57 -25.75
CA GLU C 155 -32.80 -24.84 -24.40
C GLU C 155 -32.48 -23.64 -23.52
N ASN C 156 -33.43 -23.23 -22.70
CA ASN C 156 -33.30 -21.97 -21.97
C ASN C 156 -32.66 -22.12 -20.60
N ASN C 157 -33.00 -23.18 -19.86
CA ASN C 157 -32.60 -23.31 -18.45
C ASN C 157 -31.16 -23.85 -18.36
N TYR C 158 -30.21 -23.00 -18.75
CA TYR C 158 -28.80 -23.34 -18.62
C TYR C 158 -28.03 -22.17 -18.05
N LYS C 159 -26.96 -22.49 -17.34
CA LYS C 159 -26.02 -21.52 -16.81
C LYS C 159 -24.60 -21.94 -17.18
N THR C 160 -23.75 -20.96 -17.42
CA THR C 160 -22.37 -21.21 -17.80
C THR C 160 -21.45 -20.44 -16.85
N THR C 161 -20.43 -21.12 -16.34
CA THR C 161 -19.48 -20.46 -15.48
C THR C 161 -18.56 -19.56 -16.31
N PRO C 162 -18.01 -18.52 -15.70
CA PRO C 162 -17.02 -17.70 -16.40
C PRO C 162 -15.80 -18.53 -16.76
N PRO C 163 -15.03 -18.12 -17.76
CA PRO C 163 -13.79 -18.83 -18.07
C PRO C 163 -12.82 -18.79 -16.90
N VAL C 164 -12.15 -19.92 -16.66
CA VAL C 164 -11.21 -20.08 -15.57
C VAL C 164 -9.83 -20.36 -16.16
N LEU C 165 -8.82 -19.65 -15.68
CA LEU C 165 -7.46 -19.86 -16.19
C LEU C 165 -6.94 -21.20 -15.70
N ASP C 166 -6.49 -22.04 -16.63
CA ASP C 166 -5.94 -23.33 -16.30
C ASP C 166 -4.42 -23.22 -16.11
N SER C 167 -3.82 -24.32 -15.65
CA SER C 167 -2.40 -24.33 -15.32
C SER C 167 -1.51 -24.23 -16.55
N ASP C 168 -2.03 -24.52 -17.74
CA ASP C 168 -1.24 -24.50 -18.96
C ASP C 168 -1.41 -23.24 -19.78
N GLY C 169 -2.08 -22.22 -19.23
CA GLY C 169 -2.30 -20.97 -19.93
C GLY C 169 -3.58 -20.89 -20.71
N SER C 170 -4.28 -22.01 -20.90
CA SER C 170 -5.56 -22.03 -21.58
C SER C 170 -6.69 -21.74 -20.59
N PHE C 171 -7.92 -21.75 -21.09
CA PHE C 171 -9.09 -21.51 -20.27
C PHE C 171 -10.02 -22.72 -20.32
N PHE C 172 -10.86 -22.85 -19.29
CA PHE C 172 -11.91 -23.85 -19.28
C PHE C 172 -13.13 -23.29 -18.57
N LEU C 173 -14.28 -23.91 -18.82
CA LEU C 173 -15.51 -23.56 -18.12
C LEU C 173 -16.44 -24.76 -18.14
N TYR C 174 -17.50 -24.65 -17.36
CA TYR C 174 -18.56 -25.66 -17.30
C TYR C 174 -19.89 -25.00 -17.60
N SER C 175 -20.76 -25.73 -18.30
CA SER C 175 -22.11 -25.28 -18.58
C SER C 175 -23.08 -26.33 -18.04
N LYS C 176 -24.03 -25.88 -17.24
CA LYS C 176 -24.99 -26.76 -16.57
C LYS C 176 -26.37 -26.54 -17.17
N LEU C 177 -26.86 -27.54 -17.89
CA LEU C 177 -28.22 -27.53 -18.43
C LEU C 177 -29.11 -28.32 -17.49
N THR C 178 -30.11 -27.66 -16.91
CA THR C 178 -31.04 -28.30 -15.99
C THR C 178 -32.32 -28.65 -16.73
N VAL C 179 -32.64 -29.94 -16.76
CA VAL C 179 -33.83 -30.44 -17.44
C VAL C 179 -34.63 -31.30 -16.48
N ASP C 180 -35.90 -31.49 -16.81
CA ASP C 180 -36.76 -32.37 -16.03
C ASP C 180 -36.24 -33.80 -16.11
N LYS C 181 -36.33 -34.52 -14.98
CA LYS C 181 -35.82 -35.89 -14.94
C LYS C 181 -36.48 -36.77 -15.99
N SER C 182 -37.77 -36.55 -16.25
CA SER C 182 -38.46 -37.37 -17.23
C SER C 182 -37.84 -37.24 -18.63
N ARG C 183 -37.47 -36.02 -19.02
CA ARG C 183 -36.97 -35.80 -20.38
C ARG C 183 -35.67 -36.57 -20.63
N TRP C 184 -34.79 -36.64 -19.63
CA TRP C 184 -33.53 -37.38 -19.80
C TRP C 184 -33.77 -38.88 -19.94
N GLN C 185 -34.58 -39.45 -19.03
CA GLN C 185 -34.76 -40.90 -19.01
C GLN C 185 -35.47 -41.42 -20.25
N GLN C 186 -36.27 -40.58 -20.89
CA GLN C 186 -37.04 -40.94 -22.07
C GLN C 186 -36.19 -40.99 -23.35
N GLY C 187 -34.92 -40.61 -23.28
CA GLY C 187 -34.03 -40.73 -24.42
C GLY C 187 -33.91 -39.51 -25.31
N ASN C 188 -34.31 -38.33 -24.83
CA ASN C 188 -34.14 -37.12 -25.62
C ASN C 188 -32.66 -36.81 -25.83
N VAL C 189 -32.31 -36.33 -27.02
CA VAL C 189 -30.93 -36.03 -27.38
C VAL C 189 -30.70 -34.54 -27.23
N PHE C 190 -29.70 -34.18 -26.41
CA PHE C 190 -29.33 -32.80 -26.15
C PHE C 190 -27.97 -32.49 -26.75
N SER C 191 -27.78 -31.24 -27.17
CA SER C 191 -26.56 -30.82 -27.84
C SER C 191 -26.00 -29.56 -27.18
N CYS C 192 -24.69 -29.59 -26.91
CA CYS C 192 -23.95 -28.45 -26.39
C CYS C 192 -23.22 -27.80 -27.56
N SER C 193 -23.52 -26.54 -27.83
CA SER C 193 -22.94 -25.82 -28.96
C SER C 193 -21.96 -24.78 -28.46
N VAL C 194 -20.78 -24.74 -29.07
CA VAL C 194 -19.70 -23.86 -28.66
C VAL C 194 -19.21 -23.09 -29.88
N MET C 195 -19.11 -21.77 -29.75
CA MET C 195 -18.63 -20.90 -30.82
C MET C 195 -17.37 -20.21 -30.34
N HIS C 196 -16.29 -20.36 -31.09
CA HIS C 196 -15.00 -19.83 -30.69
C HIS C 196 -14.15 -19.61 -31.95
N GLU C 197 -13.29 -18.60 -31.89
CA GLU C 197 -12.54 -18.18 -33.07
C GLU C 197 -11.54 -19.20 -33.56
N ALA C 198 -11.12 -20.14 -32.70
CA ALA C 198 -10.13 -21.14 -33.07
C ALA C 198 -10.77 -22.43 -33.61
N LEU C 199 -12.09 -22.49 -33.70
CA LEU C 199 -12.76 -23.67 -34.21
C LEU C 199 -12.92 -23.62 -35.72
N HIS C 200 -13.00 -24.79 -36.34
CA HIS C 200 -13.33 -24.89 -37.76
C HIS C 200 -14.75 -24.38 -37.97
N ASN C 201 -14.90 -23.42 -38.88
CA ASN C 201 -16.15 -22.70 -39.11
C ASN C 201 -16.64 -21.99 -37.86
N HIS C 202 -15.73 -21.79 -36.89
CA HIS C 202 -16.03 -21.09 -35.64
C HIS C 202 -17.19 -21.73 -34.88
N TYR C 203 -17.33 -23.05 -34.99
CA TYR C 203 -18.49 -23.72 -34.41
C TYR C 203 -18.20 -25.21 -34.26
N THR C 204 -18.70 -25.79 -33.17
CA THR C 204 -18.67 -27.23 -32.98
C THR C 204 -19.79 -27.62 -32.02
N GLN C 205 -20.18 -28.88 -32.08
CA GLN C 205 -21.25 -29.41 -31.24
C GLN C 205 -20.86 -30.77 -30.71
N LYS C 206 -21.39 -31.10 -29.53
CA LYS C 206 -21.28 -32.42 -28.95
C LYS C 206 -22.66 -32.85 -28.45
N SER C 207 -23.05 -34.08 -28.76
CA SER C 207 -24.36 -34.59 -28.40
C SER C 207 -24.30 -35.36 -27.08
N LEU C 208 -25.46 -35.51 -26.46
CA LEU C 208 -25.56 -36.16 -25.15
C LEU C 208 -26.93 -36.81 -25.03
N SER C 209 -26.94 -38.13 -24.85
CA SER C 209 -28.17 -38.89 -24.73
C SER C 209 -27.96 -40.01 -23.72
N LEU C 210 -29.07 -40.52 -23.19
CA LEU C 210 -29.01 -41.61 -22.23
C LEU C 210 -28.55 -42.90 -22.91
N SER C 211 -27.69 -43.65 -22.24
CA SER C 211 -27.17 -44.90 -22.78
C SER C 211 -28.18 -46.03 -22.60
N GLN D 1 8.53 -14.62 10.15
CA GLN D 1 7.57 -13.81 9.42
C GLN D 1 6.26 -13.67 10.18
N VAL D 2 5.61 -12.52 10.03
CA VAL D 2 4.36 -12.20 10.70
C VAL D 2 3.19 -12.62 9.84
N GLN D 3 2.16 -13.19 10.47
CA GLN D 3 1.00 -13.69 9.76
C GLN D 3 -0.28 -13.14 10.38
N LEU D 4 -1.28 -12.91 9.54
CA LEU D 4 -2.57 -12.38 9.94
C LEU D 4 -3.69 -13.28 9.42
N GLN D 5 -4.56 -13.75 10.31
CA GLN D 5 -5.77 -14.42 9.88
C GLN D 5 -7.00 -13.86 10.59
N GLU D 6 -8.10 -13.95 9.86
CA GLU D 6 -9.36 -13.31 10.19
C GLU D 6 -10.42 -14.37 10.41
N SER D 7 -11.32 -14.08 11.33
CA SER D 7 -12.34 -15.04 11.73
C SER D 7 -13.61 -14.27 12.05
N GLY D 8 -14.70 -15.01 12.25
CA GLY D 8 -15.99 -14.42 12.44
C GLY D 8 -17.01 -14.99 11.48
N PRO D 9 -18.29 -14.72 11.75
CA PRO D 9 -19.35 -15.32 10.93
C PRO D 9 -19.39 -14.71 9.54
N GLY D 10 -19.66 -15.55 8.55
CA GLY D 10 -19.66 -15.12 7.18
C GLY D 10 -21.06 -14.87 6.63
N LEU D 11 -22.04 -14.76 7.52
CA LEU D 11 -23.40 -14.42 7.13
C LEU D 11 -24.07 -13.70 8.28
N VAL D 12 -24.37 -12.41 8.09
CA VAL D 12 -25.14 -11.63 9.05
C VAL D 12 -26.40 -11.14 8.37
N LYS D 13 -27.48 -11.07 9.14
CA LYS D 13 -28.74 -10.59 8.60
C LYS D 13 -28.74 -9.07 8.51
N PRO D 14 -29.49 -8.49 7.57
CA PRO D 14 -29.47 -7.03 7.40
C PRO D 14 -29.90 -6.30 8.67
N SER D 15 -29.35 -5.09 8.84
CA SER D 15 -29.60 -4.22 9.99
C SER D 15 -29.05 -4.81 11.28
N GLU D 16 -28.04 -5.66 11.19
CA GLU D 16 -27.36 -6.24 12.34
C GLU D 16 -25.89 -5.84 12.30
N THR D 17 -25.14 -6.25 13.31
CA THR D 17 -23.73 -5.88 13.43
C THR D 17 -22.83 -6.95 12.83
N LEU D 18 -21.73 -6.51 12.22
CA LEU D 18 -20.67 -7.38 11.73
C LEU D 18 -19.54 -7.48 12.75
N SER D 19 -19.17 -8.71 13.10
CA SER D 19 -18.05 -8.96 14.00
C SER D 19 -16.99 -9.75 13.26
N LEU D 20 -15.78 -9.21 13.22
CA LEU D 20 -14.63 -9.88 12.63
C LEU D 20 -13.41 -9.60 13.51
N THR D 21 -12.59 -10.61 13.73
CA THR D 21 -11.37 -10.47 14.53
C THR D 21 -10.17 -10.95 13.73
N CYS D 22 -9.11 -10.15 13.72
CA CYS D 22 -7.85 -10.49 13.08
C CYS D 22 -6.86 -10.87 14.17
N THR D 23 -6.35 -12.09 14.12
CA THR D 23 -5.38 -12.57 15.10
C THR D 23 -4.00 -12.46 14.51
N VAL D 24 -3.14 -11.68 15.15
CA VAL D 24 -1.77 -11.51 14.70
C VAL D 24 -0.90 -12.55 15.38
N SER D 25 -0.16 -13.30 14.58
CA SER D 25 0.79 -14.28 15.08
C SER D 25 2.15 -14.01 14.45
N GLY D 26 3.21 -14.39 15.17
CA GLY D 26 4.55 -14.10 14.70
C GLY D 26 4.97 -12.66 14.83
N GLY D 27 4.24 -11.86 15.60
CA GLY D 27 4.54 -10.45 15.80
C GLY D 27 3.64 -9.93 16.89
N SER D 28 3.92 -8.70 17.33
CA SER D 28 3.22 -8.15 18.48
C SER D 28 2.16 -7.16 18.02
N VAL D 29 0.95 -7.29 18.57
CA VAL D 29 -0.15 -6.43 18.16
C VAL D 29 0.01 -5.03 18.70
N SER D 30 0.44 -4.91 19.96
CA SER D 30 0.48 -3.62 20.63
C SER D 30 1.92 -3.12 20.74
N SER D 31 2.50 -2.89 19.57
CA SER D 31 3.85 -2.37 19.42
C SER D 31 3.82 -1.30 18.34
N GLY D 32 4.20 -0.07 18.71
CA GLY D 32 4.31 1.04 17.78
C GLY D 32 4.91 0.75 16.42
N SER D 33 4.86 1.77 15.56
CA SER D 33 5.30 1.77 14.16
C SER D 33 4.39 0.97 13.24
N TYR D 34 3.34 0.31 13.76
CA TYR D 34 2.40 -0.40 12.91
C TYR D 34 0.98 0.11 13.10
N TYR D 35 0.21 0.09 12.01
CA TYR D 35 -1.20 0.50 12.00
C TYR D 35 -2.00 -0.71 11.51
N TRP D 36 -2.65 -1.41 12.44
CA TRP D 36 -3.49 -2.54 12.12
C TRP D 36 -4.83 -2.05 11.57
N SER D 37 -5.15 -2.45 10.33
CA SER D 37 -6.23 -1.83 9.59
C SER D 37 -7.09 -2.89 8.91
N TRP D 38 -8.23 -2.44 8.39
CA TRP D 38 -9.21 -3.29 7.71
C TRP D 38 -9.48 -2.75 6.32
N ILE D 39 -9.51 -3.65 5.34
CA ILE D 39 -9.77 -3.31 3.95
C ILE D 39 -10.75 -4.34 3.39
N ARG D 40 -11.79 -3.88 2.70
CA ARG D 40 -12.77 -4.78 2.12
C ARG D 40 -12.80 -4.64 0.61
N GLN D 41 -13.25 -5.71 -0.06
CA GLN D 41 -13.33 -5.76 -1.51
C GLN D 41 -14.59 -6.48 -1.94
N PRO D 42 -15.59 -5.77 -2.47
CA PRO D 42 -16.78 -6.45 -2.98
C PRO D 42 -16.41 -7.31 -4.19
N PRO D 43 -17.20 -8.35 -4.47
CA PRO D 43 -16.87 -9.22 -5.60
C PRO D 43 -16.85 -8.45 -6.91
N GLY D 44 -15.74 -8.56 -7.63
CA GLY D 44 -15.55 -7.87 -8.89
C GLY D 44 -15.33 -6.37 -8.78
N LYS D 45 -15.33 -5.81 -7.58
CA LYS D 45 -15.13 -4.39 -7.38
C LYS D 45 -13.69 -4.13 -6.95
N GLY D 46 -13.42 -2.90 -6.51
CA GLY D 46 -12.10 -2.50 -6.08
C GLY D 46 -11.90 -2.59 -4.58
N LEU D 47 -10.78 -2.03 -4.13
CA LEU D 47 -10.39 -2.08 -2.73
C LEU D 47 -10.82 -0.81 -2.02
N GLU D 48 -11.46 -0.97 -0.86
CA GLU D 48 -11.93 0.14 -0.04
C GLU D 48 -11.26 0.07 1.33
N TRP D 49 -10.57 1.14 1.70
CA TRP D 49 -9.94 1.20 3.02
C TRP D 49 -10.98 1.60 4.05
N ILE D 50 -11.09 0.81 5.11
CA ILE D 50 -12.11 0.99 6.14
C ILE D 50 -11.57 1.89 7.25
N GLY D 51 -10.52 1.41 7.92
CA GLY D 51 -9.87 2.21 8.94
C GLY D 51 -8.76 1.41 9.58
N TYR D 52 -8.00 2.09 10.43
CA TYR D 52 -6.92 1.48 11.18
C TYR D 52 -7.09 1.79 12.66
N ILE D 53 -6.33 1.08 13.49
CA ILE D 53 -6.27 1.38 14.91
C ILE D 53 -4.81 1.33 15.34
N TYR D 54 -4.43 2.27 16.20
CA TYR D 54 -3.11 2.27 16.82
C TYR D 54 -3.20 1.51 18.14
N TYR D 55 -2.07 1.00 18.59
CA TYR D 55 -2.08 0.15 19.78
C TYR D 55 -2.51 0.90 21.04
N SER D 56 -2.43 2.23 21.04
CA SER D 56 -2.96 2.99 22.16
C SER D 56 -4.48 2.94 22.22
N GLY D 57 -5.13 2.70 21.08
CA GLY D 57 -6.57 2.68 20.98
C GLY D 57 -7.13 3.72 20.04
N SER D 58 -6.32 4.64 19.53
CA SER D 58 -6.79 5.67 18.62
C SER D 58 -7.18 5.07 17.28
N THR D 59 -8.25 5.62 16.70
CA THR D 59 -8.85 5.06 15.50
C THR D 59 -9.06 6.16 14.46
N ASN D 60 -8.78 5.83 13.20
CA ASN D 60 -9.14 6.66 12.06
C ASN D 60 -10.03 5.86 11.14
N TYR D 61 -11.18 6.41 10.80
CA TYR D 61 -12.17 5.72 9.98
C TYR D 61 -12.35 6.43 8.65
N ASN D 62 -12.80 5.68 7.66
CA ASN D 62 -13.25 6.28 6.41
C ASN D 62 -14.56 7.02 6.68
N PRO D 63 -14.67 8.28 6.26
CA PRO D 63 -15.89 9.05 6.59
C PRO D 63 -17.18 8.40 6.13
N SER D 64 -17.18 7.72 4.98
CA SER D 64 -18.42 7.10 4.51
C SER D 64 -18.91 6.01 5.45
N LEU D 65 -18.01 5.34 6.18
CA LEU D 65 -18.42 4.26 7.08
C LEU D 65 -18.51 4.66 8.55
N LYS D 66 -18.12 5.88 8.92
CA LYS D 66 -18.21 6.27 10.32
C LYS D 66 -19.66 6.23 10.79
N SER D 67 -19.82 6.13 12.11
CA SER D 67 -21.10 5.91 12.80
C SER D 67 -21.58 4.48 12.61
N ARG D 68 -20.87 3.71 11.78
CA ARG D 68 -21.13 2.30 11.62
C ARG D 68 -19.91 1.44 11.90
N VAL D 69 -18.73 2.04 12.02
CA VAL D 69 -17.47 1.31 12.14
C VAL D 69 -16.92 1.46 13.55
N THR D 70 -16.45 0.34 14.11
CA THR D 70 -15.78 0.31 15.40
C THR D 70 -14.65 -0.71 15.31
N ILE D 71 -13.41 -0.25 15.38
CA ILE D 71 -12.24 -1.12 15.39
C ILE D 71 -11.62 -1.05 16.78
N SER D 72 -11.24 -2.21 17.33
CA SER D 72 -10.75 -2.31 18.70
C SER D 72 -9.49 -3.16 18.75
N VAL D 73 -8.82 -3.12 19.90
CA VAL D 73 -7.62 -3.90 20.15
C VAL D 73 -7.78 -4.66 21.47
N ASP D 74 -7.34 -5.92 21.47
CA ASP D 74 -7.26 -6.73 22.68
C ASP D 74 -5.79 -7.12 22.83
N THR D 75 -5.04 -6.30 23.57
CA THR D 75 -3.61 -6.55 23.73
C THR D 75 -3.35 -7.85 24.47
N SER D 76 -4.27 -8.28 25.33
CA SER D 76 -4.09 -9.50 26.09
C SER D 76 -4.36 -10.77 25.27
N LYS D 77 -4.90 -10.64 24.07
CA LYS D 77 -5.13 -11.79 23.20
C LYS D 77 -4.46 -11.66 21.84
N ASN D 78 -3.68 -10.61 21.62
CA ASN D 78 -3.01 -10.35 20.34
C ASN D 78 -3.98 -10.33 19.17
N GLN D 79 -5.09 -9.60 19.35
CA GLN D 79 -6.14 -9.52 18.35
C GLN D 79 -6.58 -8.07 18.18
N PHE D 80 -7.04 -7.74 16.98
CA PHE D 80 -7.76 -6.49 16.78
C PHE D 80 -8.98 -6.79 15.90
N SER D 81 -10.14 -6.37 16.37
CA SER D 81 -11.42 -6.75 15.77
C SER D 81 -12.10 -5.56 15.12
N LEU D 82 -13.08 -5.87 14.27
CA LEU D 82 -13.86 -4.87 13.55
C LEU D 82 -15.34 -5.09 13.81
N LYS D 83 -16.06 -3.99 14.05
CA LYS D 83 -17.50 -4.00 14.23
C LYS D 83 -18.12 -3.08 13.19
N LEU D 84 -19.13 -3.58 12.48
CA LEU D 84 -19.83 -2.81 11.46
C LEU D 84 -21.32 -2.97 11.69
N SER D 85 -22.00 -1.88 12.04
CA SER D 85 -23.38 -1.91 12.47
C SER D 85 -24.33 -1.48 11.35
N SER D 86 -25.62 -1.80 11.55
CA SER D 86 -26.68 -1.51 10.59
C SER D 86 -26.26 -1.86 9.18
N VAL D 87 -26.10 -3.15 8.90
CA VAL D 87 -25.47 -3.63 7.68
C VAL D 87 -26.53 -3.89 6.61
N THR D 88 -26.21 -3.55 5.36
CA THR D 88 -27.03 -3.83 4.20
C THR D 88 -26.25 -4.71 3.23
N ALA D 89 -26.90 -5.04 2.11
CA ALA D 89 -26.25 -5.84 1.07
C ALA D 89 -25.07 -5.11 0.44
N ALA D 90 -25.00 -3.78 0.59
CA ALA D 90 -23.85 -3.04 0.10
C ALA D 90 -22.58 -3.33 0.88
N ASP D 91 -22.68 -4.05 2.00
CA ASP D 91 -21.51 -4.41 2.80
C ASP D 91 -21.04 -5.84 2.51
N THR D 92 -21.72 -6.58 1.64
CA THR D 92 -21.27 -7.90 1.25
C THR D 92 -19.97 -7.78 0.46
N ALA D 93 -18.89 -8.34 1.01
CA ALA D 93 -17.58 -8.20 0.42
C ALA D 93 -16.63 -9.16 1.10
N VAL D 94 -15.42 -9.25 0.55
CA VAL D 94 -14.31 -9.94 1.19
C VAL D 94 -13.55 -8.92 2.03
N TYR D 95 -13.46 -9.17 3.33
CA TYR D 95 -12.80 -8.28 4.26
C TYR D 95 -11.38 -8.76 4.53
N TYR D 96 -10.41 -7.88 4.33
CA TYR D 96 -9.01 -8.17 4.61
C TYR D 96 -8.58 -7.37 5.84
N CYS D 97 -7.77 -7.98 6.70
CA CYS D 97 -7.02 -7.24 7.70
C CYS D 97 -5.57 -7.18 7.25
N ALA D 98 -4.96 -6.01 7.43
CA ALA D 98 -3.56 -5.80 7.06
C ALA D 98 -2.90 -4.93 8.10
N ARG D 99 -1.57 -4.89 8.08
CA ARG D 99 -0.82 -3.98 8.91
C ARG D 99 -0.11 -2.96 8.03
N GLU D 100 -0.11 -1.71 8.47
CA GLU D 100 0.57 -0.64 7.75
C GLU D 100 2.01 -0.59 8.24
N GLY D 101 2.96 -0.87 7.34
CA GLY D 101 4.35 -1.02 7.73
C GLY D 101 5.03 0.31 8.02
N LYS D 102 6.25 0.22 8.57
CA LYS D 102 7.04 1.42 8.84
C LYS D 102 7.15 2.29 7.59
N ASN D 103 7.65 1.71 6.50
CA ASN D 103 7.74 2.40 5.22
C ASN D 103 6.45 2.19 4.43
N GLY D 104 5.83 3.27 4.01
CA GLY D 104 4.63 3.21 3.21
C GLY D 104 3.48 2.54 3.92
N ALA D 105 2.99 1.41 3.39
CA ALA D 105 1.80 0.80 3.95
C ALA D 105 1.64 -0.64 3.48
N PHE D 106 0.88 -1.40 4.27
CA PHE D 106 0.30 -2.69 3.90
C PHE D 106 1.33 -3.66 3.32
N ASP D 107 2.31 -4.00 4.16
CA ASP D 107 3.31 -4.98 3.78
C ASP D 107 2.85 -6.42 4.06
N ILE D 108 1.85 -6.61 4.92
CA ILE D 108 1.39 -7.93 5.32
C ILE D 108 -0.14 -7.93 5.33
N TRP D 109 -0.75 -8.84 4.58
CA TRP D 109 -2.19 -8.95 4.46
C TRP D 109 -2.69 -10.24 5.10
N GLY D 110 -3.99 -10.25 5.39
CA GLY D 110 -4.66 -11.47 5.81
C GLY D 110 -5.10 -12.29 4.62
N GLN D 111 -5.63 -13.49 4.91
CA GLN D 111 -6.07 -14.36 3.84
C GLN D 111 -7.37 -13.89 3.19
N GLY D 112 -8.15 -13.07 3.89
CA GLY D 112 -9.46 -12.66 3.40
C GLY D 112 -10.58 -13.58 3.87
N THR D 113 -11.66 -12.97 4.35
CA THR D 113 -12.87 -13.69 4.71
C THR D 113 -14.07 -12.98 4.09
N MET D 114 -14.87 -13.72 3.34
CA MET D 114 -16.02 -13.12 2.69
C MET D 114 -17.22 -13.14 3.62
N VAL D 115 -17.94 -12.02 3.65
CA VAL D 115 -19.14 -11.88 4.45
C VAL D 115 -20.29 -11.54 3.51
N THR D 116 -21.33 -12.35 3.53
CA THR D 116 -22.55 -12.11 2.77
C THR D 116 -23.60 -11.51 3.70
N VAL D 117 -24.27 -10.47 3.23
CA VAL D 117 -25.32 -9.81 3.99
C VAL D 117 -26.64 -10.15 3.32
N SER D 118 -27.48 -10.92 4.01
CA SER D 118 -28.73 -11.35 3.41
C SER D 118 -29.67 -11.86 4.50
N SER D 119 -30.96 -11.76 4.23
CA SER D 119 -32.00 -12.31 5.08
C SER D 119 -32.29 -13.76 4.76
N ALA D 120 -31.83 -14.24 3.61
CA ALA D 120 -32.09 -15.62 3.18
C ALA D 120 -31.46 -16.61 4.13
N GLN D 121 -32.05 -17.81 4.18
CA GLN D 121 -31.63 -18.89 5.05
C GLN D 121 -30.52 -19.69 4.38
N PRO D 122 -29.55 -20.20 5.15
CA PRO D 122 -28.48 -20.99 4.55
C PRO D 122 -29.02 -22.27 3.96
N ARG D 123 -28.53 -22.61 2.76
CA ARG D 123 -28.94 -23.82 2.06
C ARG D 123 -27.76 -24.78 2.03
N GLU D 124 -28.07 -26.07 2.16
CA GLU D 124 -27.02 -27.08 2.24
C GLU D 124 -26.54 -27.44 0.84
N PRO D 125 -25.22 -27.51 0.61
CA PRO D 125 -24.73 -27.86 -0.73
C PRO D 125 -24.94 -29.32 -1.06
N GLN D 126 -25.33 -29.58 -2.31
CA GLN D 126 -25.36 -30.92 -2.86
C GLN D 126 -24.05 -31.18 -3.60
N VAL D 127 -23.43 -32.34 -3.34
CA VAL D 127 -22.14 -32.67 -3.91
C VAL D 127 -22.30 -33.89 -4.82
N TYR D 128 -21.81 -33.78 -6.05
CA TYR D 128 -21.91 -34.84 -7.04
C TYR D 128 -20.57 -35.00 -7.75
N THR D 129 -20.08 -36.24 -7.83
CA THR D 129 -18.85 -36.55 -8.54
C THR D 129 -19.17 -37.08 -9.92
N LEU D 130 -18.42 -36.63 -10.92
CA LEU D 130 -18.64 -37.01 -12.31
C LEU D 130 -17.38 -37.60 -12.91
N PRO D 131 -17.43 -38.80 -13.46
CA PRO D 131 -16.26 -39.38 -14.11
C PRO D 131 -15.92 -38.66 -15.40
N PRO D 132 -14.71 -38.84 -15.92
CA PRO D 132 -14.35 -38.15 -17.17
C PRO D 132 -15.20 -38.64 -18.33
N SER D 133 -15.39 -37.76 -19.31
CA SER D 133 -16.10 -38.16 -20.52
C SER D 133 -15.33 -39.26 -21.24
N ARG D 134 -16.08 -40.17 -21.86
CA ARG D 134 -15.45 -41.26 -22.60
C ARG D 134 -14.57 -40.74 -23.74
N ASP D 135 -14.96 -39.62 -24.35
CA ASP D 135 -14.15 -39.05 -25.42
C ASP D 135 -12.78 -38.61 -24.92
N GLU D 136 -12.67 -38.30 -23.62
CA GLU D 136 -11.42 -37.82 -23.05
C GLU D 136 -10.41 -38.93 -22.82
N LEU D 137 -10.85 -40.20 -22.80
CA LEU D 137 -9.94 -41.31 -22.56
C LEU D 137 -8.93 -41.51 -23.68
N THR D 138 -9.01 -40.74 -24.77
CA THR D 138 -7.99 -40.76 -25.80
C THR D 138 -6.81 -39.85 -25.46
N LYS D 139 -6.98 -38.92 -24.53
CA LYS D 139 -5.93 -37.99 -24.15
C LYS D 139 -5.02 -38.60 -23.09
N ASN D 140 -3.87 -37.96 -22.89
CA ASN D 140 -2.92 -38.43 -21.89
C ASN D 140 -3.33 -38.06 -20.47
N GLN D 141 -4.14 -37.01 -20.30
CA GLN D 141 -4.64 -36.59 -19.00
C GLN D 141 -6.15 -36.45 -19.08
N VAL D 142 -6.84 -36.79 -17.98
CA VAL D 142 -8.29 -36.75 -17.92
C VAL D 142 -8.74 -35.78 -16.84
N SER D 143 -10.01 -35.38 -16.93
CA SER D 143 -10.60 -34.40 -16.03
C SER D 143 -11.66 -35.07 -15.17
N LEU D 144 -11.50 -34.98 -13.85
CA LEU D 144 -12.49 -35.43 -12.89
C LEU D 144 -13.23 -34.22 -12.35
N SER D 145 -14.56 -34.27 -12.38
CA SER D 145 -15.39 -33.14 -12.01
C SER D 145 -16.10 -33.39 -10.69
N CYS D 146 -16.11 -32.37 -9.83
CA CYS D 146 -16.85 -32.36 -8.58
C CYS D 146 -17.84 -31.21 -8.64
N ALA D 147 -19.13 -31.54 -8.72
CA ALA D 147 -20.18 -30.55 -8.81
C ALA D 147 -20.75 -30.24 -7.43
N VAL D 148 -20.76 -28.96 -7.07
CA VAL D 148 -21.35 -28.49 -5.82
C VAL D 148 -22.40 -27.47 -6.19
N LYS D 149 -23.67 -27.76 -5.87
CA LYS D 149 -24.76 -26.89 -6.25
C LYS D 149 -25.74 -26.72 -5.10
N GLY D 150 -26.56 -25.68 -5.20
CA GLY D 150 -27.64 -25.48 -4.25
C GLY D 150 -27.25 -24.92 -2.90
N PHE D 151 -26.09 -24.29 -2.78
CA PHE D 151 -25.63 -23.78 -1.51
C PHE D 151 -25.78 -22.27 -1.41
N TYR D 152 -25.89 -21.80 -0.16
CA TYR D 152 -26.00 -20.38 0.16
C TYR D 152 -25.48 -20.21 1.57
N PRO D 153 -24.64 -19.18 1.83
CA PRO D 153 -24.15 -18.19 0.87
C PRO D 153 -23.03 -18.73 -0.01
N SER D 154 -22.43 -17.86 -0.81
CA SER D 154 -21.43 -18.30 -1.78
C SER D 154 -20.09 -18.68 -1.14
N ASP D 155 -19.90 -18.42 0.15
CA ASP D 155 -18.63 -18.73 0.81
C ASP D 155 -18.48 -20.25 0.91
N ILE D 156 -17.54 -20.81 0.15
CA ILE D 156 -17.37 -22.26 0.11
C ILE D 156 -15.94 -22.56 -0.30
N ALA D 157 -15.43 -23.71 0.15
CA ALA D 157 -14.09 -24.17 -0.16
C ALA D 157 -14.14 -25.64 -0.57
N VAL D 158 -13.41 -25.97 -1.63
CA VAL D 158 -13.41 -27.32 -2.21
C VAL D 158 -11.98 -27.79 -2.36
N GLU D 159 -11.69 -28.98 -1.82
CA GLU D 159 -10.36 -29.57 -1.88
C GLU D 159 -10.47 -30.99 -2.40
N TRP D 160 -9.39 -31.46 -3.02
CA TRP D 160 -9.30 -32.83 -3.52
C TRP D 160 -8.28 -33.61 -2.70
N GLU D 161 -8.56 -34.89 -2.51
CA GLU D 161 -7.71 -35.77 -1.72
C GLU D 161 -7.70 -37.14 -2.36
N SER D 162 -6.61 -37.87 -2.17
CA SER D 162 -6.53 -39.23 -2.67
C SER D 162 -5.61 -40.03 -1.77
N ASN D 163 -6.13 -41.11 -1.19
CA ASN D 163 -5.38 -41.99 -0.30
C ASN D 163 -4.85 -41.23 0.92
N GLY D 164 -5.62 -40.25 1.40
CA GLY D 164 -5.25 -39.44 2.53
C GLY D 164 -4.36 -38.25 2.23
N GLN D 165 -3.85 -38.12 1.00
CA GLN D 165 -2.93 -37.08 0.62
C GLN D 165 -3.57 -36.08 -0.33
N PRO D 166 -3.21 -34.80 -0.24
CA PRO D 166 -3.81 -33.80 -1.13
C PRO D 166 -3.42 -34.03 -2.58
N GLU D 167 -4.38 -33.81 -3.46
CA GLU D 167 -4.14 -33.75 -4.90
C GLU D 167 -4.08 -32.28 -5.32
N ASN D 168 -3.01 -31.91 -6.02
CA ASN D 168 -2.71 -30.50 -6.23
C ASN D 168 -3.29 -29.94 -7.52
N ASN D 169 -3.27 -30.73 -8.59
CA ASN D 169 -3.58 -30.23 -9.93
C ASN D 169 -5.09 -30.12 -10.14
N TYR D 170 -5.69 -29.16 -9.44
CA TYR D 170 -7.12 -28.90 -9.62
C TYR D 170 -7.37 -27.40 -9.70
N LYS D 171 -8.45 -27.05 -10.41
CA LYS D 171 -8.95 -25.68 -10.50
C LYS D 171 -10.44 -25.70 -10.20
N THR D 172 -10.92 -24.61 -9.60
CA THR D 172 -12.33 -24.49 -9.24
C THR D 172 -12.91 -23.23 -9.86
N THR D 173 -14.11 -23.35 -10.43
CA THR D 173 -14.77 -22.19 -10.99
C THR D 173 -15.33 -21.31 -9.86
N PRO D 174 -15.44 -20.01 -10.08
CA PRO D 174 -16.11 -19.15 -9.10
C PRO D 174 -17.56 -19.55 -8.94
N PRO D 175 -18.18 -19.26 -7.80
CA PRO D 175 -19.60 -19.57 -7.64
C PRO D 175 -20.44 -18.82 -8.66
N VAL D 176 -21.44 -19.51 -9.20
CA VAL D 176 -22.35 -18.94 -10.19
C VAL D 176 -23.75 -18.95 -9.60
N LEU D 177 -24.42 -17.81 -9.68
CA LEU D 177 -25.78 -17.69 -9.17
C LEU D 177 -26.75 -18.44 -10.08
N ASP D 178 -27.52 -19.36 -9.49
CA ASP D 178 -28.48 -20.13 -10.25
C ASP D 178 -29.82 -19.39 -10.30
N SER D 179 -30.75 -19.95 -11.06
CA SER D 179 -32.03 -19.28 -11.30
C SER D 179 -32.90 -19.22 -10.04
N ASP D 180 -32.64 -20.07 -9.05
CA ASP D 180 -33.44 -20.09 -7.83
C ASP D 180 -32.81 -19.32 -6.68
N GLY D 181 -31.74 -18.57 -6.94
CA GLY D 181 -31.09 -17.78 -5.92
C GLY D 181 -29.93 -18.46 -5.21
N SER D 182 -29.73 -19.76 -5.41
CA SER D 182 -28.61 -20.47 -4.82
C SER D 182 -27.39 -20.37 -5.73
N PHE D 183 -26.28 -20.99 -5.30
CA PHE D 183 -25.03 -20.97 -6.04
C PHE D 183 -24.61 -22.39 -6.41
N PHE D 184 -23.81 -22.49 -7.47
CA PHE D 184 -23.17 -23.75 -7.85
C PHE D 184 -21.78 -23.46 -8.38
N LEU D 185 -20.93 -24.48 -8.34
CA LEU D 185 -19.61 -24.41 -8.95
C LEU D 185 -19.14 -25.82 -9.23
N VAL D 186 -18.07 -25.93 -10.03
CA VAL D 186 -17.46 -27.20 -10.38
C VAL D 186 -15.96 -27.07 -10.21
N SER D 187 -15.35 -28.10 -9.63
CA SER D 187 -13.91 -28.19 -9.47
C SER D 187 -13.40 -29.30 -10.40
N LYS D 188 -12.37 -28.98 -11.19
CA LYS D 188 -11.83 -29.90 -12.18
C LYS D 188 -10.47 -30.38 -11.72
N LEU D 189 -10.36 -31.66 -11.36
CA LEU D 189 -9.10 -32.28 -11.00
C LEU D 189 -8.56 -33.04 -12.21
N THR D 190 -7.34 -32.70 -12.62
CA THR D 190 -6.68 -33.33 -13.76
C THR D 190 -5.67 -34.36 -13.26
N VAL D 191 -5.84 -35.60 -13.69
CA VAL D 191 -4.96 -36.69 -13.33
C VAL D 191 -4.49 -37.39 -14.61
N ASP D 192 -3.38 -38.11 -14.50
CA ASP D 192 -2.93 -38.92 -15.62
C ASP D 192 -3.97 -40.00 -15.91
N LYS D 193 -4.13 -40.31 -17.20
CA LYS D 193 -5.15 -41.28 -17.59
C LYS D 193 -4.95 -42.63 -16.90
N SER D 194 -3.69 -43.04 -16.75
CA SER D 194 -3.40 -44.35 -16.17
C SER D 194 -3.96 -44.48 -14.77
N ARG D 195 -3.90 -43.41 -13.96
CA ARG D 195 -4.40 -43.48 -12.59
C ARG D 195 -5.90 -43.74 -12.57
N TRP D 196 -6.64 -43.12 -13.49
CA TRP D 196 -8.08 -43.37 -13.54
C TRP D 196 -8.35 -44.82 -13.92
N GLN D 197 -7.67 -45.30 -14.97
CA GLN D 197 -7.89 -46.68 -15.43
C GLN D 197 -7.37 -47.70 -14.42
N GLN D 198 -6.39 -47.33 -13.59
CA GLN D 198 -5.90 -48.26 -12.58
C GLN D 198 -6.88 -48.45 -11.44
N GLY D 199 -7.92 -47.62 -11.36
CA GLY D 199 -8.88 -47.73 -10.30
C GLY D 199 -8.55 -46.93 -9.06
N ASN D 200 -7.72 -45.90 -9.19
CA ASN D 200 -7.41 -45.04 -8.06
C ASN D 200 -8.67 -44.35 -7.57
N VAL D 201 -8.82 -44.27 -6.26
CA VAL D 201 -10.00 -43.67 -5.65
C VAL D 201 -9.66 -42.24 -5.26
N PHE D 202 -10.44 -41.30 -5.77
CA PHE D 202 -10.25 -39.88 -5.47
C PHE D 202 -11.41 -39.38 -4.62
N SER D 203 -11.12 -38.39 -3.78
CA SER D 203 -12.10 -37.83 -2.86
C SER D 203 -12.19 -36.33 -3.05
N CYS D 204 -13.42 -35.84 -3.19
CA CYS D 204 -13.69 -34.41 -3.26
C CYS D 204 -14.16 -33.96 -1.89
N SER D 205 -13.47 -32.98 -1.31
CA SER D 205 -13.78 -32.46 0.01
C SER D 205 -14.42 -31.09 -0.12
N VAL D 206 -15.54 -30.88 0.57
CA VAL D 206 -16.27 -29.62 0.50
C VAL D 206 -16.54 -29.11 1.91
N MET D 207 -16.23 -27.84 2.14
CA MET D 207 -16.42 -27.18 3.42
C MET D 207 -17.35 -25.99 3.24
N HIS D 208 -18.41 -25.94 4.05
CA HIS D 208 -19.42 -24.90 3.95
C HIS D 208 -20.12 -24.78 5.29
N GLU D 209 -20.58 -23.57 5.62
CA GLU D 209 -21.16 -23.32 6.93
C GLU D 209 -22.50 -24.02 7.14
N ALA D 210 -23.18 -24.40 6.07
CA ALA D 210 -24.49 -25.05 6.19
C ALA D 210 -24.40 -26.56 6.27
N LEU D 211 -23.19 -27.13 6.23
CA LEU D 211 -23.01 -28.57 6.32
C LEU D 211 -22.85 -29.00 7.78
N HIS D 212 -23.23 -30.24 8.04
CA HIS D 212 -22.98 -30.82 9.36
C HIS D 212 -21.48 -30.93 9.61
N ASN D 213 -21.02 -30.32 10.70
CA ASN D 213 -19.60 -30.17 11.02
C ASN D 213 -18.85 -29.38 9.95
N HIS D 214 -19.58 -28.61 9.13
CA HIS D 214 -18.99 -27.76 8.10
C HIS D 214 -18.12 -28.53 7.11
N TYR D 215 -18.46 -29.81 6.86
CA TYR D 215 -17.57 -30.65 6.08
C TYR D 215 -18.31 -31.85 5.52
N THR D 216 -17.94 -32.24 4.30
CA THR D 216 -18.46 -33.47 3.70
C THR D 216 -17.47 -33.96 2.64
N GLN D 217 -17.56 -35.26 2.35
CA GLN D 217 -16.71 -35.92 1.36
C GLN D 217 -17.55 -36.75 0.41
N LYS D 218 -17.13 -36.78 -0.86
CA LYS D 218 -17.68 -37.68 -1.85
C LYS D 218 -16.53 -38.30 -2.61
N SER D 219 -16.58 -39.61 -2.80
CA SER D 219 -15.53 -40.32 -3.50
C SER D 219 -15.87 -40.45 -4.98
N LEU D 220 -14.84 -40.76 -5.77
CA LEU D 220 -15.00 -40.91 -7.21
C LEU D 220 -13.95 -41.91 -7.67
N SER D 221 -14.41 -43.03 -8.23
CA SER D 221 -13.50 -44.11 -8.61
C SER D 221 -14.02 -44.76 -9.89
N LEU D 222 -13.11 -45.44 -10.58
CA LEU D 222 -13.50 -46.20 -11.77
C LEU D 222 -14.27 -47.46 -11.39
N SER D 223 -13.68 -48.29 -10.53
CA SER D 223 -14.30 -49.53 -10.07
C SER D 223 -14.66 -50.47 -11.23
N ASP E 1 30.74 -52.98 -6.09
CA ASP E 1 30.32 -51.72 -5.49
C ASP E 1 31.36 -50.63 -5.73
N ILE E 2 30.90 -49.45 -6.15
CA ILE E 2 31.77 -48.32 -6.44
C ILE E 2 31.84 -47.42 -5.22
N GLN E 3 33.07 -47.11 -4.79
CA GLN E 3 33.30 -46.28 -3.62
C GLN E 3 33.44 -44.82 -4.01
N MET E 4 32.83 -43.94 -3.22
CA MET E 4 32.85 -42.49 -3.46
C MET E 4 33.58 -41.80 -2.32
N THR E 5 34.67 -41.11 -2.65
CA THR E 5 35.45 -40.37 -1.68
C THR E 5 35.15 -38.88 -1.81
N GLN E 6 34.80 -38.23 -0.70
CA GLN E 6 34.44 -36.83 -0.68
C GLN E 6 35.37 -36.07 0.26
N SER E 7 35.80 -34.89 -0.16
CA SER E 7 36.70 -34.04 0.63
C SER E 7 36.48 -32.59 0.25
N PRO E 8 36.57 -31.65 1.21
CA PRO E 8 36.85 -31.89 2.64
C PRO E 8 35.62 -32.31 3.42
N SER E 9 35.81 -33.03 4.52
CA SER E 9 34.66 -33.53 5.29
C SER E 9 33.87 -32.39 5.93
N SER E 10 34.55 -31.31 6.33
CA SER E 10 33.88 -30.17 6.94
C SER E 10 34.65 -28.90 6.62
N LEU E 11 33.93 -27.81 6.45
CA LEU E 11 34.57 -26.53 6.17
C LEU E 11 33.66 -25.39 6.60
N SER E 12 34.26 -24.32 7.10
CA SER E 12 33.57 -23.08 7.40
C SER E 12 34.09 -21.99 6.48
N ALA E 13 33.18 -21.22 5.89
CA ALA E 13 33.55 -20.18 4.94
C ALA E 13 32.67 -18.95 5.18
N SER E 14 33.18 -17.80 4.77
CA SER E 14 32.48 -16.54 4.99
C SER E 14 31.45 -16.31 3.89
N VAL E 15 30.58 -15.33 4.11
CA VAL E 15 29.56 -14.98 3.13
C VAL E 15 30.22 -14.35 1.91
N GLY E 16 29.89 -14.85 0.72
CA GLY E 16 30.48 -14.37 -0.50
C GLY E 16 31.72 -15.11 -0.95
N ASP E 17 32.26 -16.00 -0.12
CA ASP E 17 33.46 -16.73 -0.46
C ASP E 17 33.18 -17.75 -1.56
N ARG E 18 34.25 -18.20 -2.21
CA ARG E 18 34.18 -19.30 -3.16
C ARG E 18 34.39 -20.62 -2.41
N VAL E 19 33.47 -21.56 -2.60
CA VAL E 19 33.53 -22.85 -1.93
C VAL E 19 33.81 -23.93 -2.98
N THR E 20 34.65 -24.90 -2.61
CA THR E 20 35.03 -25.97 -3.51
C THR E 20 34.97 -27.29 -2.75
N ILE E 21 34.18 -28.22 -3.26
CA ILE E 21 34.05 -29.56 -2.69
C ILE E 21 34.51 -30.56 -3.75
N THR E 22 35.27 -31.57 -3.31
CA THR E 22 35.81 -32.59 -4.19
C THR E 22 35.07 -33.91 -3.98
N CYS E 23 34.76 -34.59 -5.07
CA CYS E 23 34.15 -35.92 -5.04
C CYS E 23 35.01 -36.82 -5.91
N ARG E 24 35.49 -37.93 -5.34
CA ARG E 24 36.36 -38.87 -6.02
C ARG E 24 35.67 -40.22 -6.08
N ALA E 25 35.75 -40.87 -7.24
CA ALA E 25 35.18 -42.20 -7.44
C ALA E 25 36.29 -43.24 -7.51
N SER E 26 35.96 -44.45 -7.07
CA SER E 26 36.95 -45.54 -7.11
C SER E 26 37.25 -46.01 -8.52
N GLN E 27 36.35 -45.74 -9.47
CA GLN E 27 36.58 -46.06 -10.87
C GLN E 27 35.89 -45.01 -11.72
N SER E 28 36.18 -45.03 -13.03
CA SER E 28 35.64 -44.02 -13.92
C SER E 28 34.12 -44.20 -14.07
N ILE E 29 33.38 -43.12 -13.90
CA ILE E 29 31.93 -43.13 -14.03
C ILE E 29 31.44 -42.12 -15.06
N SER E 30 32.33 -41.64 -15.93
CA SER E 30 31.98 -40.73 -17.02
C SER E 30 31.37 -39.46 -16.43
N SER E 31 30.13 -39.09 -16.79
CA SER E 31 29.51 -37.87 -16.30
C SER E 31 28.21 -38.14 -15.54
N TYR E 32 28.11 -39.28 -14.87
CA TYR E 32 26.91 -39.67 -14.13
C TYR E 32 27.19 -39.50 -12.63
N LEU E 33 27.05 -38.26 -12.14
CA LEU E 33 27.30 -37.99 -10.72
C LEU E 33 26.46 -36.81 -10.28
N ASN E 34 25.44 -37.06 -9.46
CA ASN E 34 24.52 -36.02 -9.03
C ASN E 34 24.96 -35.41 -7.72
N TRP E 35 24.53 -34.15 -7.49
CA TRP E 35 24.81 -33.42 -6.26
C TRP E 35 23.51 -33.14 -5.51
N TYR E 36 23.54 -33.34 -4.19
CA TYR E 36 22.37 -33.10 -3.35
C TYR E 36 22.72 -32.17 -2.20
N GLN E 37 21.70 -31.46 -1.72
CA GLN E 37 21.82 -30.57 -0.56
C GLN E 37 20.86 -31.07 0.51
N GLN E 38 21.39 -31.31 1.71
CA GLN E 38 20.57 -31.74 2.84
C GLN E 38 20.75 -30.77 3.99
N LYS E 39 19.70 -30.04 4.31
CA LYS E 39 19.68 -29.15 5.46
C LYS E 39 19.29 -29.92 6.71
N PRO E 40 19.64 -29.41 7.90
CA PRO E 40 19.36 -30.17 9.13
C PRO E 40 17.89 -30.48 9.28
N GLY E 41 17.59 -31.75 9.54
CA GLY E 41 16.23 -32.20 9.72
C GLY E 41 15.40 -32.28 8.45
N LYS E 42 15.98 -32.01 7.30
CA LYS E 42 15.27 -32.00 6.04
C LYS E 42 15.77 -33.11 5.12
N ALA E 43 14.94 -33.46 4.14
CA ALA E 43 15.33 -34.44 3.14
C ALA E 43 16.32 -33.84 2.16
N PRO E 44 17.12 -34.67 1.50
CA PRO E 44 18.05 -34.13 0.49
C PRO E 44 17.29 -33.51 -0.68
N LYS E 45 17.94 -32.54 -1.32
CA LYS E 45 17.38 -31.80 -2.44
C LYS E 45 18.37 -31.85 -3.58
N LEU E 46 17.89 -32.25 -4.76
CA LEU E 46 18.77 -32.37 -5.92
C LEU E 46 19.22 -31.00 -6.38
N LEU E 47 20.54 -30.84 -6.53
CA LEU E 47 21.14 -29.59 -7.01
C LEU E 47 21.63 -29.70 -8.44
N ILE E 48 22.45 -30.71 -8.73
CA ILE E 48 23.09 -30.87 -10.02
C ILE E 48 22.83 -32.28 -10.52
N TYR E 49 22.31 -32.41 -11.73
CA TYR E 49 22.24 -33.71 -12.38
C TYR E 49 23.25 -33.76 -13.53
N ALA E 50 23.42 -34.96 -14.08
CA ALA E 50 24.56 -35.27 -14.94
C ALA E 50 25.78 -35.00 -14.08
N ALA E 51 26.69 -34.10 -14.45
CA ALA E 51 27.71 -33.61 -13.55
C ALA E 51 27.78 -32.09 -13.49
N SER E 52 27.20 -31.38 -14.46
CA SER E 52 27.27 -29.94 -14.54
C SER E 52 25.92 -29.29 -14.82
N SER E 53 24.84 -30.06 -14.88
CA SER E 53 23.52 -29.54 -15.23
C SER E 53 22.77 -29.10 -13.98
N LEU E 54 22.23 -27.89 -14.01
CA LEU E 54 21.57 -27.31 -12.85
C LEU E 54 20.10 -27.72 -12.84
N GLN E 55 19.64 -28.19 -11.69
CA GLN E 55 18.24 -28.57 -11.53
C GLN E 55 17.37 -27.33 -11.47
N SER E 56 16.17 -27.42 -12.04
CA SER E 56 15.26 -26.29 -12.07
C SER E 56 14.97 -25.78 -10.65
N GLY E 57 14.99 -24.46 -10.50
CA GLY E 57 14.75 -23.85 -9.20
C GLY E 57 15.98 -23.63 -8.36
N VAL E 58 17.11 -24.22 -8.73
CA VAL E 58 18.35 -24.02 -7.97
C VAL E 58 18.99 -22.71 -8.41
N PRO E 59 19.45 -21.87 -7.47
CA PRO E 59 20.07 -20.61 -7.85
C PRO E 59 21.31 -20.82 -8.72
N SER E 60 21.65 -19.77 -9.47
CA SER E 60 22.74 -19.86 -10.44
C SER E 60 24.12 -19.90 -9.78
N ARG E 61 24.22 -19.62 -8.48
CA ARG E 61 25.51 -19.64 -7.81
C ARG E 61 26.07 -21.06 -7.64
N PHE E 62 25.31 -22.08 -8.01
CA PHE E 62 25.78 -23.46 -7.98
C PHE E 62 26.28 -23.88 -9.35
N SER E 63 27.41 -24.61 -9.36
CA SER E 63 28.02 -25.07 -10.60
C SER E 63 28.79 -26.35 -10.32
N GLY E 64 28.78 -27.25 -11.28
CA GLY E 64 29.48 -28.52 -11.14
C GLY E 64 30.42 -28.76 -12.29
N SER E 65 31.56 -29.36 -12.00
CA SER E 65 32.54 -29.71 -13.01
C SER E 65 33.04 -31.13 -12.76
N GLY E 66 33.68 -31.70 -13.77
CA GLY E 66 34.27 -33.02 -13.63
C GLY E 66 33.80 -34.03 -14.64
N SER E 67 34.59 -35.09 -14.82
CA SER E 67 34.25 -36.19 -15.71
C SER E 67 35.20 -37.35 -15.40
N GLY E 68 34.66 -38.56 -15.38
CA GLY E 68 35.48 -39.73 -15.16
C GLY E 68 35.60 -40.13 -13.70
N THR E 69 36.66 -39.67 -13.03
CA THR E 69 36.90 -40.04 -11.63
C THR E 69 36.95 -38.86 -10.67
N ASP E 70 37.23 -37.65 -11.14
CA ASP E 70 37.43 -36.50 -10.27
C ASP E 70 36.37 -35.45 -10.58
N PHE E 71 35.59 -35.09 -9.56
CA PHE E 71 34.49 -34.15 -9.73
C PHE E 71 34.59 -33.05 -8.67
N THR E 72 33.94 -31.91 -8.96
CA THR E 72 34.04 -30.74 -8.10
C THR E 72 32.76 -29.91 -8.15
N LEU E 73 32.17 -29.66 -6.98
CA LEU E 73 31.06 -28.74 -6.84
C LEU E 73 31.56 -27.40 -6.30
N THR E 74 31.04 -26.31 -6.86
CA THR E 74 31.54 -24.97 -6.56
C THR E 74 30.40 -23.99 -6.36
N ILE E 75 30.40 -23.30 -5.23
CA ILE E 75 29.49 -22.19 -4.97
C ILE E 75 30.26 -20.89 -5.15
N SER E 76 29.73 -20.00 -5.98
CA SER E 76 30.46 -18.78 -6.33
C SER E 76 30.51 -17.81 -5.15
N SER E 77 29.36 -17.46 -4.59
CA SER E 77 29.29 -16.57 -3.43
C SER E 77 28.36 -17.20 -2.40
N LEU E 78 28.94 -17.68 -1.30
CA LEU E 78 28.17 -18.39 -0.29
C LEU E 78 27.15 -17.47 0.35
N GLN E 79 25.93 -17.98 0.49
CA GLN E 79 24.83 -17.28 1.14
C GLN E 79 24.51 -17.94 2.47
N PRO E 80 23.88 -17.20 3.40
CA PRO E 80 23.55 -17.81 4.69
C PRO E 80 22.62 -19.01 4.59
N GLU E 81 21.70 -19.00 3.63
CA GLU E 81 20.79 -20.13 3.46
C GLU E 81 21.46 -21.36 2.87
N ASP E 82 22.70 -21.25 2.41
CA ASP E 82 23.41 -22.38 1.83
C ASP E 82 24.02 -23.30 2.88
N PHE E 83 23.75 -23.05 4.15
CA PHE E 83 24.25 -23.90 5.23
C PHE E 83 23.53 -25.25 5.17
N ALA E 84 24.28 -26.30 4.85
CA ALA E 84 23.73 -27.65 4.75
C ALA E 84 24.88 -28.63 4.60
N THR E 85 24.53 -29.89 4.41
CA THR E 85 25.48 -30.95 4.12
C THR E 85 25.28 -31.40 2.67
N TYR E 86 26.36 -31.47 1.91
CA TYR E 86 26.28 -31.74 0.48
C TYR E 86 26.82 -33.12 0.18
N TYR E 87 26.10 -33.86 -0.66
CA TYR E 87 26.44 -35.22 -1.03
C TYR E 87 26.58 -35.34 -2.55
N CYS E 88 27.54 -36.13 -2.98
CA CYS E 88 27.62 -36.56 -4.37
C CYS E 88 27.18 -38.02 -4.47
N GLN E 89 26.60 -38.37 -5.62
CA GLN E 89 26.06 -39.70 -5.82
C GLN E 89 26.39 -40.16 -7.23
N GLN E 90 27.02 -41.33 -7.35
CA GLN E 90 27.29 -41.90 -8.66
C GLN E 90 26.02 -42.53 -9.22
N SER E 91 25.86 -42.42 -10.54
CA SER E 91 24.65 -42.84 -11.21
C SER E 91 24.99 -43.67 -12.44
N TYR E 92 26.06 -44.47 -12.35
CA TYR E 92 26.51 -45.27 -13.48
C TYR E 92 26.08 -46.74 -13.36
N SER E 93 26.48 -47.42 -12.29
CA SER E 93 26.19 -48.83 -12.13
C SER E 93 25.69 -49.13 -10.72
N THR E 94 24.83 -50.14 -10.62
CA THR E 94 24.30 -50.58 -9.34
C THR E 94 25.35 -51.41 -8.59
N PRO E 95 25.39 -51.32 -7.25
CA PRO E 95 24.49 -50.52 -6.41
C PRO E 95 24.86 -49.04 -6.38
N LEU E 96 23.83 -48.19 -6.35
CA LEU E 96 24.05 -46.75 -6.27
C LEU E 96 24.67 -46.40 -4.93
N THR E 97 25.70 -45.54 -4.96
CA THR E 97 26.44 -45.19 -3.76
C THR E 97 26.57 -43.68 -3.66
N PHE E 98 26.56 -43.18 -2.43
CA PHE E 98 26.69 -41.75 -2.14
C PHE E 98 28.06 -41.45 -1.57
N GLY E 99 28.44 -40.17 -1.65
CA GLY E 99 29.64 -39.71 -1.02
C GLY E 99 29.49 -39.63 0.49
N GLY E 100 30.61 -39.38 1.17
CA GLY E 100 30.60 -39.29 2.62
C GLY E 100 29.91 -38.05 3.16
N GLY E 101 29.72 -37.04 2.34
CA GLY E 101 29.09 -35.81 2.79
C GLY E 101 30.08 -34.73 3.16
N THR E 102 29.73 -33.47 2.87
CA THR E 102 30.57 -32.33 3.19
C THR E 102 29.70 -31.28 3.88
N LYS E 103 29.93 -31.06 5.17
CA LYS E 103 29.16 -30.07 5.92
C LYS E 103 29.75 -28.69 5.66
N VAL E 104 28.91 -27.78 5.18
CA VAL E 104 29.31 -26.41 4.88
C VAL E 104 28.70 -25.51 5.96
N GLU E 105 29.51 -25.10 6.92
CA GLU E 105 29.13 -24.15 7.96
C GLU E 105 29.59 -22.74 7.58
N ILE E 106 28.92 -21.74 8.16
CA ILE E 106 29.17 -20.33 7.84
C ILE E 106 30.07 -19.74 8.93
N LYS E 107 31.07 -18.94 8.51
CA LYS E 107 32.00 -18.32 9.44
C LYS E 107 31.59 -16.87 9.69
N ARG E 108 31.42 -16.52 10.97
CA ARG E 108 31.04 -15.17 11.38
C ARG E 108 31.94 -14.64 12.50
N GLN E 109 31.53 -13.54 13.12
CA GLN E 109 32.20 -12.94 14.27
C GLN E 109 31.63 -13.53 15.56
N PRO E 110 32.47 -13.76 16.57
CA PRO E 110 32.00 -14.43 17.79
C PRO E 110 30.99 -13.60 18.56
N ARG E 111 30.12 -14.30 19.30
CA ARG E 111 29.07 -13.66 20.07
C ARG E 111 29.02 -14.25 21.48
N GLU E 112 28.79 -13.39 22.45
CA GLU E 112 28.79 -13.79 23.84
C GLU E 112 27.54 -14.59 24.17
N PRO E 113 27.65 -15.73 24.83
CA PRO E 113 26.46 -16.48 25.25
C PRO E 113 25.69 -15.77 26.34
N GLN E 114 24.36 -15.79 26.23
CA GLN E 114 23.47 -15.37 27.31
C GLN E 114 23.02 -16.62 28.07
N VAL E 115 23.11 -16.56 29.40
CA VAL E 115 22.82 -17.71 30.25
C VAL E 115 21.59 -17.40 31.11
N TYR E 116 20.61 -18.30 31.07
CA TYR E 116 19.35 -18.12 31.80
C TYR E 116 19.01 -19.42 32.51
N THR E 117 18.73 -19.34 33.80
CA THR E 117 18.36 -20.49 34.61
C THR E 117 16.85 -20.57 34.73
N LEU E 118 16.31 -21.79 34.66
CA LEU E 118 14.87 -22.00 34.73
C LEU E 118 14.54 -22.94 35.89
N PRO E 119 13.69 -22.53 36.81
CA PRO E 119 13.26 -23.43 37.90
C PRO E 119 12.36 -24.53 37.35
N PRO E 120 12.10 -25.58 38.13
CA PRO E 120 11.23 -26.65 37.65
C PRO E 120 9.82 -26.14 37.43
N SER E 121 9.14 -26.73 36.44
CA SER E 121 7.73 -26.42 36.24
C SER E 121 6.94 -26.88 37.45
N ARG E 122 5.86 -26.14 37.74
CA ARG E 122 5.02 -26.49 38.90
C ARG E 122 4.43 -27.88 38.77
N ASP E 123 4.16 -28.35 37.54
CA ASP E 123 3.60 -29.68 37.35
C ASP E 123 4.58 -30.78 37.76
N GLU E 124 5.88 -30.50 37.72
CA GLU E 124 6.88 -31.52 38.00
C GLU E 124 7.06 -31.80 39.49
N LEU E 125 6.56 -30.92 40.36
CA LEU E 125 6.74 -31.07 41.80
C LEU E 125 5.94 -32.24 42.38
N THR E 126 5.18 -32.97 41.56
CA THR E 126 4.50 -34.18 42.02
C THR E 126 5.44 -35.38 42.03
N LYS E 127 6.52 -35.34 41.25
CA LYS E 127 7.44 -36.46 41.12
C LYS E 127 8.49 -36.43 42.23
N ASN E 128 9.22 -37.53 42.35
CA ASN E 128 10.30 -37.63 43.32
C ASN E 128 11.55 -36.87 42.90
N GLN E 129 11.72 -36.61 41.61
CA GLN E 129 12.86 -35.90 41.06
C GLN E 129 12.38 -34.70 40.26
N VAL E 130 13.16 -33.62 40.29
CA VAL E 130 12.81 -32.42 39.53
C VAL E 130 13.96 -32.11 38.58
N SER E 131 13.64 -31.29 37.56
CA SER E 131 14.59 -30.92 36.52
C SER E 131 14.92 -29.45 36.62
N LEU E 132 16.21 -29.13 36.71
CA LEU E 132 16.71 -27.76 36.66
C LEU E 132 17.23 -27.49 35.25
N TRP E 133 16.82 -26.35 34.68
CA TRP E 133 17.09 -26.05 33.29
C TRP E 133 17.99 -24.83 33.16
N CYS E 134 18.87 -24.85 32.18
CA CYS E 134 19.79 -23.75 31.89
C CYS E 134 19.80 -23.51 30.39
N LEU E 135 19.26 -22.37 29.96
CA LEU E 135 19.24 -22.00 28.55
C LEU E 135 20.45 -21.14 28.23
N VAL E 136 21.24 -21.56 27.25
CA VAL E 136 22.40 -20.81 26.77
C VAL E 136 22.14 -20.48 25.31
N LYS E 137 21.98 -19.21 25.00
CA LYS E 137 21.59 -18.81 23.65
C LYS E 137 22.44 -17.64 23.16
N GLY E 138 22.41 -17.45 21.84
CA GLY E 138 23.04 -16.31 21.23
C GLY E 138 24.55 -16.37 21.08
N PHE E 139 25.15 -17.55 21.16
CA PHE E 139 26.60 -17.64 21.15
C PHE E 139 27.14 -18.10 19.80
N TYR E 140 28.39 -17.73 19.54
CA TYR E 140 29.12 -18.08 18.34
C TYR E 140 30.60 -18.04 18.68
N PRO E 141 31.39 -19.04 18.25
CA PRO E 141 30.94 -20.21 17.50
C PRO E 141 30.26 -21.25 18.39
N SER E 142 29.91 -22.40 17.81
CA SER E 142 29.13 -23.39 18.54
C SER E 142 29.94 -24.17 19.58
N ASP E 143 31.27 -24.09 19.52
CA ASP E 143 32.10 -24.83 20.47
C ASP E 143 31.90 -24.24 21.87
N ILE E 144 31.29 -25.03 22.76
CA ILE E 144 30.90 -24.54 24.08
C ILE E 144 30.81 -25.74 25.02
N ALA E 145 30.98 -25.48 26.32
CA ALA E 145 30.89 -26.50 27.35
C ALA E 145 30.05 -25.99 28.51
N VAL E 146 29.19 -26.86 29.04
CA VAL E 146 28.26 -26.51 30.11
C VAL E 146 28.38 -27.53 31.23
N GLU E 147 28.57 -27.04 32.46
CA GLU E 147 28.66 -27.87 33.66
C GLU E 147 27.76 -27.30 34.74
N TRP E 148 27.36 -28.17 35.67
CA TRP E 148 26.58 -27.79 36.83
C TRP E 148 27.39 -28.00 38.10
N GLU E 149 27.18 -27.15 39.09
CA GLU E 149 27.83 -27.29 40.39
C GLU E 149 26.89 -26.79 41.47
N SER E 150 27.07 -27.31 42.68
CA SER E 150 26.27 -26.90 43.83
C SER E 150 27.10 -27.05 45.10
N ASN E 151 27.21 -25.96 45.86
CA ASN E 151 27.96 -25.98 47.13
C ASN E 151 29.42 -26.38 46.91
N GLY E 152 30.00 -25.93 45.80
CA GLY E 152 31.38 -26.22 45.49
C GLY E 152 31.65 -27.57 44.85
N GLN E 153 30.64 -28.45 44.77
CA GLN E 153 30.86 -29.77 44.22
C GLN E 153 30.27 -29.87 42.82
N PRO E 154 30.95 -30.52 41.88
CA PRO E 154 30.37 -30.69 40.55
C PRO E 154 29.13 -31.56 40.63
N GLU E 155 28.11 -31.20 39.87
CA GLU E 155 26.91 -32.00 39.75
C GLU E 155 27.02 -32.85 38.48
N ASN E 156 26.76 -34.15 38.63
CA ASN E 156 26.99 -35.10 37.56
C ASN E 156 25.74 -35.42 36.76
N ASN E 157 24.58 -35.50 37.41
CA ASN E 157 23.35 -35.98 36.77
C ASN E 157 22.72 -34.86 35.94
N TYR E 158 23.42 -34.51 34.85
CA TYR E 158 22.92 -33.52 33.91
C TYR E 158 23.17 -34.00 32.49
N LYS E 159 22.30 -33.53 31.58
CA LYS E 159 22.45 -33.77 30.15
C LYS E 159 22.31 -32.45 29.42
N THR E 160 23.06 -32.30 28.34
CA THR E 160 23.07 -31.08 27.55
C THR E 160 22.78 -31.43 26.09
N THR E 161 21.86 -30.68 25.48
CA THR E 161 21.54 -30.89 24.08
C THR E 161 22.67 -30.36 23.19
N PRO E 162 22.80 -30.89 21.97
CA PRO E 162 23.78 -30.35 21.04
C PRO E 162 23.45 -28.89 20.70
N PRO E 163 24.43 -28.12 20.26
CA PRO E 163 24.14 -26.75 19.81
C PRO E 163 23.17 -26.76 18.63
N VAL E 164 22.19 -25.87 18.68
CA VAL E 164 21.15 -25.76 17.66
C VAL E 164 21.26 -24.39 17.01
N LEU E 165 21.26 -24.36 15.69
CA LEU E 165 21.35 -23.09 14.98
C LEU E 165 20.05 -22.31 15.13
N ASP E 166 20.17 -21.06 15.57
CA ASP E 166 19.03 -20.18 15.74
C ASP E 166 18.77 -19.41 14.45
N SER E 167 17.65 -18.69 14.43
CA SER E 167 17.23 -17.99 13.22
C SER E 167 18.14 -16.81 12.85
N ASP E 168 18.92 -16.30 13.79
CA ASP E 168 19.78 -15.16 13.53
C ASP E 168 21.24 -15.54 13.28
N GLY E 169 21.52 -16.83 13.13
CA GLY E 169 22.88 -17.30 12.89
C GLY E 169 23.65 -17.69 14.13
N SER E 170 23.14 -17.40 15.32
CA SER E 170 23.80 -17.83 16.55
C SER E 170 23.34 -19.24 16.91
N PHE E 171 23.83 -19.75 18.04
CA PHE E 171 23.48 -21.07 18.51
C PHE E 171 22.84 -21.00 19.88
N PHE E 172 22.05 -22.03 20.21
CA PHE E 172 21.50 -22.16 21.54
C PHE E 172 21.44 -23.64 21.91
N LEU E 173 21.38 -23.89 23.21
CA LEU E 173 21.21 -25.24 23.74
C LEU E 173 20.55 -25.15 25.11
N TYR E 174 20.13 -26.30 25.60
CA TYR E 174 19.56 -26.44 26.94
C TYR E 174 20.33 -27.50 27.71
N SER E 175 20.45 -27.28 29.01
CA SER E 175 21.08 -28.24 29.93
C SER E 175 20.08 -28.59 31.02
N LYS E 176 19.89 -29.89 31.26
CA LYS E 176 18.93 -30.39 32.24
C LYS E 176 19.70 -31.03 33.39
N LEU E 177 19.67 -30.40 34.57
CA LEU E 177 20.24 -30.98 35.78
C LEU E 177 19.12 -31.61 36.59
N THR E 178 19.24 -32.91 36.85
CA THR E 178 18.24 -33.67 37.59
C THR E 178 18.69 -33.80 39.04
N VAL E 179 17.87 -33.30 39.97
CA VAL E 179 18.18 -33.35 41.39
C VAL E 179 16.97 -33.94 42.12
N ASP E 180 17.23 -34.46 43.32
CA ASP E 180 16.17 -34.96 44.17
C ASP E 180 15.24 -33.82 44.59
N LYS E 181 13.94 -34.12 44.65
CA LYS E 181 12.97 -33.09 45.00
C LYS E 181 13.25 -32.52 46.38
N SER E 182 13.70 -33.36 47.32
CA SER E 182 14.00 -32.89 48.67
C SER E 182 15.11 -31.84 48.65
N ARG E 183 16.13 -32.03 47.80
CA ARG E 183 17.24 -31.09 47.74
C ARG E 183 16.78 -29.72 47.28
N TRP E 184 15.89 -29.66 46.29
CA TRP E 184 15.41 -28.39 45.78
C TRP E 184 14.59 -27.64 46.83
N GLN E 185 13.65 -28.33 47.48
CA GLN E 185 12.74 -27.67 48.40
C GLN E 185 13.46 -27.14 49.64
N GLN E 186 14.60 -27.75 50.01
CA GLN E 186 15.33 -27.28 51.18
C GLN E 186 16.11 -26.00 50.93
N GLY E 187 16.14 -25.50 49.69
CA GLY E 187 16.80 -24.24 49.39
C GLY E 187 18.23 -24.35 48.95
N ASN E 188 18.69 -25.53 48.54
CA ASN E 188 20.06 -25.66 48.04
C ASN E 188 20.23 -24.82 46.78
N VAL E 189 21.39 -24.19 46.65
CA VAL E 189 21.69 -23.29 45.53
C VAL E 189 22.50 -24.05 44.48
N PHE E 190 22.00 -24.07 43.26
CA PHE E 190 22.66 -24.70 42.13
C PHE E 190 23.12 -23.65 41.13
N SER E 191 24.23 -23.93 40.47
CA SER E 191 24.86 -22.97 39.56
C SER E 191 25.11 -23.63 38.21
N CYS E 192 24.76 -22.91 37.14
CA CYS E 192 25.03 -23.33 35.78
C CYS E 192 26.29 -22.60 35.31
N SER E 193 27.32 -23.35 34.95
CA SER E 193 28.60 -22.79 34.52
C SER E 193 28.76 -23.03 33.03
N VAL E 194 29.17 -21.98 32.32
CA VAL E 194 29.26 -22.00 30.86
C VAL E 194 30.66 -21.56 30.46
N MET E 195 31.28 -22.34 29.58
CA MET E 195 32.63 -22.06 29.10
C MET E 195 32.59 -21.83 27.59
N HIS E 196 33.00 -20.65 27.15
CA HIS E 196 32.93 -20.28 25.74
C HIS E 196 33.95 -19.19 25.48
N GLU E 197 34.49 -19.18 24.26
CA GLU E 197 35.60 -18.28 23.92
C GLU E 197 35.20 -16.80 23.89
N ALA E 198 33.91 -16.48 23.78
CA ALA E 198 33.47 -15.10 23.72
C ALA E 198 33.18 -14.51 25.10
N LEU E 199 33.32 -15.30 26.16
CA LEU E 199 33.13 -14.81 27.52
C LEU E 199 34.45 -14.29 28.06
N HIS E 200 34.35 -13.38 29.04
CA HIS E 200 35.55 -12.93 29.74
C HIS E 200 36.17 -14.09 30.51
N ASN E 201 37.46 -14.33 30.25
CA ASN E 201 38.19 -15.48 30.78
C ASN E 201 37.55 -16.80 30.38
N HIS E 202 36.73 -16.77 29.33
CA HIS E 202 36.06 -17.95 28.77
C HIS E 202 35.17 -18.66 29.81
N TYR E 203 34.55 -17.91 30.72
CA TYR E 203 33.80 -18.54 31.78
C TYR E 203 32.79 -17.56 32.36
N THR E 204 31.61 -18.08 32.71
CA THR E 204 30.61 -17.31 33.43
C THR E 204 29.69 -18.28 34.17
N GLN E 205 29.00 -17.77 35.18
CA GLN E 205 28.10 -18.56 35.99
C GLN E 205 26.78 -17.82 36.22
N LYS E 206 25.72 -18.61 36.36
CA LYS E 206 24.42 -18.12 36.78
C LYS E 206 23.89 -19.06 37.84
N SER E 207 23.39 -18.51 38.94
CA SER E 207 22.89 -19.31 40.04
C SER E 207 21.39 -19.48 39.94
N LEU E 208 20.89 -20.51 40.62
CA LEU E 208 19.47 -20.86 40.58
C LEU E 208 19.13 -21.53 41.89
N SER E 209 18.21 -20.94 42.64
CA SER E 209 17.82 -21.46 43.95
C SER E 209 16.33 -21.25 44.16
N LEU E 210 15.79 -22.01 45.10
CA LEU E 210 14.37 -21.89 45.41
C LEU E 210 14.10 -20.53 46.03
N SER E 211 13.01 -19.90 45.58
CA SER E 211 12.65 -18.58 46.08
C SER E 211 11.93 -18.68 47.41
N GLN F 1 2.84 -30.06 -9.29
CA GLN F 1 4.06 -30.70 -8.83
C GLN F 1 3.76 -32.04 -8.16
N VAL F 2 4.69 -32.99 -8.31
CA VAL F 2 4.54 -34.33 -7.74
C VAL F 2 5.17 -34.37 -6.36
N GLN F 3 4.48 -35.00 -5.41
CA GLN F 3 4.94 -35.09 -4.03
C GLN F 3 4.89 -36.53 -3.56
N LEU F 4 5.81 -36.88 -2.66
CA LEU F 4 5.91 -38.22 -2.11
C LEU F 4 5.88 -38.10 -0.59
N GLN F 5 4.96 -38.80 0.05
CA GLN F 5 4.93 -38.87 1.50
C GLN F 5 4.84 -40.32 1.92
N GLU F 6 5.44 -40.62 3.07
CA GLU F 6 5.70 -41.98 3.51
C GLU F 6 4.97 -42.26 4.81
N SER F 7 4.58 -43.52 4.99
CA SER F 7 3.78 -43.92 6.13
C SER F 7 4.22 -45.30 6.59
N GLY F 8 3.71 -45.72 7.74
CA GLY F 8 4.10 -46.96 8.35
C GLY F 8 4.58 -46.75 9.77
N PRO F 9 4.69 -47.84 10.52
CA PRO F 9 5.10 -47.70 11.93
C PRO F 9 6.57 -47.37 12.05
N GLY F 10 6.89 -46.53 13.04
CA GLY F 10 8.24 -46.05 13.23
C GLY F 10 8.99 -46.79 14.32
N LEU F 11 8.48 -47.96 14.72
CA LEU F 11 9.16 -48.80 15.69
C LEU F 11 8.80 -50.25 15.41
N VAL F 12 9.78 -51.05 14.99
CA VAL F 12 9.59 -52.48 14.79
C VAL F 12 10.53 -53.22 15.74
N LYS F 13 10.05 -54.33 16.26
CA LYS F 13 10.82 -55.17 17.16
C LYS F 13 11.76 -56.06 16.36
N PRO F 14 12.90 -56.46 16.95
CA PRO F 14 13.89 -57.24 16.21
C PRO F 14 13.33 -58.54 15.65
N SER F 15 13.89 -58.96 14.52
CA SER F 15 13.51 -60.18 13.81
C SER F 15 12.08 -60.15 13.27
N GLU F 16 11.54 -58.96 13.04
CA GLU F 16 10.22 -58.82 12.43
C GLU F 16 10.37 -58.06 11.12
N THR F 17 9.24 -57.87 10.44
CA THR F 17 9.24 -57.24 9.14
C THR F 17 8.99 -55.73 9.26
N LEU F 18 9.63 -54.98 8.37
CA LEU F 18 9.42 -53.55 8.23
C LEU F 18 8.39 -53.30 7.13
N SER F 19 7.36 -52.53 7.47
CA SER F 19 6.34 -52.16 6.49
C SER F 19 6.39 -50.66 6.30
N LEU F 20 6.63 -50.23 5.06
CA LEU F 20 6.62 -48.82 4.70
C LEU F 20 5.94 -48.71 3.34
N THR F 21 5.06 -47.73 3.20
CA THR F 21 4.39 -47.47 1.93
C THR F 21 4.58 -46.00 1.59
N CYS F 22 4.98 -45.74 0.34
CA CYS F 22 5.12 -44.39 -0.18
C CYS F 22 3.92 -44.10 -1.09
N THR F 23 3.17 -43.05 -0.77
CA THR F 23 2.00 -42.69 -1.56
C THR F 23 2.38 -41.55 -2.50
N VAL F 24 2.24 -41.78 -3.80
CA VAL F 24 2.53 -40.77 -4.81
C VAL F 24 1.24 -40.02 -5.11
N SER F 25 1.29 -38.70 -4.98
CA SER F 25 0.18 -37.83 -5.33
C SER F 25 0.66 -36.77 -6.32
N GLY F 26 -0.28 -36.29 -7.14
CA GLY F 26 0.08 -35.36 -8.19
C GLY F 26 0.82 -35.98 -9.34
N GLY F 27 0.84 -37.30 -9.43
CA GLY F 27 1.52 -38.01 -10.49
C GLY F 27 1.20 -39.48 -10.41
N SER F 28 1.56 -40.21 -11.45
CA SER F 28 1.21 -41.62 -11.59
C SER F 28 2.42 -42.50 -11.34
N VAL F 29 2.21 -43.58 -10.57
CA VAL F 29 3.28 -44.53 -10.31
C VAL F 29 3.59 -45.31 -11.57
N SER F 30 2.56 -45.65 -12.34
CA SER F 30 2.73 -46.46 -13.53
C SER F 30 2.64 -45.57 -14.76
N SER F 31 3.57 -44.61 -14.87
CA SER F 31 3.59 -43.66 -15.98
C SER F 31 5.00 -43.50 -16.50
N GLY F 32 5.23 -43.88 -17.76
CA GLY F 32 6.53 -43.60 -18.36
C GLY F 32 7.67 -44.32 -17.67
N SER F 33 8.86 -43.71 -17.79
CA SER F 33 10.10 -44.28 -17.27
C SER F 33 10.52 -43.52 -16.01
N TYR F 34 9.94 -43.92 -14.88
CA TYR F 34 10.37 -43.48 -13.57
C TYR F 34 10.76 -44.70 -12.75
N TYR F 35 11.72 -44.51 -11.85
CA TYR F 35 12.22 -45.58 -11.00
C TYR F 35 11.96 -45.19 -9.55
N TRP F 36 10.92 -45.78 -8.97
CA TRP F 36 10.55 -45.54 -7.57
C TRP F 36 11.46 -46.34 -6.66
N SER F 37 12.18 -45.65 -5.77
CA SER F 37 13.27 -46.26 -5.03
C SER F 37 13.21 -45.86 -3.56
N TRP F 38 14.02 -46.54 -2.75
CA TRP F 38 14.08 -46.36 -1.32
C TRP F 38 15.51 -46.07 -0.90
N ILE F 39 15.68 -45.08 -0.02
CA ILE F 39 16.99 -44.69 0.50
C ILE F 39 16.85 -44.48 1.99
N ARG F 40 17.77 -45.04 2.77
CA ARG F 40 17.75 -44.89 4.22
C ARG F 40 19.01 -44.18 4.69
N GLN F 41 18.89 -43.56 5.87
CA GLN F 41 19.97 -42.79 6.45
C GLN F 41 20.04 -43.01 7.96
N PRO F 42 21.05 -43.71 8.45
CA PRO F 42 21.20 -43.88 9.90
C PRO F 42 21.46 -42.54 10.57
N PRO F 43 21.12 -42.39 11.85
CA PRO F 43 21.35 -41.12 12.53
C PRO F 43 22.82 -40.77 12.54
N GLY F 44 23.14 -39.57 12.06
CA GLY F 44 24.51 -39.08 11.99
C GLY F 44 25.37 -39.72 10.92
N LYS F 45 24.85 -40.68 10.16
CA LYS F 45 25.63 -41.33 9.11
C LYS F 45 25.19 -40.80 7.74
N GLY F 46 25.63 -41.46 6.68
CA GLY F 46 25.34 -41.04 5.33
C GLY F 46 24.15 -41.76 4.73
N LEU F 47 23.99 -41.60 3.42
CA LEU F 47 22.85 -42.13 2.68
C LEU F 47 23.20 -43.46 2.03
N GLU F 48 22.33 -44.45 2.22
CA GLU F 48 22.49 -45.79 1.68
C GLU F 48 21.32 -46.09 0.76
N TRP F 49 21.63 -46.44 -0.49
CA TRP F 49 20.61 -46.79 -1.47
C TRP F 49 20.15 -48.22 -1.25
N ILE F 50 18.84 -48.41 -1.14
CA ILE F 50 18.26 -49.72 -0.85
C ILE F 50 17.93 -50.43 -2.15
N GLY F 51 17.01 -49.87 -2.93
CA GLY F 51 16.70 -50.43 -4.23
C GLY F 51 15.58 -49.65 -4.87
N TYR F 52 15.30 -49.98 -6.13
CA TYR F 52 14.22 -49.35 -6.88
C TYR F 52 13.30 -50.42 -7.44
N ILE F 53 12.12 -49.99 -7.87
CA ILE F 53 11.18 -50.86 -8.55
C ILE F 53 10.58 -50.13 -9.75
N TYR F 54 10.40 -50.87 -10.84
CA TYR F 54 9.69 -50.38 -12.00
C TYR F 54 8.23 -50.77 -11.86
N TYR F 55 7.35 -49.99 -12.48
CA TYR F 55 5.92 -50.22 -12.30
C TYR F 55 5.47 -51.54 -12.91
N SER F 56 6.28 -52.13 -13.81
CA SER F 56 5.98 -53.47 -14.30
C SER F 56 6.15 -54.52 -13.22
N GLY F 57 6.99 -54.23 -12.22
CA GLY F 57 7.30 -55.15 -11.14
C GLY F 57 8.75 -55.50 -11.02
N SER F 58 9.60 -55.10 -11.98
CA SER F 58 11.02 -55.43 -11.94
C SER F 58 11.71 -54.68 -10.81
N THR F 59 12.64 -55.35 -10.14
CA THR F 59 13.30 -54.81 -8.96
C THR F 59 14.80 -54.96 -9.05
N ASN F 60 15.51 -53.92 -8.61
CA ASN F 60 16.96 -53.96 -8.40
C ASN F 60 17.23 -53.65 -6.94
N TYR F 61 17.98 -54.52 -6.28
CA TYR F 61 18.26 -54.38 -4.85
C TYR F 61 19.75 -54.17 -4.62
N ASN F 62 20.04 -53.56 -3.47
CA ASN F 62 21.43 -53.47 -3.02
C ASN F 62 21.89 -54.87 -2.63
N PRO F 63 23.05 -55.33 -3.13
CA PRO F 63 23.48 -56.71 -2.80
C PRO F 63 23.60 -56.98 -1.31
N SER F 64 24.06 -55.99 -0.52
CA SER F 64 24.19 -56.21 0.92
C SER F 64 22.84 -56.42 1.58
N LEU F 65 21.77 -55.86 1.01
CA LEU F 65 20.43 -55.97 1.59
C LEU F 65 19.58 -57.04 0.92
N LYS F 66 20.07 -57.65 -0.16
CA LYS F 66 19.33 -58.68 -0.85
C LYS F 66 19.07 -59.86 0.08
N SER F 67 18.04 -60.63 -0.24
CA SER F 67 17.50 -61.74 0.55
C SER F 67 16.76 -61.26 1.80
N ARG F 68 16.78 -59.96 2.07
CA ARG F 68 16.05 -59.39 3.19
C ARG F 68 15.09 -58.28 2.77
N VAL F 69 15.17 -57.83 1.51
CA VAL F 69 14.44 -56.67 1.01
C VAL F 69 13.37 -57.12 0.03
N THR F 70 12.18 -56.52 0.14
CA THR F 70 11.08 -56.77 -0.79
C THR F 70 10.40 -55.45 -1.11
N ILE F 71 10.50 -55.00 -2.35
CA ILE F 71 9.87 -53.78 -2.83
C ILE F 71 8.76 -54.15 -3.79
N SER F 72 7.58 -53.54 -3.62
CA SER F 72 6.39 -53.87 -4.40
C SER F 72 5.72 -52.59 -4.87
N VAL F 73 4.78 -52.75 -5.81
CA VAL F 73 4.01 -51.65 -6.36
C VAL F 73 2.53 -52.01 -6.30
N ASP F 74 1.69 -51.04 -5.94
CA ASP F 74 0.24 -51.15 -6.03
C ASP F 74 -0.21 -50.05 -6.98
N THR F 75 -0.28 -50.38 -8.27
CA THR F 75 -0.66 -49.38 -9.27
C THR F 75 -2.08 -48.88 -9.07
N SER F 76 -2.94 -49.69 -8.46
CA SER F 76 -4.33 -49.29 -8.24
C SER F 76 -4.50 -48.29 -7.11
N LYS F 77 -3.45 -48.05 -6.33
CA LYS F 77 -3.50 -47.07 -5.24
C LYS F 77 -2.44 -45.99 -5.36
N ASN F 78 -1.67 -45.99 -6.46
CA ASN F 78 -0.56 -45.06 -6.66
C ASN F 78 0.41 -45.11 -5.47
N GLN F 79 0.75 -46.33 -5.08
CA GLN F 79 1.63 -46.58 -3.94
C GLN F 79 2.67 -47.61 -4.33
N PHE F 80 3.85 -47.49 -3.72
CA PHE F 80 4.84 -48.55 -3.76
C PHE F 80 5.42 -48.71 -2.38
N SER F 81 5.46 -49.94 -1.89
CA SER F 81 5.80 -50.24 -0.51
C SER F 81 7.15 -50.92 -0.41
N LEU F 82 7.72 -50.90 0.80
CA LEU F 82 9.00 -51.55 1.08
C LEU F 82 8.82 -52.48 2.27
N LYS F 83 9.36 -53.70 2.14
CA LYS F 83 9.33 -54.69 3.20
C LYS F 83 10.75 -55.10 3.54
N LEU F 84 11.09 -55.08 4.82
CA LEU F 84 12.40 -55.49 5.30
C LEU F 84 12.19 -56.39 6.51
N SER F 85 12.55 -57.66 6.38
CA SER F 85 12.27 -58.69 7.38
C SER F 85 13.50 -58.97 8.24
N SER F 86 13.29 -59.67 9.35
CA SER F 86 14.34 -60.03 10.29
C SER F 86 15.28 -58.84 10.54
N VAL F 87 14.76 -57.82 11.20
CA VAL F 87 15.43 -56.54 11.33
C VAL F 87 16.25 -56.51 12.61
N THR F 88 17.41 -55.87 12.55
CA THR F 88 18.26 -55.66 13.72
C THR F 88 18.38 -54.16 14.00
N ALA F 89 19.07 -53.83 15.10
CA ALA F 89 19.27 -52.43 15.45
C ALA F 89 20.12 -51.69 14.44
N ALA F 90 20.89 -52.40 13.63
CA ALA F 90 21.70 -51.77 12.57
C ALA F 90 20.83 -51.22 11.44
N ASP F 91 19.52 -51.46 11.47
CA ASP F 91 18.60 -50.93 10.49
C ASP F 91 17.84 -49.72 11.00
N THR F 92 18.08 -49.28 12.23
CA THR F 92 17.47 -48.07 12.76
C THR F 92 17.99 -46.86 11.98
N ALA F 93 17.08 -46.17 11.30
CA ALA F 93 17.47 -45.08 10.41
C ALA F 93 16.23 -44.30 9.99
N VAL F 94 16.48 -43.21 9.27
CA VAL F 94 15.43 -42.48 8.57
C VAL F 94 15.32 -43.05 7.17
N TYR F 95 14.13 -43.54 6.83
CA TYR F 95 13.89 -44.13 5.51
C TYR F 95 13.19 -43.12 4.63
N TYR F 96 13.77 -42.86 3.46
CA TYR F 96 13.19 -41.96 2.47
C TYR F 96 12.68 -42.77 1.28
N CYS F 97 11.55 -42.36 0.71
CA CYS F 97 11.17 -42.81 -0.61
C CYS F 97 11.44 -41.69 -1.60
N ALA F 98 12.02 -42.04 -2.73
CA ALA F 98 12.33 -41.08 -3.78
C ALA F 98 12.08 -41.73 -5.13
N ARG F 99 12.02 -40.91 -6.17
CA ARG F 99 11.90 -41.41 -7.53
C ARG F 99 13.16 -41.04 -8.31
N GLU F 100 13.65 -41.98 -9.10
CA GLU F 100 14.83 -41.75 -9.94
C GLU F 100 14.34 -41.11 -11.23
N GLY F 101 14.73 -39.85 -11.44
CA GLY F 101 14.17 -39.07 -12.52
C GLY F 101 14.72 -39.43 -13.88
N LYS F 102 14.08 -38.87 -14.91
CA LYS F 102 14.56 -39.02 -16.28
C LYS F 102 16.03 -38.64 -16.38
N ASN F 103 16.38 -37.44 -15.93
CA ASN F 103 17.75 -36.98 -15.90
C ASN F 103 18.42 -37.47 -14.62
N GLY F 104 19.52 -38.20 -14.75
CA GLY F 104 20.27 -38.62 -13.58
C GLY F 104 19.46 -39.46 -12.62
N ALA F 105 19.20 -38.93 -11.43
CA ALA F 105 18.50 -39.68 -10.40
C ALA F 105 17.96 -38.74 -9.34
N PHE F 106 16.93 -39.21 -8.65
CA PHE F 106 16.43 -38.65 -7.39
C PHE F 106 16.11 -37.15 -7.49
N ASP F 107 15.16 -36.84 -8.37
CA ASP F 107 14.68 -35.47 -8.51
C ASP F 107 13.59 -35.12 -7.50
N ILE F 108 12.96 -36.12 -6.89
CA ILE F 108 11.87 -35.90 -5.94
C ILE F 108 12.05 -36.83 -4.76
N TRP F 109 12.14 -36.25 -3.56
CA TRP F 109 12.34 -37.02 -2.33
C TRP F 109 11.09 -36.95 -1.46
N GLY F 110 10.99 -37.90 -0.54
CA GLY F 110 9.96 -37.87 0.46
C GLY F 110 10.36 -37.04 1.67
N GLN F 111 9.42 -36.87 2.59
CA GLN F 111 9.69 -36.10 3.78
C GLN F 111 10.60 -36.84 4.75
N GLY F 112 10.71 -38.16 4.62
CA GLY F 112 11.49 -38.96 5.55
C GLY F 112 10.66 -39.49 6.70
N THR F 113 10.80 -40.79 6.99
CA THR F 113 10.18 -41.39 8.16
C THR F 113 11.21 -42.25 8.88
N MET F 114 11.37 -42.01 10.18
CA MET F 114 12.33 -42.76 10.97
C MET F 114 11.72 -44.02 11.55
N VAL F 115 12.48 -45.11 11.51
CA VAL F 115 12.10 -46.38 12.10
C VAL F 115 13.17 -46.75 13.13
N THR F 116 12.74 -46.97 14.37
CA THR F 116 13.61 -47.43 15.44
C THR F 116 13.42 -48.93 15.64
N VAL F 117 14.52 -49.66 15.73
CA VAL F 117 14.49 -51.11 15.94
C VAL F 117 14.93 -51.38 17.37
N SER F 118 14.01 -51.87 18.19
CA SER F 118 14.32 -52.07 19.60
C SER F 118 13.30 -52.98 20.24
N SER F 119 13.72 -53.61 21.32
CA SER F 119 12.83 -54.42 22.15
C SER F 119 12.10 -53.59 23.20
N ALA F 120 12.58 -52.39 23.47
CA ALA F 120 11.98 -51.55 24.49
C ALA F 120 10.56 -51.14 24.09
N GLN F 121 9.74 -50.93 25.07
CA GLN F 121 8.34 -50.57 24.94
C GLN F 121 8.19 -49.05 24.85
N PRO F 122 7.20 -48.56 24.11
CA PRO F 122 7.03 -47.11 23.96
C PRO F 122 6.72 -46.43 25.28
N ARG F 123 7.35 -45.28 25.51
CA ARG F 123 7.15 -44.47 26.70
C ARG F 123 6.45 -43.17 26.33
N GLU F 124 5.57 -42.70 27.22
CA GLU F 124 4.79 -41.50 26.97
C GLU F 124 5.59 -40.25 27.33
N PRO F 125 5.62 -39.23 26.48
CA PRO F 125 6.36 -38.01 26.80
C PRO F 125 5.68 -37.18 27.89
N GLN F 126 6.48 -36.65 28.80
CA GLN F 126 6.02 -35.65 29.77
C GLN F 126 6.33 -34.27 29.22
N VAL F 127 5.34 -33.38 29.27
CA VAL F 127 5.46 -32.04 28.70
C VAL F 127 5.36 -31.02 29.83
N TYR F 128 6.33 -30.11 29.89
CA TYR F 128 6.39 -29.08 30.90
C TYR F 128 6.72 -27.76 30.22
N THR F 129 5.95 -26.72 30.53
CA THR F 129 6.17 -25.39 29.97
C THR F 129 6.95 -24.53 30.96
N LEU F 130 7.92 -23.79 30.44
CA LEU F 130 8.79 -22.98 31.29
C LEU F 130 8.75 -21.53 30.84
N PRO F 131 8.39 -20.60 31.71
CA PRO F 131 8.39 -19.18 31.34
C PRO F 131 9.81 -18.65 31.23
N PRO F 132 10.02 -17.48 30.62
CA PRO F 132 11.38 -16.96 30.47
C PRO F 132 12.00 -16.65 31.83
N SER F 133 13.33 -16.74 31.88
CA SER F 133 14.05 -16.33 33.07
C SER F 133 13.86 -14.83 33.31
N ARG F 134 13.83 -14.44 34.59
CA ARG F 134 13.61 -13.03 34.91
C ARG F 134 14.72 -12.16 34.34
N ASP F 135 15.95 -12.69 34.24
CA ASP F 135 17.04 -11.93 33.64
C ASP F 135 16.76 -11.62 32.17
N GLU F 136 15.93 -12.43 31.51
CA GLU F 136 15.63 -12.22 30.10
C GLU F 136 14.62 -11.11 29.88
N LEU F 137 13.88 -10.71 30.92
CA LEU F 137 12.88 -9.67 30.79
C LEU F 137 13.47 -8.28 30.54
N THR F 138 14.79 -8.15 30.55
CA THR F 138 15.43 -6.90 30.16
C THR F 138 15.58 -6.76 28.66
N LYS F 139 15.46 -7.87 27.91
CA LYS F 139 15.65 -7.88 26.48
C LYS F 139 14.36 -7.49 25.76
N ASN F 140 14.51 -7.23 24.45
CA ASN F 140 13.35 -6.90 23.62
C ASN F 140 12.54 -8.12 23.25
N GLN F 141 13.16 -9.31 23.25
CA GLN F 141 12.48 -10.57 22.98
C GLN F 141 12.78 -11.58 24.08
N VAL F 142 11.81 -12.43 24.37
CA VAL F 142 11.96 -13.44 25.42
C VAL F 142 11.81 -14.82 24.79
N SER F 143 12.27 -15.83 25.54
CA SER F 143 12.26 -17.22 25.09
C SER F 143 11.27 -18.01 25.94
N LEU F 144 10.30 -18.64 25.28
CA LEU F 144 9.38 -19.55 25.95
C LEU F 144 9.81 -20.98 25.66
N SER F 145 9.98 -21.77 26.71
CA SER F 145 10.51 -23.11 26.59
C SER F 145 9.43 -24.16 26.84
N CYS F 146 9.43 -25.17 25.99
CA CYS F 146 8.57 -26.34 26.15
C CYS F 146 9.47 -27.56 26.29
N ALA F 147 9.51 -28.13 27.49
CA ALA F 147 10.36 -29.28 27.77
C ALA F 147 9.56 -30.55 27.59
N VAL F 148 10.07 -31.45 26.75
CA VAL F 148 9.48 -32.76 26.52
C VAL F 148 10.52 -33.80 26.87
N LYS F 149 10.24 -34.61 27.89
CA LYS F 149 11.20 -35.59 28.37
C LYS F 149 10.50 -36.91 28.65
N GLY F 150 11.29 -37.97 28.74
CA GLY F 150 10.79 -39.27 29.15
C GLY F 150 10.08 -40.06 28.08
N PHE F 151 10.29 -39.75 26.81
CA PHE F 151 9.60 -40.45 25.74
C PHE F 151 10.54 -41.41 25.02
N TYR F 152 9.95 -42.41 24.39
CA TYR F 152 10.62 -43.43 23.58
C TYR F 152 9.61 -43.97 22.58
N PRO F 153 9.97 -44.12 21.29
CA PRO F 153 11.26 -43.79 20.69
C PRO F 153 11.45 -42.30 20.40
N SER F 154 12.52 -41.95 19.72
CA SER F 154 12.87 -40.56 19.47
C SER F 154 11.97 -39.87 18.44
N ASP F 155 11.11 -40.62 17.75
CA ASP F 155 10.23 -40.04 16.74
C ASP F 155 9.19 -39.16 17.43
N ILE F 156 9.28 -37.84 17.24
CA ILE F 156 8.40 -36.90 17.93
C ILE F 156 8.30 -35.62 17.11
N ALA F 157 7.21 -34.89 17.30
CA ALA F 157 6.97 -33.61 16.64
C ALA F 157 6.46 -32.61 17.68
N VAL F 158 7.01 -31.39 17.63
CA VAL F 158 6.65 -30.34 18.58
C VAL F 158 6.32 -29.07 17.80
N GLU F 159 5.14 -28.52 18.04
CA GLU F 159 4.68 -27.31 17.38
C GLU F 159 4.14 -26.32 18.41
N TRP F 160 4.17 -25.05 18.05
CA TRP F 160 3.65 -23.98 18.88
C TRP F 160 2.40 -23.36 18.27
N GLU F 161 1.49 -22.95 19.15
CA GLU F 161 0.22 -22.37 18.76
C GLU F 161 -0.11 -21.25 19.73
N SER F 162 -0.87 -20.28 19.24
CA SER F 162 -1.36 -19.19 20.10
C SER F 162 -2.70 -18.73 19.56
N ASN F 163 -3.73 -18.80 20.39
CA ASN F 163 -5.07 -18.38 20.02
C ASN F 163 -5.59 -19.17 18.83
N GLY F 164 -5.19 -20.44 18.73
CA GLY F 164 -5.59 -21.30 17.63
C GLY F 164 -4.74 -21.21 16.38
N GLN F 165 -3.80 -20.26 16.30
CA GLN F 165 -2.99 -20.03 15.12
C GLN F 165 -1.54 -20.43 15.36
N PRO F 166 -0.85 -20.97 14.36
CA PRO F 166 0.54 -21.40 14.56
C PRO F 166 1.46 -20.22 14.82
N GLU F 167 2.39 -20.40 15.75
CA GLU F 167 3.49 -19.48 15.96
C GLU F 167 4.74 -20.07 15.32
N ASN F 168 5.40 -19.29 14.46
CA ASN F 168 6.45 -19.83 13.61
C ASN F 168 7.85 -19.71 14.21
N ASN F 169 8.13 -18.61 14.91
CA ASN F 169 9.51 -18.31 15.32
C ASN F 169 9.90 -19.18 16.51
N TYR F 170 10.04 -20.48 16.23
CA TYR F 170 10.51 -21.43 17.23
C TYR F 170 11.51 -22.39 16.61
N LYS F 171 12.39 -22.92 17.46
CA LYS F 171 13.34 -23.96 17.09
C LYS F 171 13.28 -25.06 18.15
N THR F 172 13.54 -26.30 17.73
CA THR F 172 13.53 -27.45 18.63
C THR F 172 14.86 -28.18 18.57
N THR F 173 15.37 -28.57 19.74
CA THR F 173 16.62 -29.31 19.83
C THR F 173 16.41 -30.77 19.39
N PRO F 174 17.46 -31.42 18.91
CA PRO F 174 17.36 -32.84 18.61
C PRO F 174 17.08 -33.63 19.88
N PRO F 175 16.46 -34.80 19.75
CA PRO F 175 16.26 -35.65 20.94
C PRO F 175 17.61 -36.03 21.54
N VAL F 176 17.68 -36.01 22.87
CA VAL F 176 18.89 -36.35 23.60
C VAL F 176 18.61 -37.55 24.48
N LEU F 177 19.50 -38.54 24.42
CA LEU F 177 19.35 -39.74 25.23
C LEU F 177 19.61 -39.44 26.69
N ASP F 178 18.65 -39.75 27.55
CA ASP F 178 18.78 -39.53 28.98
C ASP F 178 19.41 -40.74 29.64
N SER F 179 19.67 -40.62 30.95
CA SER F 179 20.37 -41.67 31.67
C SER F 179 19.56 -42.96 31.81
N ASP F 180 18.23 -42.89 31.64
CA ASP F 180 17.38 -44.06 31.80
C ASP F 180 17.00 -44.70 30.46
N GLY F 181 17.61 -44.27 29.37
CA GLY F 181 17.31 -44.82 28.07
C GLY F 181 16.23 -44.10 27.29
N SER F 182 15.51 -43.18 27.93
CA SER F 182 14.50 -42.39 27.22
C SER F 182 15.14 -41.16 26.58
N PHE F 183 14.32 -40.39 25.88
CA PHE F 183 14.79 -39.21 25.17
C PHE F 183 14.11 -37.96 25.71
N PHE F 184 14.77 -36.82 25.53
CA PHE F 184 14.18 -35.53 25.85
C PHE F 184 14.63 -34.49 24.83
N LEU F 185 13.84 -33.43 24.73
CA LEU F 185 14.18 -32.27 23.92
C LEU F 185 13.41 -31.07 24.46
N VAL F 186 13.79 -29.89 23.99
CA VAL F 186 13.14 -28.65 24.36
C VAL F 186 12.90 -27.82 23.12
N SER F 187 11.73 -27.19 23.02
CA SER F 187 11.39 -26.28 21.94
C SER F 187 11.38 -24.85 22.50
N LYS F 188 12.09 -23.95 21.83
CA LYS F 188 12.24 -22.57 22.27
C LYS F 188 11.49 -21.66 21.31
N LEU F 189 10.41 -21.06 21.79
CA LEU F 189 9.64 -20.08 21.02
C LEU F 189 10.06 -18.67 21.44
N THR F 190 10.50 -17.87 20.48
CA THR F 190 10.92 -16.50 20.73
C THR F 190 9.82 -15.53 20.34
N VAL F 191 9.35 -14.73 21.31
CA VAL F 191 8.30 -13.75 21.10
C VAL F 191 8.76 -12.41 21.63
N ASP F 192 8.10 -11.35 21.17
CA ASP F 192 8.36 -10.02 21.69
C ASP F 192 7.97 -9.93 23.17
N LYS F 193 8.76 -9.16 23.93
CA LYS F 193 8.53 -9.05 25.36
C LYS F 193 7.13 -8.52 25.66
N SER F 194 6.65 -7.57 24.86
CA SER F 194 5.35 -6.95 25.10
C SER F 194 4.23 -7.99 25.08
N ARG F 195 4.34 -8.99 24.21
CA ARG F 195 3.29 -10.01 24.13
C ARG F 195 3.22 -10.84 25.41
N TRP F 196 4.37 -11.17 25.99
CA TRP F 196 4.37 -11.95 27.22
C TRP F 196 3.75 -11.15 28.36
N GLN F 197 4.17 -9.89 28.51
CA GLN F 197 3.71 -9.08 29.64
C GLN F 197 2.22 -8.76 29.55
N GLN F 198 1.65 -8.69 28.36
CA GLN F 198 0.23 -8.41 28.21
C GLN F 198 -0.65 -9.60 28.52
N GLY F 199 -0.07 -10.79 28.70
CA GLY F 199 -0.85 -11.96 29.05
C GLY F 199 -1.30 -12.84 27.90
N ASN F 200 -0.63 -12.78 26.75
CA ASN F 200 -0.97 -13.69 25.66
C ASN F 200 -0.74 -15.12 26.10
N VAL F 201 -1.66 -16.01 25.73
CA VAL F 201 -1.61 -17.41 26.11
C VAL F 201 -1.04 -18.20 24.94
N PHE F 202 0.05 -18.92 25.18
CA PHE F 202 0.69 -19.75 24.18
C PHE F 202 0.51 -21.22 24.54
N SER F 203 0.46 -22.07 23.51
CA SER F 203 0.23 -23.49 23.69
C SER F 203 1.30 -24.28 22.95
N CYS F 204 1.90 -25.25 23.64
CA CYS F 204 2.88 -26.15 23.05
C CYS F 204 2.20 -27.48 22.72
N SER F 205 2.32 -27.89 21.47
CA SER F 205 1.69 -29.12 20.98
C SER F 205 2.74 -30.19 20.74
N VAL F 206 2.49 -31.39 21.24
CA VAL F 206 3.42 -32.51 21.11
C VAL F 206 2.66 -33.70 20.54
N MET F 207 3.21 -34.30 19.49
CA MET F 207 2.60 -35.46 18.83
C MET F 207 3.59 -36.62 18.88
N HIS F 208 3.13 -37.75 19.42
CA HIS F 208 3.96 -38.92 19.63
C HIS F 208 3.07 -40.14 19.69
N GLU F 209 3.62 -41.29 19.27
CA GLU F 209 2.82 -42.51 19.15
C GLU F 209 2.36 -43.07 20.49
N ALA F 210 3.02 -42.69 21.60
CA ALA F 210 2.68 -43.20 22.91
C ALA F 210 1.65 -42.34 23.63
N LEU F 211 1.18 -41.27 23.01
CA LEU F 211 0.19 -40.38 23.61
C LEU F 211 -1.22 -40.85 23.30
N HIS F 212 -2.14 -40.49 24.18
CA HIS F 212 -3.56 -40.74 23.91
C HIS F 212 -3.99 -39.92 22.71
N ASN F 213 -4.52 -40.61 21.69
CA ASN F 213 -4.86 -40.01 20.40
C ASN F 213 -3.65 -39.42 19.70
N HIS F 214 -2.44 -39.83 20.10
CA HIS F 214 -1.19 -39.39 19.49
C HIS F 214 -1.02 -37.87 19.54
N TYR F 215 -1.53 -37.23 20.59
CA TYR F 215 -1.55 -35.77 20.65
C TYR F 215 -1.73 -35.29 22.08
N THR F 216 -1.05 -34.19 22.42
CA THR F 216 -1.24 -33.54 23.71
C THR F 216 -0.84 -32.08 23.60
N GLN F 217 -1.39 -31.27 24.51
CA GLN F 217 -1.12 -29.83 24.57
C GLN F 217 -0.84 -29.40 26.00
N LYS F 218 0.05 -28.44 26.14
CA LYS F 218 0.31 -27.76 27.41
C LYS F 218 0.37 -26.27 27.15
N SER F 219 -0.32 -25.49 27.99
CA SER F 219 -0.39 -24.05 27.83
C SER F 219 0.70 -23.35 28.65
N LEU F 220 0.96 -22.10 28.30
CA LEU F 220 1.97 -21.30 28.98
C LEU F 220 1.56 -19.84 28.88
N SER F 221 1.35 -19.21 30.04
CA SER F 221 0.84 -17.85 30.11
C SER F 221 1.47 -17.16 31.31
N LEU F 222 1.44 -15.82 31.28
CA LEU F 222 1.93 -15.06 32.43
C LEU F 222 0.98 -15.20 33.62
N SER F 223 -0.28 -14.86 33.42
CA SER F 223 -1.30 -14.94 34.48
C SER F 223 -0.87 -14.21 35.75
N ASP G 1 -31.69 35.27 33.70
CA ASP G 1 -32.34 34.50 32.65
C ASP G 1 -32.87 33.17 33.18
N ILE G 2 -34.11 32.85 32.84
CA ILE G 2 -34.76 31.62 33.28
C ILE G 2 -34.59 30.57 32.20
N GLN G 3 -34.08 29.40 32.57
CA GLN G 3 -33.82 28.32 31.62
C GLN G 3 -35.02 27.39 31.55
N MET G 4 -35.38 26.99 30.33
CA MET G 4 -36.51 26.10 30.08
C MET G 4 -36.02 24.79 29.49
N THR G 5 -36.28 23.69 30.18
CA THR G 5 -35.90 22.36 29.73
C THR G 5 -37.13 21.65 29.18
N GLN G 6 -37.01 21.11 27.97
CA GLN G 6 -38.12 20.45 27.30
C GLN G 6 -37.76 19.00 27.00
N SER G 7 -38.72 18.10 27.23
CA SER G 7 -38.52 16.67 27.01
C SER G 7 -39.85 16.01 26.67
N PRO G 8 -39.86 15.01 25.78
CA PRO G 8 -38.70 14.48 25.07
C PRO G 8 -38.32 15.31 23.85
N SER G 9 -37.05 15.26 23.45
CA SER G 9 -36.61 16.07 22.31
C SER G 9 -37.26 15.61 21.01
N SER G 10 -37.56 14.31 20.88
CA SER G 10 -38.20 13.79 19.68
C SER G 10 -39.04 12.59 20.04
N LEU G 11 -40.17 12.43 19.36
CA LEU G 11 -41.03 11.27 19.56
C LEU G 11 -41.87 11.05 18.31
N SER G 12 -42.12 9.78 18.02
CA SER G 12 -43.01 9.39 16.94
C SER G 12 -44.21 8.65 17.53
N ALA G 13 -45.41 9.02 17.07
CA ALA G 13 -46.65 8.44 17.59
C ALA G 13 -47.61 8.20 16.43
N SER G 14 -48.53 7.27 16.65
CA SER G 14 -49.51 6.88 15.65
C SER G 14 -50.74 7.79 15.69
N VAL G 15 -51.58 7.67 14.67
CA VAL G 15 -52.81 8.45 14.61
C VAL G 15 -53.77 7.97 15.68
N GLY G 16 -54.30 8.93 16.46
CA GLY G 16 -55.21 8.64 17.56
C GLY G 16 -54.53 8.46 18.90
N ASP G 17 -53.21 8.39 18.95
CA ASP G 17 -52.49 8.20 20.20
C ASP G 17 -52.57 9.44 21.08
N ARG G 18 -52.31 9.24 22.37
CA ARG G 18 -52.17 10.34 23.31
C ARG G 18 -50.71 10.76 23.36
N VAL G 19 -50.46 12.05 23.19
CA VAL G 19 -49.11 12.60 23.21
C VAL G 19 -48.96 13.47 24.45
N THR G 20 -47.80 13.38 25.10
CA THR G 20 -47.52 14.14 26.31
C THR G 20 -46.10 14.70 26.21
N ILE G 21 -45.98 16.03 26.31
CA ILE G 21 -44.70 16.71 26.28
C ILE G 21 -44.49 17.43 27.61
N THR G 22 -43.27 17.39 28.11
CA THR G 22 -42.91 18.00 29.38
C THR G 22 -42.09 19.26 29.16
N CYS G 23 -42.40 20.30 29.92
CA CYS G 23 -41.65 21.54 29.93
C CYS G 23 -41.30 21.87 31.38
N ARG G 24 -40.01 22.06 31.64
CA ARG G 24 -39.51 22.33 32.99
C ARG G 24 -38.83 23.68 33.04
N ALA G 25 -39.11 24.45 34.09
CA ALA G 25 -38.50 25.75 34.31
C ALA G 25 -37.51 25.68 35.46
N SER G 26 -36.48 26.55 35.38
CA SER G 26 -35.48 26.60 36.43
C SER G 26 -36.01 27.20 37.73
N GLN G 27 -37.10 27.97 37.66
CA GLN G 27 -37.73 28.51 38.87
C GLN G 27 -39.22 28.57 38.65
N SER G 28 -39.95 28.83 39.73
CA SER G 28 -41.41 28.85 39.66
C SER G 28 -41.88 30.03 38.82
N ILE G 29 -42.75 29.76 37.86
CA ILE G 29 -43.32 30.79 36.98
C ILE G 29 -44.85 30.77 37.04
N SER G 30 -45.42 30.13 38.06
CA SER G 30 -46.87 30.10 38.30
C SER G 30 -47.52 29.48 37.07
N SER G 31 -48.43 30.18 36.38
CA SER G 31 -49.13 29.64 35.22
C SER G 31 -48.88 30.47 33.98
N TYR G 32 -47.69 31.08 33.87
CA TYR G 32 -47.35 31.94 32.74
C TYR G 32 -46.37 31.18 31.83
N LEU G 33 -46.92 30.30 30.98
CA LEU G 33 -46.11 29.50 30.07
C LEU G 33 -46.92 29.15 28.84
N ASN G 34 -46.58 29.75 27.71
CA ASN G 34 -47.34 29.56 26.48
C ASN G 34 -46.76 28.41 25.65
N TRP G 35 -47.63 27.82 24.82
CA TRP G 35 -47.26 26.74 23.90
C TRP G 35 -47.44 27.21 22.46
N TYR G 36 -46.48 26.88 21.61
CA TYR G 36 -46.53 27.24 20.20
C TYR G 36 -46.33 26.00 19.34
N GLN G 37 -46.87 26.05 18.12
CA GLN G 37 -46.69 25.00 17.13
C GLN G 37 -46.02 25.61 15.90
N GLN G 38 -44.87 25.05 15.50
CA GLN G 38 -44.14 25.53 14.34
C GLN G 38 -44.01 24.39 13.33
N LYS G 39 -44.68 24.53 12.20
CA LYS G 39 -44.56 23.59 11.11
C LYS G 39 -43.38 23.95 10.24
N PRO G 40 -42.83 22.98 9.48
CA PRO G 40 -41.62 23.24 8.70
C PRO G 40 -41.80 24.40 7.72
N GLY G 41 -40.86 25.34 7.75
CA GLY G 41 -40.88 26.49 6.89
C GLY G 41 -41.91 27.54 7.23
N LYS G 42 -42.64 27.37 8.32
CA LYS G 42 -43.71 28.27 8.72
C LYS G 42 -43.36 28.96 10.04
N ALA G 43 -44.03 30.07 10.29
CA ALA G 43 -43.86 30.76 11.56
C ALA G 43 -44.60 30.01 12.67
N PRO G 44 -44.20 30.21 13.93
CA PRO G 44 -44.90 29.55 15.03
C PRO G 44 -46.35 30.02 15.13
N LYS G 45 -47.18 29.14 15.70
CA LYS G 45 -48.61 29.36 15.87
C LYS G 45 -48.96 29.15 17.33
N LEU G 46 -49.61 30.15 17.94
CA LEU G 46 -49.94 30.05 19.36
C LEU G 46 -51.05 29.03 19.58
N LEU G 47 -50.80 28.08 20.50
CA LEU G 47 -51.77 27.05 20.85
C LEU G 47 -52.40 27.29 22.21
N ILE G 48 -51.58 27.44 23.25
CA ILE G 48 -52.05 27.54 24.62
C ILE G 48 -51.39 28.76 25.27
N TYR G 49 -52.22 29.62 25.86
CA TYR G 49 -51.73 30.69 26.73
C TYR G 49 -52.10 30.38 28.16
N ALA G 50 -51.58 31.20 29.07
CA ALA G 50 -51.56 30.87 30.50
C ALA G 50 -50.83 29.54 30.60
N ALA G 51 -51.42 28.48 31.14
CA ALA G 51 -50.88 27.14 31.01
C ALA G 51 -51.90 26.14 30.50
N SER G 52 -53.18 26.46 30.55
CA SER G 52 -54.26 25.58 30.14
C SER G 52 -55.27 26.29 29.27
N SER G 53 -55.05 27.56 28.95
CA SER G 53 -56.03 28.34 28.22
C SER G 53 -55.79 28.17 26.72
N LEU G 54 -56.84 27.77 26.00
CA LEU G 54 -56.74 27.44 24.60
C LEU G 54 -57.01 28.67 23.73
N GLN G 55 -56.13 28.91 22.77
CA GLN G 55 -56.30 30.04 21.86
C GLN G 55 -57.43 29.76 20.86
N SER G 56 -58.15 30.82 20.51
CA SER G 56 -59.28 30.70 19.60
C SER G 56 -58.84 30.09 18.26
N GLY G 57 -59.64 29.17 17.75
CA GLY G 57 -59.35 28.49 16.50
C GLY G 57 -58.56 27.21 16.63
N VAL G 58 -58.02 26.93 17.80
CA VAL G 58 -57.25 25.70 18.02
C VAL G 58 -58.23 24.55 18.29
N PRO G 59 -58.05 23.39 17.66
CA PRO G 59 -58.95 22.26 17.93
C PRO G 59 -58.91 21.83 19.39
N SER G 60 -59.98 21.14 19.81
CA SER G 60 -60.13 20.76 21.20
C SER G 60 -59.19 19.64 21.63
N ARG G 61 -58.52 18.97 20.70
CA ARG G 61 -57.62 17.89 21.06
C ARG G 61 -56.34 18.37 21.75
N PHE G 62 -56.13 19.69 21.85
CA PHE G 62 -54.99 20.25 22.56
C PHE G 62 -55.38 20.63 23.97
N SER G 63 -54.50 20.34 24.93
CA SER G 63 -54.75 20.64 26.34
C SER G 63 -53.42 20.84 27.04
N GLY G 64 -53.41 21.78 27.98
CA GLY G 64 -52.20 22.07 28.75
C GLY G 64 -52.47 22.01 30.23
N SER G 65 -51.50 21.50 30.98
CA SER G 65 -51.60 21.43 32.43
C SER G 65 -50.26 21.84 33.02
N GLY G 66 -50.27 22.11 34.32
CA GLY G 66 -49.04 22.45 35.01
C GLY G 66 -49.10 23.77 35.76
N SER G 67 -48.19 23.94 36.72
CA SER G 67 -48.10 25.16 37.50
C SER G 67 -46.76 25.17 38.22
N GLY G 68 -46.11 26.33 38.24
CA GLY G 68 -44.86 26.47 38.95
C GLY G 68 -43.64 26.19 38.09
N THR G 69 -43.14 24.95 38.14
CA THR G 69 -41.97 24.55 37.39
C THR G 69 -42.22 23.40 36.42
N ASP G 70 -43.28 22.63 36.60
CA ASP G 70 -43.54 21.44 35.80
C ASP G 70 -44.83 21.65 35.02
N PHE G 71 -44.73 21.54 33.69
CA PHE G 71 -45.85 21.77 32.79
C PHE G 71 -45.96 20.61 31.81
N THR G 72 -47.14 20.48 31.21
CA THR G 72 -47.43 19.35 30.33
C THR G 72 -48.39 19.76 29.22
N LEU G 73 -47.98 19.52 27.97
CA LEU G 73 -48.85 19.67 26.81
C LEU G 73 -49.33 18.30 26.37
N THR G 74 -50.62 18.20 26.03
CA THR G 74 -51.22 16.91 25.75
C THR G 74 -52.13 17.00 24.53
N ILE G 75 -51.89 16.12 23.56
CA ILE G 75 -52.79 15.93 22.43
C ILE G 75 -53.56 14.63 22.65
N SER G 76 -54.89 14.72 22.61
CA SER G 76 -55.72 13.56 22.94
C SER G 76 -55.65 12.50 21.83
N SER G 77 -55.91 12.90 20.59
CA SER G 77 -55.87 12.00 19.44
C SER G 77 -55.07 12.68 18.34
N LEU G 78 -53.86 12.18 18.08
CA LEU G 78 -52.98 12.80 17.11
C LEU G 78 -53.56 12.71 15.71
N GLN G 79 -53.47 13.81 14.98
CA GLN G 79 -53.89 13.90 13.58
C GLN G 79 -52.67 14.06 12.68
N PRO G 80 -52.79 13.70 11.40
CA PRO G 80 -51.63 13.81 10.50
C PRO G 80 -51.11 15.23 10.37
N GLU G 81 -51.99 16.23 10.41
CA GLU G 81 -51.58 17.62 10.28
C GLU G 81 -50.89 18.14 11.54
N ASP G 82 -50.87 17.37 12.63
CA ASP G 82 -50.24 17.81 13.87
C ASP G 82 -48.74 17.60 13.87
N PHE G 83 -48.17 17.18 12.75
CA PHE G 83 -46.73 17.02 12.61
C PHE G 83 -46.08 18.40 12.60
N ALA G 84 -45.30 18.70 13.63
CA ALA G 84 -44.62 19.99 13.75
C ALA G 84 -43.63 19.90 14.90
N THR G 85 -43.00 21.03 15.21
CA THR G 85 -42.13 21.19 16.36
C THR G 85 -42.82 22.10 17.36
N TYR G 86 -42.89 21.66 18.62
CA TYR G 86 -43.65 22.35 19.65
C TYR G 86 -42.70 22.98 20.65
N TYR G 87 -42.97 24.25 20.99
CA TYR G 87 -42.13 25.02 21.89
C TYR G 87 -42.96 25.54 23.06
N CYS G 88 -42.38 25.53 24.25
CA CYS G 88 -42.92 26.23 25.40
C CYS G 88 -42.11 27.50 25.67
N GLN G 89 -42.78 28.51 26.21
CA GLN G 89 -42.17 29.81 26.44
C GLN G 89 -42.67 30.35 27.78
N GLN G 90 -41.74 30.72 28.66
CA GLN G 90 -42.10 31.33 29.92
C GLN G 90 -42.47 32.80 29.70
N SER G 91 -43.46 33.27 30.46
CA SER G 91 -44.03 34.59 30.26
C SER G 91 -44.12 35.37 31.56
N TYR G 92 -43.18 35.16 32.49
CA TYR G 92 -43.21 35.85 33.77
C TYR G 92 -42.23 37.01 33.83
N SER G 93 -40.95 36.76 33.61
CA SER G 93 -39.93 37.80 33.75
C SER G 93 -38.99 37.78 32.56
N THR G 94 -38.47 38.97 32.23
CA THR G 94 -37.51 39.16 31.16
C THR G 94 -36.12 38.69 31.60
N PRO G 95 -35.31 38.13 30.67
CA PRO G 95 -35.64 37.95 29.25
C PRO G 95 -36.55 36.75 29.00
N LEU G 96 -37.47 36.91 28.06
CA LEU G 96 -38.36 35.81 27.69
C LEU G 96 -37.55 34.69 27.06
N THR G 97 -37.81 33.46 27.49
CA THR G 97 -37.02 32.31 27.03
C THR G 97 -37.96 31.21 26.56
N PHE G 98 -37.51 30.49 25.53
CA PHE G 98 -38.26 29.37 24.95
C PHE G 98 -37.64 28.04 25.35
N GLY G 99 -38.44 26.99 25.25
CA GLY G 99 -37.93 25.64 25.43
C GLY G 99 -37.10 25.20 24.24
N GLY G 100 -36.46 24.05 24.41
CA GLY G 100 -35.61 23.51 23.35
C GLY G 100 -36.38 22.99 22.15
N GLY G 101 -37.67 22.73 22.30
CA GLY G 101 -38.47 22.23 21.20
C GLY G 101 -38.65 20.72 21.23
N THR G 102 -39.84 20.26 20.82
CA THR G 102 -40.16 18.84 20.76
C THR G 102 -40.79 18.55 19.40
N LYS G 103 -40.06 17.83 18.55
CA LYS G 103 -40.56 17.48 17.22
C LYS G 103 -41.46 16.25 17.32
N VAL G 104 -42.70 16.38 16.86
CA VAL G 104 -43.66 15.28 16.86
C VAL G 104 -43.79 14.78 15.44
N GLU G 105 -43.15 13.64 15.17
CA GLU G 105 -43.25 12.93 13.90
C GLU G 105 -44.32 11.86 14.00
N ILE G 106 -44.87 11.47 12.84
CA ILE G 106 -45.98 10.53 12.79
C ILE G 106 -45.46 9.13 12.49
N LYS G 107 -45.86 8.16 13.31
CA LYS G 107 -45.51 6.76 13.05
C LYS G 107 -46.39 6.18 11.95
N ARG G 108 -45.78 5.41 11.07
CA ARG G 108 -46.41 4.92 9.85
C ARG G 108 -45.76 3.61 9.46
N GLN G 109 -46.32 2.92 8.44
CA GLN G 109 -45.78 1.65 7.98
C GLN G 109 -44.72 1.88 6.91
N PRO G 110 -43.71 1.01 6.84
CA PRO G 110 -42.59 1.24 5.93
C PRO G 110 -43.05 1.20 4.48
N ARG G 111 -42.33 1.96 3.64
CA ARG G 111 -42.63 2.04 2.22
C ARG G 111 -41.36 1.90 1.41
N GLU G 112 -41.44 1.15 0.32
CA GLU G 112 -40.26 0.90 -0.49
C GLU G 112 -39.87 2.14 -1.27
N PRO G 113 -38.60 2.56 -1.23
CA PRO G 113 -38.18 3.72 -2.02
C PRO G 113 -38.18 3.40 -3.51
N GLN G 114 -38.67 4.34 -4.30
CA GLN G 114 -38.53 4.33 -5.74
C GLN G 114 -37.31 5.17 -6.12
N VAL G 115 -36.44 4.62 -6.95
CA VAL G 115 -35.20 5.28 -7.33
C VAL G 115 -35.22 5.58 -8.82
N TYR G 116 -34.92 6.82 -9.18
CA TYR G 116 -34.95 7.28 -10.56
C TYR G 116 -33.70 8.10 -10.85
N THR G 117 -33.01 7.74 -11.93
CA THR G 117 -31.80 8.46 -12.33
C THR G 117 -32.15 9.47 -13.41
N LEU G 118 -31.54 10.65 -13.31
CA LEU G 118 -31.82 11.73 -14.25
C LEU G 118 -30.52 12.15 -14.93
N PRO G 119 -30.44 12.11 -16.25
CA PRO G 119 -29.25 12.59 -16.95
C PRO G 119 -29.15 14.11 -16.86
N PRO G 120 -28.00 14.69 -17.21
CA PRO G 120 -27.87 16.15 -17.11
C PRO G 120 -28.84 16.85 -18.06
N SER G 121 -29.29 18.03 -17.63
CA SER G 121 -30.07 18.87 -18.52
C SER G 121 -29.19 19.30 -19.69
N ARG G 122 -29.80 19.46 -20.87
CA ARG G 122 -29.02 19.86 -22.04
C ARG G 122 -28.31 21.18 -21.81
N ASP G 123 -28.93 22.07 -21.03
CA ASP G 123 -28.34 23.38 -20.76
C ASP G 123 -27.02 23.26 -20.02
N GLU G 124 -26.82 22.18 -19.27
CA GLU G 124 -25.64 22.03 -18.44
C GLU G 124 -24.40 21.60 -19.23
N LEU G 125 -24.58 21.11 -20.46
CA LEU G 125 -23.46 20.63 -21.27
C LEU G 125 -22.53 21.74 -21.74
N THR G 126 -22.81 23.00 -21.40
CA THR G 126 -21.87 24.09 -21.70
C THR G 126 -20.74 24.16 -20.68
N LYS G 127 -20.93 23.60 -19.50
CA LYS G 127 -19.94 23.68 -18.44
C LYS G 127 -18.88 22.58 -18.61
N ASN G 128 -17.79 22.72 -17.85
CA ASN G 128 -16.74 21.71 -17.81
C ASN G 128 -17.15 20.52 -16.95
N GLN G 129 -18.09 20.71 -16.03
CA GLN G 129 -18.60 19.66 -15.16
C GLN G 129 -20.10 19.56 -15.35
N VAL G 130 -20.63 18.34 -15.24
CA VAL G 130 -22.06 18.09 -15.36
C VAL G 130 -22.55 17.44 -14.07
N SER G 131 -23.86 17.51 -13.87
CA SER G 131 -24.50 16.98 -12.67
C SER G 131 -25.35 15.78 -13.05
N LEU G 132 -25.10 14.66 -12.38
CA LEU G 132 -25.92 13.47 -12.51
C LEU G 132 -26.86 13.41 -11.32
N TRP G 133 -28.14 13.16 -11.58
CA TRP G 133 -29.19 13.30 -10.59
C TRP G 133 -29.82 11.94 -10.29
N CYS G 134 -30.18 11.74 -9.02
CA CYS G 134 -30.83 10.53 -8.55
C CYS G 134 -31.98 10.93 -7.64
N LEU G 135 -33.21 10.67 -8.08
CA LEU G 135 -34.41 10.97 -7.31
C LEU G 135 -34.85 9.71 -6.57
N VAL G 136 -34.97 9.81 -5.25
CA VAL G 136 -35.44 8.72 -4.40
C VAL G 136 -36.70 9.23 -3.70
N LYS G 137 -37.85 8.63 -4.03
CA LYS G 137 -39.12 9.13 -3.51
C LYS G 137 -39.99 8.00 -3.00
N GLY G 138 -40.99 8.37 -2.21
CA GLY G 138 -42.00 7.43 -1.75
C GLY G 138 -41.59 6.52 -0.62
N PHE G 139 -40.52 6.84 0.11
CA PHE G 139 -40.02 5.95 1.14
C PHE G 139 -40.40 6.40 2.54
N TYR G 140 -40.47 5.43 3.44
CA TYR G 140 -40.76 5.58 4.85
C TYR G 140 -40.12 4.40 5.57
N PRO G 141 -39.44 4.62 6.71
CA PRO G 141 -39.22 5.94 7.33
C PRO G 141 -38.11 6.73 6.65
N SER G 142 -37.76 7.89 7.22
CA SER G 142 -36.82 8.80 6.59
C SER G 142 -35.37 8.35 6.69
N ASP G 143 -35.05 7.38 7.53
CA ASP G 143 -33.66 6.92 7.68
C ASP G 143 -33.22 6.24 6.39
N ILE G 144 -32.28 6.86 5.67
CA ILE G 144 -31.86 6.39 4.36
C ILE G 144 -30.44 6.87 4.10
N ALA G 145 -29.73 6.15 3.22
CA ALA G 145 -28.38 6.50 2.80
C ALA G 145 -28.28 6.36 1.29
N VAL G 146 -27.60 7.31 0.67
CA VAL G 146 -27.45 7.36 -0.79
C VAL G 146 -25.97 7.52 -1.11
N GLU G 147 -25.46 6.64 -1.98
CA GLU G 147 -24.07 6.67 -2.40
C GLU G 147 -23.99 6.60 -3.92
N TRP G 148 -22.87 7.07 -4.46
CA TRP G 148 -22.59 6.99 -5.88
C TRP G 148 -21.36 6.13 -6.12
N GLU G 149 -21.38 5.37 -7.22
CA GLU G 149 -20.23 4.56 -7.61
C GLU G 149 -20.18 4.50 -9.13
N SER G 150 -18.99 4.29 -9.67
CA SER G 150 -18.80 4.18 -11.10
C SER G 150 -17.61 3.26 -11.37
N ASN G 151 -17.85 2.22 -12.17
CA ASN G 151 -16.80 1.25 -12.52
C ASN G 151 -16.23 0.57 -11.28
N GLY G 152 -17.11 0.31 -10.30
CA GLY G 152 -16.71 -0.37 -9.09
C GLY G 152 -16.07 0.51 -8.04
N GLN G 153 -15.74 1.77 -8.36
CA GLN G 153 -15.08 2.68 -7.44
C GLN G 153 -16.06 3.74 -6.96
N PRO G 154 -16.02 4.09 -5.67
CA PRO G 154 -16.93 5.12 -5.15
C PRO G 154 -16.68 6.48 -5.78
N GLU G 155 -17.77 7.19 -6.06
CA GLU G 155 -17.71 8.58 -6.51
C GLU G 155 -17.89 9.49 -5.31
N ASN G 156 -17.00 10.48 -5.17
CA ASN G 156 -16.92 11.31 -3.98
C ASN G 156 -17.66 12.63 -4.11
N ASN G 157 -17.61 13.26 -5.28
CA ASN G 157 -18.11 14.62 -5.48
C ASN G 157 -19.63 14.57 -5.67
N TYR G 158 -20.33 14.23 -4.59
CA TYR G 158 -21.78 14.24 -4.60
C TYR G 158 -22.33 14.85 -3.31
N LYS G 159 -23.51 15.44 -3.42
CA LYS G 159 -24.24 16.01 -2.29
C LYS G 159 -25.67 15.49 -2.32
N THR G 160 -26.24 15.30 -1.14
CA THR G 160 -27.60 14.77 -1.01
C THR G 160 -28.43 15.70 -0.13
N THR G 161 -29.63 16.03 -0.60
CA THR G 161 -30.53 16.86 0.18
C THR G 161 -31.14 16.05 1.33
N PRO G 162 -31.54 16.70 2.41
CA PRO G 162 -32.23 15.99 3.49
C PRO G 162 -33.54 15.39 3.01
N PRO G 163 -34.05 14.37 3.71
CA PRO G 163 -35.39 13.87 3.38
C PRO G 163 -36.44 14.95 3.57
N VAL G 164 -37.37 15.03 2.64
CA VAL G 164 -38.43 16.03 2.65
C VAL G 164 -39.76 15.31 2.74
N LEU G 165 -40.64 15.76 3.62
CA LEU G 165 -41.94 15.14 3.77
C LEU G 165 -42.80 15.43 2.54
N ASP G 166 -43.33 14.38 1.92
CA ASP G 166 -44.18 14.55 0.77
C ASP G 166 -45.64 14.66 1.20
N SER G 167 -46.51 14.97 0.24
CA SER G 167 -47.91 15.21 0.56
C SER G 167 -48.66 13.93 0.95
N ASP G 168 -48.12 12.76 0.62
CA ASP G 168 -48.78 11.49 0.92
C ASP G 168 -48.24 10.82 2.17
N GLY G 169 -47.40 11.50 2.95
CA GLY G 169 -46.83 10.95 4.15
C GLY G 169 -45.48 10.28 3.97
N SER G 170 -45.04 10.05 2.74
CA SER G 170 -43.74 9.48 2.47
C SER G 170 -42.68 10.58 2.43
N PHE G 171 -41.44 10.19 2.15
CA PHE G 171 -40.33 11.12 2.04
C PHE G 171 -39.68 11.01 0.67
N PHE G 172 -38.99 12.08 0.27
CA PHE G 172 -38.19 12.07 -0.95
C PHE G 172 -36.95 12.92 -0.75
N LEU G 173 -35.96 12.68 -1.61
CA LEU G 173 -34.74 13.49 -1.61
C LEU G 173 -34.10 13.42 -3.00
N TYR G 174 -33.10 14.28 -3.20
CA TYR G 174 -32.30 14.30 -4.42
C TYR G 174 -30.83 14.15 -4.07
N SER G 175 -30.09 13.47 -4.95
CA SER G 175 -28.64 13.34 -4.83
C SER G 175 -28.00 13.86 -6.11
N LYS G 176 -27.03 14.75 -5.97
CA LYS G 176 -26.37 15.39 -7.09
C LYS G 176 -24.92 14.92 -7.17
N LEU G 177 -24.60 14.12 -8.19
CA LEU G 177 -23.24 13.69 -8.46
C LEU G 177 -22.64 14.58 -9.54
N THR G 178 -21.55 15.27 -9.22
CA THR G 178 -20.89 16.16 -10.16
C THR G 178 -19.66 15.45 -10.73
N VAL G 179 -19.64 15.28 -12.05
CA VAL G 179 -18.52 14.64 -12.73
C VAL G 179 -18.08 15.56 -13.86
N ASP G 180 -16.84 15.38 -14.28
CA ASP G 180 -16.33 16.13 -15.43
C ASP G 180 -17.11 15.75 -16.68
N LYS G 181 -17.37 16.75 -17.53
CA LYS G 181 -18.19 16.52 -18.72
C LYS G 181 -17.57 15.45 -19.62
N SER G 182 -16.24 15.40 -19.69
CA SER G 182 -15.57 14.42 -20.55
C SER G 182 -15.92 13.00 -20.12
N ARG G 183 -16.01 12.74 -18.82
CA ARG G 183 -16.30 11.40 -18.34
C ARG G 183 -17.68 10.92 -18.79
N TRP G 184 -18.67 11.82 -18.75
CA TRP G 184 -20.03 11.47 -19.15
C TRP G 184 -20.09 11.17 -20.65
N GLN G 185 -19.50 12.05 -21.47
CA GLN G 185 -19.64 11.93 -22.91
C GLN G 185 -18.97 10.68 -23.47
N GLN G 186 -17.95 10.15 -22.77
CA GLN G 186 -17.27 8.94 -23.24
C GLN G 186 -18.09 7.67 -23.00
N GLY G 187 -19.24 7.77 -22.33
CA GLY G 187 -20.11 6.63 -22.15
C GLY G 187 -19.89 5.86 -20.87
N ASN G 188 -19.22 6.45 -19.87
CA ASN G 188 -19.03 5.79 -18.59
C ASN G 188 -20.37 5.58 -17.91
N VAL G 189 -20.52 4.44 -17.24
CA VAL G 189 -21.76 4.07 -16.56
C VAL G 189 -21.63 4.40 -15.09
N PHE G 190 -22.58 5.19 -14.58
CA PHE G 190 -22.62 5.60 -13.18
C PHE G 190 -23.83 4.95 -12.50
N SER G 191 -23.68 4.65 -11.21
CA SER G 191 -24.70 3.94 -10.46
C SER G 191 -25.04 4.69 -9.18
N CYS G 192 -26.34 4.84 -8.93
CA CYS G 192 -26.86 5.40 -7.70
C CYS G 192 -27.31 4.25 -6.80
N SER G 193 -26.72 4.15 -5.61
CA SER G 193 -27.02 3.08 -4.68
C SER G 193 -27.78 3.65 -3.49
N VAL G 194 -28.86 2.99 -3.09
CA VAL G 194 -29.76 3.46 -2.05
C VAL G 194 -29.91 2.38 -1.00
N MET G 195 -29.76 2.76 0.27
CA MET G 195 -29.85 1.84 1.39
C MET G 195 -31.01 2.26 2.29
N HIS G 196 -31.98 1.37 2.46
CA HIS G 196 -33.19 1.67 3.21
C HIS G 196 -33.82 0.36 3.68
N GLU G 197 -34.46 0.40 4.85
CA GLU G 197 -34.96 -0.82 5.47
C GLU G 197 -36.10 -1.48 4.70
N ALA G 198 -36.79 -0.74 3.82
CA ALA G 198 -37.90 -1.31 3.07
C ALA G 198 -37.49 -1.94 1.75
N LEU G 199 -36.20 -1.91 1.42
CA LEU G 199 -35.68 -2.52 0.21
C LEU G 199 -35.30 -3.96 0.47
N HIS G 200 -35.26 -4.75 -0.60
CA HIS G 200 -34.76 -6.12 -0.50
C HIS G 200 -33.29 -6.09 -0.12
N ASN G 201 -32.95 -6.78 0.98
CA ASN G 201 -31.62 -6.75 1.57
C ASN G 201 -31.19 -5.33 1.93
N HIS G 202 -32.15 -4.42 2.09
CA HIS G 202 -31.90 -3.03 2.45
C HIS G 202 -30.99 -2.33 1.45
N TYR G 203 -31.08 -2.69 0.17
CA TYR G 203 -30.16 -2.16 -0.81
C TYR G 203 -30.76 -2.27 -2.20
N THR G 204 -30.49 -1.26 -3.03
CA THR G 204 -30.86 -1.30 -4.44
C THR G 204 -29.95 -0.34 -5.19
N GLN G 205 -29.87 -0.54 -6.51
CA GLN G 205 -29.05 0.28 -7.39
C GLN G 205 -29.85 0.62 -8.64
N LYS G 206 -29.54 1.79 -9.20
CA LYS G 206 -30.04 2.19 -10.51
C LYS G 206 -28.87 2.74 -11.31
N SER G 207 -28.74 2.31 -12.56
CA SER G 207 -27.64 2.72 -13.40
C SER G 207 -28.02 3.91 -14.29
N LEU G 208 -27.00 4.60 -14.77
CA LEU G 208 -27.19 5.81 -15.58
C LEU G 208 -26.00 5.98 -16.51
N SER G 209 -26.25 5.98 -17.81
CA SER G 209 -25.19 6.13 -18.81
C SER G 209 -25.71 6.99 -19.95
N LEU G 210 -24.79 7.55 -20.72
CA LEU G 210 -25.18 8.41 -21.83
C LEU G 210 -25.87 7.61 -22.91
N SER G 211 -27.00 8.14 -23.41
CA SER G 211 -27.76 7.49 -24.47
C SER G 211 -27.22 7.87 -25.84
N GLN H 1 -58.83 40.46 10.27
CA GLN H 1 -57.68 39.90 10.98
C GLN H 1 -56.44 40.79 10.83
N VAL H 2 -55.61 40.82 11.88
CA VAL H 2 -54.40 41.62 11.90
C VAL H 2 -53.24 40.77 11.41
N GLN H 3 -52.40 41.36 10.55
CA GLN H 3 -51.27 40.66 9.97
C GLN H 3 -50.00 41.48 10.11
N LEU H 4 -48.86 40.78 10.23
CA LEU H 4 -47.56 41.40 10.38
C LEU H 4 -46.63 40.84 9.31
N GLN H 5 -46.02 41.71 8.52
CA GLN H 5 -45.00 41.29 7.57
C GLN H 5 -43.76 42.16 7.72
N GLU H 6 -42.62 41.55 7.44
CA GLU H 6 -41.31 42.10 7.74
C GLU H 6 -40.54 42.34 6.46
N SER H 7 -39.67 43.35 6.48
CA SER H 7 -38.95 43.77 5.29
C SER H 7 -37.54 44.20 5.68
N GLY H 8 -36.71 44.42 4.68
CA GLY H 8 -35.31 44.73 4.88
C GLY H 8 -34.40 43.79 4.12
N PRO H 9 -33.12 44.15 4.00
CA PRO H 9 -32.20 43.34 3.21
C PRO H 9 -31.83 42.05 3.93
N GLY H 10 -31.67 40.99 3.15
CA GLY H 10 -31.38 39.67 3.71
C GLY H 10 -29.91 39.29 3.64
N LEU H 11 -29.04 40.27 3.42
CA LEU H 11 -27.60 40.03 3.42
C LEU H 11 -26.92 41.31 3.87
N VAL H 12 -26.29 41.27 5.05
CA VAL H 12 -25.51 42.38 5.58
C VAL H 12 -24.07 41.92 5.75
N LYS H 13 -23.13 42.83 5.51
CA LYS H 13 -21.73 42.49 5.68
C LYS H 13 -21.36 42.57 7.16
N PRO H 14 -20.37 41.80 7.60
CA PRO H 14 -20.03 41.78 9.03
C PRO H 14 -19.62 43.16 9.53
N SER H 15 -19.90 43.40 10.82
CA SER H 15 -19.60 44.65 11.51
C SER H 15 -20.37 45.84 10.92
N GLU H 16 -21.52 45.57 10.31
CA GLU H 16 -22.41 46.60 9.80
C GLU H 16 -23.75 46.49 10.52
N THR H 17 -24.67 47.39 10.18
CA THR H 17 -25.96 47.45 10.86
C THR H 17 -27.02 46.63 10.12
N LEU H 18 -27.90 46.01 10.91
CA LEU H 18 -29.07 45.30 10.40
C LEU H 18 -30.29 46.21 10.48
N SER H 19 -31.00 46.34 9.36
CA SER H 19 -32.22 47.13 9.30
C SER H 19 -33.39 46.21 8.98
N LEU H 20 -34.39 46.21 9.85
CA LEU H 20 -35.62 45.47 9.65
C LEU H 20 -36.79 46.32 10.12
N THR H 21 -37.87 46.32 9.36
CA THR H 21 -39.09 47.03 9.74
C THR H 21 -40.26 46.06 9.65
N CYS H 22 -41.09 46.04 10.68
CA CYS H 22 -42.31 45.24 10.71
C CYS H 22 -43.49 46.17 10.47
N THR H 23 -44.26 45.91 9.42
CA THR H 23 -45.42 46.73 9.08
C THR H 23 -46.68 46.05 9.58
N VAL H 24 -47.40 46.74 10.45
CA VAL H 24 -48.66 46.22 10.98
C VAL H 24 -49.77 46.71 10.07
N SER H 25 -50.56 45.79 9.55
CA SER H 25 -51.72 46.10 8.72
C SER H 25 -52.95 45.40 9.29
N GLY H 26 -54.12 45.98 9.03
CA GLY H 26 -55.35 45.47 9.58
C GLY H 26 -55.55 45.70 11.06
N GLY H 27 -54.75 46.58 11.66
CA GLY H 27 -54.85 46.88 13.08
C GLY H 27 -53.93 48.03 13.42
N SER H 28 -54.07 48.52 14.64
CA SER H 28 -53.35 49.71 15.09
C SER H 28 -52.19 49.33 15.99
N VAL H 29 -51.03 49.96 15.74
CA VAL H 29 -49.85 49.71 16.54
C VAL H 29 -50.00 50.32 17.93
N SER H 30 -50.70 51.44 18.04
CA SER H 30 -50.85 52.18 19.29
C SER H 30 -52.23 51.91 19.88
N SER H 31 -52.43 50.67 20.31
CA SER H 31 -53.72 50.23 20.83
C SER H 31 -53.48 49.64 22.22
N GLY H 32 -53.90 50.38 23.24
CA GLY H 32 -53.76 49.98 24.62
C GLY H 32 -52.41 49.38 24.93
N SER H 33 -52.40 48.13 25.38
CA SER H 33 -51.18 47.46 25.79
C SER H 33 -50.92 46.22 24.91
N TYR H 34 -50.15 46.45 23.85
CA TYR H 34 -49.55 45.41 23.03
C TYR H 34 -48.05 45.63 23.07
N TYR H 35 -47.28 44.56 22.98
CA TYR H 35 -45.83 44.67 23.03
C TYR H 35 -45.29 44.13 21.71
N TRP H 36 -44.93 45.05 20.81
CA TRP H 36 -44.38 44.68 19.51
C TRP H 36 -42.92 44.31 19.65
N SER H 37 -42.58 43.09 19.28
CA SER H 37 -41.29 42.50 19.63
C SER H 37 -40.67 41.80 18.43
N TRP H 38 -39.41 41.42 18.58
CA TRP H 38 -38.64 40.76 17.54
C TRP H 38 -38.10 39.45 18.10
N ILE H 39 -38.22 38.38 17.32
CA ILE H 39 -37.76 37.05 17.70
C ILE H 39 -37.01 36.45 16.51
N ARG H 40 -35.85 35.89 16.77
CA ARG H 40 -35.03 35.28 15.74
C ARG H 40 -34.83 33.80 16.03
N GLN H 41 -34.59 33.04 14.97
CA GLN H 41 -34.38 31.60 15.06
C GLN H 41 -33.28 31.20 14.08
N PRO H 42 -32.10 30.85 14.58
CA PRO H 42 -31.06 30.36 13.68
C PRO H 42 -31.50 29.05 13.04
N PRO H 43 -30.98 28.72 11.86
CA PRO H 43 -31.40 27.49 11.18
C PRO H 43 -31.10 26.25 12.02
N GLY H 44 -32.12 25.43 12.23
CA GLY H 44 -32.01 24.22 13.02
C GLY H 44 -31.91 24.43 14.52
N LYS H 45 -31.89 25.68 14.98
CA LYS H 45 -31.78 25.99 16.40
C LYS H 45 -33.16 26.37 16.95
N GLY H 46 -33.17 26.93 18.17
CA GLY H 46 -34.40 27.32 18.81
C GLY H 46 -34.73 28.80 18.62
N LEU H 47 -35.72 29.25 19.38
CA LEU H 47 -36.22 30.63 19.28
C LEU H 47 -35.56 31.48 20.36
N GLU H 48 -35.07 32.65 19.95
CA GLU H 48 -34.42 33.59 20.85
C GLU H 48 -35.18 34.90 20.82
N TRP H 49 -35.64 35.35 22.00
CA TRP H 49 -36.34 36.61 22.11
C TRP H 49 -35.34 37.76 22.14
N ILE H 50 -35.56 38.75 21.28
CA ILE H 50 -34.64 39.87 21.14
C ILE H 50 -35.07 41.00 22.07
N GLY H 51 -36.24 41.57 21.82
CA GLY H 51 -36.77 42.61 22.68
C GLY H 51 -38.10 43.10 22.16
N TYR H 52 -38.74 43.96 22.95
CA TYR H 52 -40.01 44.58 22.55
C TYR H 52 -39.93 46.08 22.72
N ILE H 53 -40.92 46.76 22.15
CA ILE H 53 -41.10 48.19 22.32
C ILE H 53 -42.57 48.49 22.57
N TYR H 54 -42.83 49.43 23.46
CA TYR H 54 -44.16 49.95 23.73
C TYR H 54 -44.43 51.13 22.82
N TYR H 55 -45.72 51.40 22.54
CA TYR H 55 -46.04 52.43 21.57
C TYR H 55 -45.62 53.82 22.04
N SER H 56 -45.41 54.01 23.34
CA SER H 56 -44.85 55.26 23.85
C SER H 56 -43.38 55.42 23.49
N GLY H 57 -42.67 54.33 23.26
CA GLY H 57 -41.24 54.35 22.97
C GLY H 57 -40.38 53.57 23.94
N SER H 58 -40.93 53.06 25.04
CA SER H 58 -40.14 52.30 26.00
C SER H 58 -39.72 50.95 25.41
N THR H 59 -38.51 50.52 25.75
CA THR H 59 -37.92 49.33 25.16
C THR H 59 -37.37 48.42 26.24
N ASN H 60 -37.56 47.12 26.05
CA ASN H 60 -36.94 46.08 26.86
C ASN H 60 -36.12 45.19 25.94
N TYR H 61 -34.84 44.99 26.28
CA TYR H 61 -33.93 44.23 25.43
C TYR H 61 -33.47 42.96 26.16
N ASN H 62 -33.07 41.98 25.37
CA ASN H 62 -32.38 40.82 25.94
C ASN H 62 -31.00 41.26 26.36
N PRO H 63 -30.56 40.94 27.58
CA PRO H 63 -29.24 41.43 28.04
C PRO H 63 -28.08 41.04 27.14
N SER H 64 -28.10 39.83 26.57
CA SER H 64 -27.00 39.39 25.71
C SER H 64 -26.88 40.26 24.46
N LEU H 65 -27.99 40.85 24.00
CA LEU H 65 -28.00 41.63 22.79
C LEU H 65 -27.92 43.14 23.04
N LYS H 66 -27.95 43.58 24.29
CA LYS H 66 -27.88 45.00 24.59
C LYS H 66 -26.57 45.60 24.08
N SER H 67 -26.60 46.92 23.85
CA SER H 67 -25.53 47.71 23.24
C SER H 67 -25.41 47.43 21.74
N ARG H 68 -26.16 46.47 21.22
CA ARG H 68 -26.20 46.20 19.80
C ARG H 68 -27.60 46.27 19.20
N VAL H 69 -28.64 46.34 20.03
CA VAL H 69 -30.02 46.26 19.59
C VAL H 69 -30.69 47.62 19.75
N THR H 70 -31.44 48.03 18.74
CA THR H 70 -32.23 49.26 18.79
C THR H 70 -33.54 48.99 18.09
N ILE H 71 -34.63 49.00 18.86
CA ILE H 71 -35.98 48.84 18.32
C ILE H 71 -36.73 50.15 18.50
N SER H 72 -37.44 50.57 17.44
CA SER H 72 -38.13 51.85 17.42
C SER H 72 -39.54 51.68 16.87
N VAL H 73 -40.35 52.73 17.01
CA VAL H 73 -41.72 52.75 16.51
C VAL H 73 -41.95 54.03 15.72
N ASP H 74 -42.65 53.92 14.60
CA ASP H 74 -43.14 55.06 13.84
C ASP H 74 -44.65 54.94 13.77
N THR H 75 -45.34 55.56 14.74
CA THR H 75 -46.80 55.49 14.79
C THR H 75 -47.44 56.14 13.56
N SER H 76 -46.76 57.08 12.92
CA SER H 76 -47.29 57.72 11.72
C SER H 76 -47.22 56.81 10.50
N LYS H 77 -46.54 55.67 10.61
CA LYS H 77 -46.44 54.70 9.53
C LYS H 77 -46.96 53.32 9.92
N ASN H 78 -47.49 53.15 11.13
CA ASN H 78 -47.93 51.85 11.65
C ASN H 78 -46.82 50.80 11.51
N GLN H 79 -45.61 51.20 11.87
CA GLN H 79 -44.43 50.35 11.72
C GLN H 79 -43.60 50.38 12.99
N PHE H 80 -42.91 49.27 13.25
CA PHE H 80 -41.86 49.27 14.27
C PHE H 80 -40.68 48.51 13.72
N SER H 81 -39.50 49.11 13.80
CA SER H 81 -38.31 48.60 13.15
C SER H 81 -37.31 48.10 14.17
N LEU H 82 -36.36 47.29 13.69
CA LEU H 82 -35.28 46.75 14.51
C LEU H 82 -33.94 47.09 13.87
N LYS H 83 -33.00 47.53 14.70
CA LYS H 83 -31.65 47.84 14.25
C LYS H 83 -30.69 46.97 15.05
N LEU H 84 -29.76 46.31 14.35
CA LEU H 84 -28.75 45.49 15.00
C LEU H 84 -27.40 45.82 14.36
N SER H 85 -26.51 46.41 15.15
CA SER H 85 -25.24 46.93 14.66
C SER H 85 -24.09 45.99 15.03
N SER H 86 -22.95 46.20 14.36
CA SER H 86 -21.75 45.39 14.54
C SER H 86 -22.10 43.91 14.57
N VAL H 87 -22.54 43.38 13.44
CA VAL H 87 -23.12 42.05 13.33
C VAL H 87 -22.04 41.07 12.91
N THR H 88 -22.10 39.85 13.43
CA THR H 88 -21.22 38.76 13.02
C THR H 88 -22.07 37.63 12.43
N ALA H 89 -21.39 36.59 11.96
CA ALA H 89 -22.08 35.44 11.39
C ALA H 89 -22.93 34.70 12.41
N ALA H 90 -22.66 34.88 13.70
CA ALA H 90 -23.47 34.26 14.74
C ALA H 90 -24.87 34.85 14.81
N ASP H 91 -25.15 35.91 14.06
CA ASP H 91 -26.47 36.52 14.01
C ASP H 91 -27.27 36.11 12.78
N THR H 92 -26.72 35.27 11.89
CA THR H 92 -27.45 34.77 10.74
C THR H 92 -28.57 33.86 11.20
N ALA H 93 -29.82 34.25 10.90
CA ALA H 93 -30.99 33.55 11.41
C ALA H 93 -32.22 34.04 10.66
N VAL H 94 -33.35 33.42 10.95
CA VAL H 94 -34.66 33.91 10.52
C VAL H 94 -35.21 34.81 11.62
N TYR H 95 -35.48 36.07 11.28
CA TYR H 95 -36.00 37.05 12.23
C TYR H 95 -37.50 37.18 12.06
N TYR H 96 -38.24 37.01 13.15
CA TYR H 96 -39.69 37.18 13.19
C TYR H 96 -40.05 38.44 13.95
N CYS H 97 -41.09 39.14 13.50
CA CYS H 97 -41.74 40.14 14.33
C CYS H 97 -43.07 39.58 14.80
N ALA H 98 -43.36 39.77 16.09
CA ALA H 98 -44.60 39.32 16.68
C ALA H 98 -45.07 40.36 17.68
N ARG H 99 -46.33 40.24 18.09
CA ARG H 99 -46.88 41.10 19.12
C ARG H 99 -47.21 40.26 20.35
N GLU H 100 -46.94 40.81 21.52
CA GLU H 100 -47.28 40.15 22.77
C GLU H 100 -48.73 40.48 23.10
N GLY H 101 -49.58 39.46 23.09
CA GLY H 101 -51.00 39.67 23.20
C GLY H 101 -51.44 40.03 24.61
N LYS H 102 -52.70 40.44 24.71
CA LYS H 102 -53.31 40.72 26.01
C LYS H 102 -53.13 39.53 26.94
N ASN H 103 -53.53 38.34 26.49
CA ASN H 103 -53.33 37.12 27.25
C ASN H 103 -51.95 36.57 26.94
N GLY H 104 -51.14 36.38 27.98
CA GLY H 104 -49.84 35.76 27.79
C GLY H 104 -48.95 36.51 26.83
N ALA H 105 -48.65 35.91 25.68
CA ALA H 105 -47.72 36.51 24.74
C ALA H 105 -47.89 35.89 23.36
N PHE H 106 -47.48 36.64 22.35
CA PHE H 106 -47.22 36.18 20.98
C PHE H 106 -48.42 35.44 20.37
N ASP H 107 -49.53 36.17 20.23
CA ASP H 107 -50.70 35.63 19.55
C ASP H 107 -50.65 35.82 18.04
N ILE H 108 -49.80 36.71 17.54
CA ILE H 108 -49.72 37.00 16.11
C ILE H 108 -48.24 37.12 15.73
N TRP H 109 -47.82 36.31 14.77
CA TRP H 109 -46.44 36.30 14.29
C TRP H 109 -46.36 36.83 12.87
N GLY H 110 -45.15 37.23 12.47
CA GLY H 110 -44.87 37.57 11.10
C GLY H 110 -44.48 36.34 10.31
N GLN H 111 -44.29 36.54 9.00
CA GLN H 111 -43.92 35.41 8.16
C GLN H 111 -42.50 34.96 8.38
N GLY H 112 -41.64 35.83 8.90
CA GLY H 112 -40.24 35.53 9.03
C GLY H 112 -39.45 35.96 7.81
N THR H 113 -38.33 36.63 8.01
CA THR H 113 -37.42 36.97 6.92
C THR H 113 -36.02 36.59 7.35
N MET H 114 -35.33 35.83 6.50
CA MET H 114 -33.99 35.37 6.84
C MET H 114 -32.96 36.40 6.42
N VAL H 115 -32.00 36.64 7.31
CA VAL H 115 -30.87 37.52 7.06
C VAL H 115 -29.61 36.71 7.22
N THR H 116 -28.79 36.68 6.18
CA THR H 116 -27.49 36.03 6.24
C THR H 116 -26.41 37.08 6.45
N VAL H 117 -25.52 36.81 7.39
CA VAL H 117 -24.40 37.71 7.70
C VAL H 117 -23.14 37.03 7.22
N SER H 118 -22.50 37.62 6.21
CA SER H 118 -21.32 37.01 5.62
C SER H 118 -20.58 38.04 4.80
N SER H 119 -19.29 37.78 4.61
CA SER H 119 -18.44 38.61 3.77
C SER H 119 -18.52 38.22 2.31
N ALA H 120 -19.07 37.03 2.03
CA ALA H 120 -19.16 36.53 0.66
C ALA H 120 -20.08 37.39 -0.20
N GLN H 121 -19.83 37.36 -1.50
CA GLN H 121 -20.49 38.07 -2.59
C GLN H 121 -21.68 37.27 -3.09
N PRO H 122 -22.79 37.93 -3.46
CA PRO H 122 -23.97 37.21 -3.93
C PRO H 122 -23.71 36.52 -5.27
N ARG H 123 -24.17 35.27 -5.38
CA ARG H 123 -24.05 34.50 -6.61
C ARG H 123 -25.42 34.26 -7.21
N GLU H 124 -25.48 34.27 -8.53
CA GLU H 124 -26.72 34.12 -9.28
C GLU H 124 -27.07 32.64 -9.44
N PRO H 125 -28.32 32.24 -9.18
CA PRO H 125 -28.68 30.82 -9.30
C PRO H 125 -28.76 30.36 -10.74
N GLN H 126 -28.27 29.14 -10.99
CA GLN H 126 -28.46 28.45 -12.26
C GLN H 126 -29.67 27.54 -12.14
N VAL H 127 -30.58 27.60 -13.12
CA VAL H 127 -31.82 26.84 -13.08
C VAL H 127 -31.82 25.84 -14.22
N TYR H 128 -32.11 24.58 -13.90
CA TYR H 128 -32.15 23.50 -14.87
C TYR H 128 -33.41 22.66 -14.64
N THR H 129 -34.17 22.40 -15.70
CA THR H 129 -35.36 21.57 -15.62
C THR H 129 -35.04 20.16 -16.10
N LEU H 130 -35.56 19.17 -15.38
CA LEU H 130 -35.30 17.77 -15.67
C LEU H 130 -36.61 17.02 -15.87
N PRO H 131 -36.80 16.35 -17.00
CA PRO H 131 -38.03 15.56 -17.20
C PRO H 131 -38.02 14.31 -16.34
N PRO H 132 -39.17 13.66 -16.18
CA PRO H 132 -39.22 12.45 -15.36
C PRO H 132 -38.39 11.31 -15.96
N SER H 133 -37.92 10.43 -15.07
CA SER H 133 -37.21 9.23 -15.53
C SER H 133 -38.16 8.35 -16.35
N ARG H 134 -37.58 7.67 -17.35
CA ARG H 134 -38.41 6.81 -18.20
C ARG H 134 -39.06 5.70 -17.38
N ASP H 135 -38.38 5.23 -16.32
CA ASP H 135 -38.95 4.21 -15.46
C ASP H 135 -40.21 4.68 -14.75
N GLU H 136 -40.36 5.99 -14.56
CA GLU H 136 -41.50 6.54 -13.84
C GLU H 136 -42.77 6.59 -14.68
N LEU H 137 -42.66 6.50 -16.01
CA LEU H 137 -43.85 6.56 -16.85
C LEU H 137 -44.77 5.36 -16.70
N THR H 138 -44.40 4.37 -15.88
CA THR H 138 -45.33 3.29 -15.58
C THR H 138 -46.30 3.65 -14.46
N LYS H 139 -46.01 4.70 -13.70
CA LYS H 139 -46.84 5.11 -12.59
C LYS H 139 -47.99 5.99 -13.07
N ASN H 140 -48.96 6.20 -12.18
CA ASN H 140 -50.09 7.06 -12.47
C ASN H 140 -49.73 8.54 -12.38
N GLN H 141 -48.70 8.89 -11.61
CA GLN H 141 -48.22 10.26 -11.48
C GLN H 141 -46.72 10.29 -11.73
N VAL H 142 -46.24 11.37 -12.34
CA VAL H 142 -44.83 11.53 -12.66
C VAL H 142 -44.28 12.75 -11.93
N SER H 143 -42.96 12.79 -11.82
CA SER H 143 -42.26 13.86 -11.10
C SER H 143 -41.44 14.70 -12.06
N LEU H 144 -41.70 16.01 -12.06
CA LEU H 144 -40.90 16.98 -12.82
C LEU H 144 -39.97 17.68 -11.85
N SER H 145 -38.68 17.74 -12.19
CA SER H 145 -37.67 18.28 -11.30
C SER H 145 -37.15 19.61 -11.83
N CYS H 146 -37.00 20.58 -10.93
CA CYS H 146 -36.39 21.88 -11.22
C CYS H 146 -35.17 22.03 -10.33
N ALA H 147 -33.99 22.00 -10.93
CA ALA H 147 -32.74 22.10 -10.20
C ALA H 147 -32.27 23.55 -10.17
N VAL H 148 -31.99 24.05 -8.97
CA VAL H 148 -31.43 25.38 -8.77
C VAL H 148 -30.13 25.22 -8.01
N LYS H 149 -29.01 25.61 -8.64
CA LYS H 149 -27.71 25.42 -8.03
C LYS H 149 -26.86 26.66 -8.20
N GLY H 150 -25.81 26.75 -7.39
CA GLY H 150 -24.83 27.80 -7.54
C GLY H 150 -25.22 29.15 -7.00
N PHE H 151 -26.21 29.23 -6.11
CA PHE H 151 -26.68 30.50 -5.60
C PHE H 151 -26.19 30.74 -4.17
N TYR H 152 -26.11 32.02 -3.83
CA TYR H 152 -25.73 32.51 -2.51
C TYR H 152 -26.34 33.90 -2.37
N PRO H 153 -26.96 34.22 -1.22
CA PRO H 153 -27.16 33.37 -0.04
C PRO H 153 -28.31 32.38 -0.20
N SER H 154 -28.66 31.68 0.88
CA SER H 154 -29.65 30.61 0.81
C SER H 154 -31.08 31.12 0.66
N ASP H 155 -31.32 32.41 0.78
CA ASP H 155 -32.67 32.97 0.66
C ASP H 155 -33.14 32.84 -0.78
N ILE H 156 -34.13 31.98 -1.03
CA ILE H 156 -34.60 31.71 -2.39
C ILE H 156 -36.03 31.23 -2.33
N ALA H 157 -36.76 31.44 -3.43
CA ALA H 157 -38.14 31.00 -3.58
C ALA H 157 -38.32 30.33 -4.94
N VAL H 158 -39.03 29.19 -4.95
CA VAL H 158 -39.26 28.42 -6.17
C VAL H 158 -40.74 28.10 -6.28
N GLU H 159 -41.34 28.47 -7.41
CA GLU H 159 -42.75 28.22 -7.66
C GLU H 159 -42.92 27.57 -9.02
N TRP H 160 -44.01 26.82 -9.17
CA TRP H 160 -44.36 26.18 -10.42
C TRP H 160 -45.59 26.84 -11.02
N GLU H 161 -45.60 26.90 -12.33
CA GLU H 161 -46.66 27.54 -13.08
C GLU H 161 -46.90 26.75 -14.35
N SER H 162 -48.13 26.79 -14.84
CA SER H 162 -48.46 26.15 -16.10
C SER H 162 -49.55 26.95 -16.76
N ASN H 163 -49.27 27.43 -17.97
CA ASN H 163 -50.23 28.21 -18.74
C ASN H 163 -50.63 29.48 -18.00
N GLY H 164 -49.71 30.07 -17.25
CA GLY H 164 -49.98 31.26 -16.48
C GLY H 164 -50.61 31.04 -15.12
N GLN H 165 -51.00 29.81 -14.81
CA GLN H 165 -51.71 29.53 -13.57
C GLN H 165 -50.84 28.72 -12.62
N PRO H 166 -50.92 28.97 -11.31
CA PRO H 166 -50.07 28.23 -10.38
C PRO H 166 -50.41 26.75 -10.33
N GLU H 167 -49.37 25.92 -10.27
CA GLU H 167 -49.48 24.51 -9.95
C GLU H 167 -49.08 24.31 -8.50
N ASN H 168 -49.94 23.67 -7.71
CA ASN H 168 -49.73 23.64 -6.26
C ASN H 168 -48.98 22.40 -5.80
N ASN H 169 -49.20 21.24 -6.43
CA ASN H 169 -48.71 19.97 -5.89
C ASN H 169 -47.21 19.83 -6.16
N TYR H 170 -46.44 20.67 -5.46
CA TYR H 170 -44.99 20.60 -5.53
C TYR H 170 -44.40 20.78 -4.14
N LYS H 171 -43.22 20.20 -3.95
CA LYS H 171 -42.42 20.35 -2.73
C LYS H 171 -41.00 20.71 -3.14
N THR H 172 -40.33 21.47 -2.27
CA THR H 172 -38.95 21.90 -2.53
C THR H 172 -38.07 21.48 -1.36
N THR H 173 -36.89 20.96 -1.68
CA THR H 173 -35.92 20.57 -0.66
C THR H 173 -35.27 21.79 -0.04
N PRO H 174 -34.82 21.69 1.21
CA PRO H 174 -34.08 22.80 1.82
C PRO H 174 -32.81 23.08 1.07
N PRO H 175 -32.29 24.30 1.14
CA PRO H 175 -30.99 24.59 0.51
C PRO H 175 -29.90 23.73 1.12
N VAL H 176 -29.02 23.22 0.27
CA VAL H 176 -27.92 22.37 0.70
C VAL H 176 -26.61 23.04 0.33
N LEU H 177 -25.69 23.12 1.29
CA LEU H 177 -24.39 23.74 1.06
C LEU H 177 -23.56 22.86 0.16
N ASP H 178 -23.10 23.42 -0.95
CA ASP H 178 -22.27 22.67 -1.90
C ASP H 178 -20.80 22.79 -1.50
N SER H 179 -19.95 22.04 -2.22
CA SER H 179 -18.55 21.98 -1.87
C SER H 179 -17.81 23.30 -2.11
N ASP H 180 -18.36 24.19 -2.94
CA ASP H 180 -17.70 25.46 -3.24
C ASP H 180 -18.26 26.62 -2.41
N GLY H 181 -19.11 26.34 -1.43
CA GLY H 181 -19.69 27.38 -0.60
C GLY H 181 -21.03 27.91 -1.05
N SER H 182 -21.48 27.58 -2.26
CA SER H 182 -22.79 27.99 -2.72
C SER H 182 -23.85 26.97 -2.29
N PHE H 183 -25.11 27.25 -2.62
CA PHE H 183 -26.22 26.41 -2.24
C PHE H 183 -26.93 25.86 -3.48
N PHE H 184 -27.62 24.74 -3.29
CA PHE H 184 -28.49 24.19 -4.32
C PHE H 184 -29.72 23.59 -3.66
N LEU H 185 -30.78 23.47 -4.45
CA LEU H 185 -31.99 22.77 -4.03
C LEU H 185 -32.72 22.31 -5.29
N VAL H 186 -33.71 21.44 -5.08
CA VAL H 186 -34.50 20.89 -6.17
C VAL H 186 -35.97 20.96 -5.78
N SER H 187 -36.82 21.35 -6.74
CA SER H 187 -38.26 21.36 -6.55
C SER H 187 -38.89 20.26 -7.39
N LYS H 188 -39.75 19.45 -6.75
CA LYS H 188 -40.38 18.30 -7.38
C LYS H 188 -41.88 18.58 -7.53
N LEU H 189 -42.33 18.74 -8.76
CA LEU H 189 -43.74 18.91 -9.07
C LEU H 189 -44.32 17.57 -9.54
N THR H 190 -45.37 17.11 -8.87
CA THR H 190 -46.02 15.85 -9.20
C THR H 190 -47.31 16.13 -9.97
N VAL H 191 -47.38 15.59 -11.19
CA VAL H 191 -48.53 15.76 -12.06
C VAL H 191 -48.98 14.40 -12.58
N ASP H 192 -50.24 14.36 -13.04
CA ASP H 192 -50.76 13.14 -13.65
C ASP H 192 -49.99 12.80 -14.92
N LYS H 193 -49.81 11.50 -15.17
CA LYS H 193 -49.02 11.06 -16.31
C LYS H 193 -49.60 11.56 -17.63
N SER H 194 -50.93 11.58 -17.76
CA SER H 194 -51.54 11.98 -19.02
C SER H 194 -51.16 13.39 -19.41
N ARG H 195 -51.05 14.29 -18.43
CA ARG H 195 -50.69 15.67 -18.72
C ARG H 195 -49.28 15.79 -19.27
N TRP H 196 -48.34 15.01 -18.74
CA TRP H 196 -46.99 15.04 -19.28
C TRP H 196 -46.95 14.50 -20.70
N GLN H 197 -47.60 13.34 -20.92
CA GLN H 197 -47.52 12.70 -22.24
C GLN H 197 -48.23 13.51 -23.31
N GLN H 198 -49.25 14.29 -22.96
CA GLN H 198 -49.92 15.10 -23.96
C GLN H 198 -49.13 16.34 -24.36
N GLY H 199 -48.03 16.63 -23.67
CA GLY H 199 -47.21 17.77 -24.04
C GLY H 199 -47.54 19.05 -23.32
N ASN H 200 -48.16 18.98 -22.15
CA ASN H 200 -48.40 20.18 -21.37
C ASN H 200 -47.07 20.84 -21.02
N VAL H 201 -47.02 22.16 -21.12
CA VAL H 201 -45.80 22.92 -20.87
C VAL H 201 -45.84 23.47 -19.46
N PHE H 202 -44.83 23.13 -18.67
CA PHE H 202 -44.70 23.62 -17.30
C PHE H 202 -43.52 24.57 -17.20
N SER H 203 -43.63 25.54 -16.29
CA SER H 203 -42.62 26.56 -16.09
C SER H 203 -42.22 26.61 -14.62
N CYS H 204 -40.92 26.60 -14.36
CA CYS H 204 -40.37 26.72 -13.01
C CYS H 204 -39.90 28.16 -12.81
N SER H 205 -40.41 28.81 -11.75
CA SER H 205 -40.07 30.19 -11.43
C SER H 205 -39.18 30.22 -10.20
N VAL H 206 -38.09 30.99 -10.29
CA VAL H 206 -37.12 31.12 -9.20
C VAL H 206 -36.90 32.59 -8.93
N MET H 207 -37.00 32.97 -7.65
CA MET H 207 -36.82 34.35 -7.22
C MET H 207 -35.68 34.43 -6.22
N HIS H 208 -34.71 35.30 -6.51
CA HIS H 208 -33.50 35.43 -5.71
C HIS H 208 -32.95 36.84 -5.93
N GLU H 209 -32.29 37.38 -4.90
CA GLU H 209 -31.82 38.76 -4.96
C GLU H 209 -30.69 38.97 -5.97
N ALA H 210 -29.99 37.92 -6.37
CA ALA H 210 -28.87 38.04 -7.29
C ALA H 210 -29.27 37.90 -8.75
N LEU H 211 -30.55 37.70 -9.03
CA LEU H 211 -31.03 37.59 -10.39
C LEU H 211 -31.41 38.96 -10.95
N HIS H 212 -31.32 39.08 -12.27
CA HIS H 212 -31.81 40.28 -12.94
C HIS H 212 -33.31 40.40 -12.74
N ASN H 213 -33.75 41.54 -12.19
CA ASN H 213 -35.14 41.80 -11.81
C ASN H 213 -35.63 40.81 -10.75
N HIS H 214 -34.70 40.15 -10.05
CA HIS H 214 -35.02 39.22 -8.97
C HIS H 214 -35.93 38.09 -9.42
N TYR H 215 -35.81 37.66 -10.68
CA TYR H 215 -36.77 36.70 -11.22
C TYR H 215 -36.20 36.00 -12.44
N THR H 216 -36.53 34.71 -12.57
CA THR H 216 -36.17 33.94 -13.76
C THR H 216 -37.15 32.78 -13.92
N GLN H 217 -37.26 32.30 -15.16
CA GLN H 217 -38.15 31.18 -15.49
C GLN H 217 -37.41 30.18 -16.39
N LYS H 218 -37.71 28.91 -16.21
CA LYS H 218 -37.25 27.85 -17.09
C LYS H 218 -38.43 26.93 -17.39
N SER H 219 -38.58 26.57 -18.66
CA SER H 219 -39.69 25.72 -19.07
C SER H 219 -39.27 24.25 -19.08
N LEU H 220 -40.27 23.38 -19.06
CA LEU H 220 -40.06 21.94 -19.08
C LEU H 220 -41.27 21.32 -19.76
N SER H 221 -41.06 20.69 -20.91
CA SER H 221 -42.15 20.14 -21.69
C SER H 221 -41.66 18.86 -22.37
N LEU H 222 -42.62 18.03 -22.76
CA LEU H 222 -42.30 16.82 -23.51
C LEU H 222 -41.87 17.15 -24.92
N SER H 223 -42.74 17.80 -25.69
CA SER H 223 -42.48 18.17 -27.09
C SER H 223 -42.15 16.96 -27.96
#